data_5XN8
#
_entry.id   5XN8
#
_cell.length_a   178.550
_cell.length_b   178.550
_cell.length_c   80.090
_cell.angle_alpha   90.00
_cell.angle_beta   90.00
_cell.angle_gamma   90.00
#
_symmetry.space_group_name_H-M   'P 4'
#
loop_
_entity.id
_entity.type
_entity.pdbx_description
1 polymer 'Glycerol Dehydrogenase'
2 non-polymer 'ZINC ION'
3 non-polymer GLYCEROL
4 water water
#
_entity_poly.entity_id   1
_entity_poly.type   'polypeptide(L)'
_entity_poly.pdbx_seq_one_letter_code
;MLKVIQSPGKYLQGPDASTLFGAYAKNLAESFFVIADDFVMKLAGDKVLNGLHSHDISLHAERFNGECSHVEIRRLIAIL
KQHGCRGVVGVGGGKTLDTAKAIGYYQKLPVVVIPTIASTDAPTSALSVIYTEAGEFEEYLIYPKNPDMVVMDTAIIAKA
PVRLLVSGMGDALSTWFEAKACYDARATSMAGGQSTEAALSLARLCYDTLLAEGEKARLAAQAGVVTDALERIIEANTYL
SGIGFESSGLAAAHAIHNGFTILEECHHLYHGEKVAFGTLAQLVLQNSPMEEIETVLGFCEKVGLPVTLAQMGVKEGIDD
KIAAVAKATCAEGETIHNMPFAVTPEQVHAAILTADLLGQQWLAR
;
_entity_poly.pdbx_strand_id   A,B,C,D
#
# COMPACT_ATOMS: atom_id res chain seq x y z
N MET A 1 -43.03 4.31 17.47
CA MET A 1 -41.63 3.98 17.08
C MET A 1 -41.57 3.39 15.65
N LEU A 2 -40.42 3.53 15.00
CA LEU A 2 -40.18 2.96 13.68
C LEU A 2 -39.78 1.50 13.80
N LYS A 3 -40.21 0.69 12.84
CA LYS A 3 -39.68 -0.67 12.67
C LYS A 3 -38.52 -0.57 11.68
N VAL A 4 -37.41 -1.23 11.99
CA VAL A 4 -36.22 -1.18 11.14
C VAL A 4 -35.66 -2.58 10.94
N ILE A 5 -35.22 -2.84 9.71
CA ILE A 5 -34.46 -4.04 9.37
C ILE A 5 -33.30 -3.61 8.50
N GLN A 6 -32.10 -4.17 8.75
CA GLN A 6 -30.95 -3.94 7.88
C GLN A 6 -30.37 -5.26 7.40
N SER A 7 -29.61 -5.18 6.32
CA SER A 7 -29.08 -6.35 5.64
C SER A 7 -27.82 -6.02 4.88
N PRO A 8 -26.92 -7.01 4.69
CA PRO A 8 -25.88 -6.82 3.68
C PRO A 8 -26.50 -6.76 2.29
N GLY A 9 -25.94 -5.94 1.41
CA GLY A 9 -26.44 -5.77 0.03
C GLY A 9 -26.69 -7.07 -0.70
N LYS A 10 -25.72 -8.00 -0.65
CA LYS A 10 -25.84 -9.31 -1.31
C LYS A 10 -25.21 -10.40 -0.44
N TYR A 11 -25.86 -11.57 -0.41
CA TYR A 11 -25.36 -12.73 0.30
C TYR A 11 -25.30 -13.90 -0.69
N LEU A 12 -24.10 -14.44 -0.91
CA LEU A 12 -23.88 -15.52 -1.88
C LEU A 12 -23.50 -16.79 -1.14
N GLN A 13 -23.97 -17.92 -1.64
CA GLN A 13 -23.69 -19.21 -1.00
C GLN A 13 -23.78 -20.40 -1.95
N GLY A 14 -22.75 -21.24 -1.95
CA GLY A 14 -22.74 -22.47 -2.73
C GLY A 14 -21.34 -23.02 -2.92
N PRO A 15 -21.23 -24.16 -3.63
CA PRO A 15 -19.90 -24.68 -4.01
C PRO A 15 -19.13 -23.67 -4.86
N ASP A 16 -17.85 -23.49 -4.54
CA ASP A 16 -16.93 -22.62 -5.33
C ASP A 16 -17.35 -21.14 -5.36
N ALA A 17 -18.07 -20.67 -4.35
CA ALA A 17 -18.51 -19.27 -4.30
C ALA A 17 -17.35 -18.28 -4.19
N SER A 18 -16.22 -18.70 -3.63
CA SER A 18 -15.05 -17.83 -3.49
C SER A 18 -14.33 -17.55 -4.83
N THR A 19 -14.59 -18.39 -5.83
CA THR A 19 -14.09 -18.21 -7.20
C THR A 19 -15.17 -17.73 -8.20
N LEU A 20 -16.42 -17.61 -7.76
CA LEU A 20 -17.55 -17.18 -8.60
C LEU A 20 -18.12 -15.80 -8.27
N PHE A 21 -17.66 -15.19 -7.19
CA PHE A 21 -18.24 -13.91 -6.70
C PHE A 21 -17.71 -12.68 -7.44
N GLY A 22 -16.72 -12.86 -8.31
CA GLY A 22 -16.11 -11.76 -9.05
C GLY A 22 -17.06 -10.98 -9.93
N ALA A 23 -18.04 -11.67 -10.50
CA ALA A 23 -19.06 -11.04 -11.36
C ALA A 23 -19.77 -9.90 -10.62
N TYR A 24 -20.17 -10.16 -9.39
CA TYR A 24 -20.88 -9.17 -8.57
C TYR A 24 -19.92 -8.15 -7.96
N ALA A 25 -18.72 -8.59 -7.60
CA ALA A 25 -17.70 -7.72 -7.01
C ALA A 25 -17.21 -6.65 -7.98
N LYS A 26 -17.04 -7.03 -9.24
CA LYS A 26 -16.68 -6.10 -10.33
C LYS A 26 -17.50 -4.79 -10.34
N ASN A 27 -18.79 -4.89 -10.05
CA ASN A 27 -19.68 -3.71 -9.99
C ASN A 27 -19.51 -2.86 -8.73
N LEU A 28 -18.88 -3.39 -7.68
CA LEU A 28 -18.62 -2.62 -6.45
C LEU A 28 -17.37 -1.75 -6.56
N ALA A 29 -16.32 -2.28 -7.17
CA ALA A 29 -15.07 -1.56 -7.35
C ALA A 29 -14.21 -2.18 -8.43
N GLU A 30 -13.28 -1.38 -8.97
CA GLU A 30 -12.34 -1.83 -10.00
C GLU A 30 -11.08 -2.47 -9.42
N SER A 31 -10.87 -2.32 -8.11
CA SER A 31 -9.74 -2.98 -7.44
C SER A 31 -10.03 -3.26 -5.97
N PHE A 32 -9.38 -4.28 -5.43
CA PHE A 32 -9.63 -4.76 -4.07
C PHE A 32 -8.36 -5.04 -3.27
N PHE A 33 -8.40 -4.63 -2.00
CA PHE A 33 -7.37 -4.89 -1.02
C PHE A 33 -7.79 -6.14 -0.24
N VAL A 34 -7.10 -7.25 -0.46
CA VAL A 34 -7.47 -8.56 0.08
C VAL A 34 -6.63 -8.89 1.32
N ILE A 35 -7.26 -9.24 2.44
CA ILE A 35 -6.52 -9.64 3.67
C ILE A 35 -6.89 -11.03 4.19
N ALA A 36 -5.89 -11.71 4.73
CA ALA A 36 -6.02 -13.03 5.34
C ALA A 36 -4.76 -13.38 6.13
N ASP A 37 -4.91 -14.26 7.14
CA ASP A 37 -3.74 -14.83 7.82
C ASP A 37 -3.04 -15.82 6.88
N ASP A 38 -1.84 -16.24 7.25
CA ASP A 38 -1.02 -17.07 6.35
C ASP A 38 -1.65 -18.42 6.04
N PHE A 39 -2.25 -19.03 7.06
N PHE A 39 -2.25 -19.03 7.06
CA PHE A 39 -2.97 -20.30 6.89
CA PHE A 39 -2.97 -20.30 6.89
C PHE A 39 -4.09 -20.18 5.85
C PHE A 39 -4.09 -20.18 5.85
N VAL A 40 -4.92 -19.15 6.00
CA VAL A 40 -6.06 -18.92 5.10
C VAL A 40 -5.61 -18.41 3.72
N MET A 41 -4.55 -17.60 3.69
CA MET A 41 -4.01 -17.09 2.42
C MET A 41 -3.53 -18.22 1.49
N LYS A 42 -2.94 -19.26 2.04
CA LYS A 42 -2.52 -20.42 1.23
C LYS A 42 -3.68 -21.35 0.87
N LEU A 43 -4.64 -21.48 1.79
CA LEU A 43 -5.78 -22.42 1.62
C LEU A 43 -6.76 -21.92 0.57
N ALA A 44 -7.25 -20.69 0.74
CA ALA A 44 -8.24 -20.10 -0.16
C ALA A 44 -7.86 -18.75 -0.80
N GLY A 45 -6.75 -18.15 -0.38
CA GLY A 45 -6.38 -16.82 -0.87
C GLY A 45 -5.99 -16.81 -2.34
N ASP A 46 -5.14 -17.78 -2.73
CA ASP A 46 -4.65 -17.86 -4.11
C ASP A 46 -5.75 -18.13 -5.14
N LYS A 47 -6.77 -18.92 -4.76
CA LYS A 47 -7.93 -19.14 -5.65
C LYS A 47 -8.78 -17.89 -5.83
N VAL A 48 -9.01 -17.17 -4.73
CA VAL A 48 -9.80 -15.92 -4.73
C VAL A 48 -9.17 -14.87 -5.62
N LEU A 49 -7.86 -14.70 -5.49
CA LEU A 49 -7.11 -13.75 -6.32
C LEU A 49 -7.17 -14.10 -7.80
N ASN A 50 -6.98 -15.38 -8.14
CA ASN A 50 -7.08 -15.84 -9.53
C ASN A 50 -8.47 -15.61 -10.14
N GLY A 51 -9.51 -15.82 -9.34
CA GLY A 51 -10.90 -15.63 -9.77
C GLY A 51 -11.25 -14.16 -9.98
N LEU A 52 -10.81 -13.30 -9.06
CA LEU A 52 -10.98 -11.85 -9.20
C LEU A 52 -10.21 -11.31 -10.41
N HIS A 53 -9.00 -11.82 -10.63
CA HIS A 53 -8.22 -11.48 -11.83
C HIS A 53 -8.95 -11.87 -13.13
N SER A 54 -9.60 -13.03 -13.13
CA SER A 54 -10.33 -13.51 -14.32
C SER A 54 -11.53 -12.63 -14.71
N HIS A 55 -12.09 -11.88 -13.76
CA HIS A 55 -13.08 -10.84 -14.07
C HIS A 55 -12.46 -9.42 -14.20
N ASP A 56 -11.15 -9.33 -14.46
CA ASP A 56 -10.46 -8.06 -14.68
C ASP A 56 -10.60 -7.09 -13.49
N ILE A 57 -10.10 -7.53 -12.34
CA ILE A 57 -10.09 -6.73 -11.12
C ILE A 57 -8.66 -6.74 -10.60
N SER A 58 -8.11 -5.55 -10.37
CA SER A 58 -6.75 -5.38 -9.85
C SER A 58 -6.73 -5.66 -8.35
N LEU A 59 -5.69 -6.36 -7.87
CA LEU A 59 -5.62 -6.78 -6.47
C LEU A 59 -4.24 -6.61 -5.87
N HIS A 60 -4.22 -6.32 -4.57
CA HIS A 60 -3.04 -6.48 -3.74
C HIS A 60 -3.42 -7.26 -2.47
N ALA A 61 -2.81 -8.43 -2.31
CA ALA A 61 -3.00 -9.28 -1.13
C ALA A 61 -2.02 -8.87 -0.06
N GLU A 62 -2.48 -8.85 1.19
CA GLU A 62 -1.61 -8.50 2.32
C GLU A 62 -1.90 -9.38 3.53
N ARG A 63 -0.86 -9.63 4.32
CA ARG A 63 -0.93 -10.54 5.46
C ARG A 63 -1.59 -9.87 6.67
N PHE A 64 -2.43 -10.64 7.37
CA PHE A 64 -3.12 -10.19 8.58
C PHE A 64 -2.46 -10.85 9.80
N ASN A 65 -2.14 -10.07 10.83
CA ASN A 65 -1.36 -10.55 11.99
C ASN A 65 -2.14 -11.40 13.00
N GLY A 66 -3.46 -11.46 12.86
CA GLY A 66 -4.28 -12.39 13.65
C GLY A 66 -5.14 -11.76 14.72
N GLU A 67 -5.05 -10.45 14.89
CA GLU A 67 -5.84 -9.75 15.91
C GLU A 67 -6.53 -8.52 15.33
N CYS A 68 -7.82 -8.35 15.66
CA CYS A 68 -8.61 -7.19 15.22
C CYS A 68 -8.43 -6.03 16.21
N SER A 69 -7.30 -5.34 16.08
CA SER A 69 -6.94 -4.24 16.95
C SER A 69 -6.88 -2.94 16.18
N HIS A 70 -7.01 -1.82 16.88
CA HIS A 70 -6.87 -0.49 16.28
C HIS A 70 -5.52 -0.32 15.59
N VAL A 71 -4.46 -0.83 16.22
CA VAL A 71 -3.09 -0.79 15.67
C VAL A 71 -3.03 -1.54 14.34
N GLU A 72 -3.61 -2.73 14.30
CA GLU A 72 -3.59 -3.56 13.10
C GLU A 72 -4.39 -2.92 11.97
N ILE A 73 -5.55 -2.35 12.29
CA ILE A 73 -6.39 -1.62 11.33
C ILE A 73 -5.59 -0.49 10.68
N ARG A 74 -4.96 0.34 11.51
CA ARG A 74 -4.18 1.50 11.03
C ARG A 74 -2.96 1.09 10.21
N ARG A 75 -2.35 -0.06 10.55
CA ARG A 75 -1.21 -0.58 9.78
C ARG A 75 -1.63 -0.98 8.37
N LEU A 76 -2.76 -1.69 8.26
CA LEU A 76 -3.28 -2.16 6.97
C LEU A 76 -3.88 -1.04 6.12
N ILE A 77 -4.54 -0.09 6.77
CA ILE A 77 -5.02 1.13 6.08
C ILE A 77 -3.87 1.85 5.38
N ALA A 78 -2.76 2.04 6.09
CA ALA A 78 -1.56 2.70 5.53
C ALA A 78 -1.07 2.01 4.27
N ILE A 79 -1.08 0.68 4.25
CA ILE A 79 -0.68 -0.09 3.05
C ILE A 79 -1.75 0.02 1.96
N LEU A 80 -3.02 -0.01 2.36
CA LEU A 80 -4.13 0.17 1.41
C LEU A 80 -4.00 1.49 0.65
N LYS A 81 -3.77 2.58 1.39
CA LYS A 81 -3.56 3.92 0.81
C LYS A 81 -2.41 3.97 -0.21
N GLN A 82 -1.34 3.30 0.11
CA GLN A 82 -0.13 3.24 -0.75
C GLN A 82 -0.44 2.60 -2.11
N HIS A 83 -1.28 1.56 -2.12
CA HIS A 83 -1.69 0.88 -3.35
C HIS A 83 -2.93 1.50 -4.05
N GLY A 84 -3.72 2.28 -3.32
CA GLY A 84 -4.88 2.99 -3.89
C GLY A 84 -6.04 2.08 -4.26
N CYS A 85 -6.24 1.02 -3.48
CA CYS A 85 -7.25 0.01 -3.76
C CYS A 85 -8.64 0.53 -3.40
N ARG A 86 -9.63 0.21 -4.24
CA ARG A 86 -10.97 0.80 -4.16
C ARG A 86 -11.99 -0.01 -3.37
N GLY A 87 -11.62 -1.22 -2.95
CA GLY A 87 -12.44 -2.04 -2.07
C GLY A 87 -11.61 -2.86 -1.10
N VAL A 88 -12.29 -3.56 -0.19
CA VAL A 88 -11.66 -4.43 0.80
C VAL A 88 -12.30 -5.81 0.78
N VAL A 89 -11.48 -6.85 0.71
CA VAL A 89 -11.91 -8.23 0.90
C VAL A 89 -11.24 -8.80 2.15
N GLY A 90 -12.03 -9.39 3.04
CA GLY A 90 -11.53 -10.18 4.15
C GLY A 90 -11.85 -11.64 3.90
N VAL A 91 -10.85 -12.52 4.09
CA VAL A 91 -11.02 -13.97 3.97
C VAL A 91 -10.55 -14.59 5.29
N GLY A 92 -11.36 -15.49 5.87
CA GLY A 92 -10.95 -16.22 7.08
C GLY A 92 -11.95 -16.16 8.21
N GLY A 93 -11.44 -16.14 9.45
CA GLY A 93 -12.28 -16.18 10.66
C GLY A 93 -12.74 -14.81 11.09
N GLY A 94 -13.41 -14.76 12.24
CA GLY A 94 -14.06 -13.56 12.75
C GLY A 94 -13.21 -12.30 12.86
N LYS A 95 -12.01 -12.45 13.41
CA LYS A 95 -11.10 -11.31 13.60
C LYS A 95 -10.62 -10.71 12.27
N THR A 96 -10.38 -11.56 11.28
CA THR A 96 -10.02 -11.08 9.93
C THR A 96 -11.17 -10.30 9.27
N LEU A 97 -12.38 -10.85 9.34
CA LEU A 97 -13.54 -10.24 8.71
C LEU A 97 -13.88 -8.90 9.34
N ASP A 98 -13.85 -8.85 10.67
CA ASP A 98 -14.12 -7.62 11.43
C ASP A 98 -13.12 -6.51 11.14
N THR A 99 -11.86 -6.88 10.89
CA THR A 99 -10.83 -5.90 10.49
C THR A 99 -11.06 -5.35 9.09
N ALA A 100 -11.57 -6.19 8.19
CA ALA A 100 -11.94 -5.76 6.85
C ALA A 100 -13.11 -4.76 6.87
N LYS A 101 -14.05 -4.95 7.81
CA LYS A 101 -15.19 -4.03 7.97
C LYS A 101 -14.75 -2.66 8.46
N ALA A 102 -13.85 -2.65 9.43
CA ALA A 102 -13.31 -1.41 9.98
C ALA A 102 -12.57 -0.60 8.92
N ILE A 103 -11.71 -1.28 8.16
CA ILE A 103 -10.96 -0.65 7.06
C ILE A 103 -11.92 -0.02 6.05
N GLY A 104 -12.97 -0.77 5.68
CA GLY A 104 -13.99 -0.27 4.76
C GLY A 104 -14.74 0.93 5.28
N TYR A 105 -15.08 0.89 6.57
CA TYR A 105 -15.74 2.01 7.23
C TYR A 105 -14.88 3.27 7.24
N TYR A 106 -13.68 3.19 7.80
CA TYR A 106 -12.81 4.38 7.93
C TYR A 106 -12.35 4.96 6.59
N GLN A 107 -12.23 4.12 5.55
CA GLN A 107 -11.84 4.57 4.21
C GLN A 107 -13.02 4.82 3.27
N LYS A 108 -14.26 4.59 3.74
CA LYS A 108 -15.47 4.73 2.93
C LYS A 108 -15.38 3.88 1.66
N LEU A 109 -15.09 2.58 1.86
CA LEU A 109 -14.94 1.62 0.76
C LEU A 109 -15.93 0.46 0.92
N PRO A 110 -16.31 -0.17 -0.21
CA PRO A 110 -17.13 -1.38 -0.13
C PRO A 110 -16.37 -2.56 0.47
N VAL A 111 -17.10 -3.45 1.13
CA VAL A 111 -16.54 -4.55 1.90
C VAL A 111 -17.10 -5.87 1.39
N VAL A 112 -16.22 -6.84 1.20
CA VAL A 112 -16.60 -8.22 0.93
C VAL A 112 -16.04 -9.06 2.06
N VAL A 113 -16.87 -9.92 2.65
CA VAL A 113 -16.42 -10.84 3.70
C VAL A 113 -16.62 -12.27 3.20
N ILE A 114 -15.58 -13.09 3.35
CA ILE A 114 -15.59 -14.46 2.87
C ILE A 114 -15.22 -15.39 4.03
N PRO A 115 -16.21 -15.73 4.89
CA PRO A 115 -15.96 -16.69 5.97
C PRO A 115 -15.61 -18.08 5.44
N THR A 116 -14.47 -18.60 5.88
CA THR A 116 -14.05 -19.96 5.58
C THR A 116 -14.59 -20.98 6.63
N ILE A 117 -15.24 -20.47 7.68
CA ILE A 117 -15.86 -21.29 8.72
C ILE A 117 -17.24 -20.71 9.05
N ALA A 118 -18.20 -21.56 9.42
CA ALA A 118 -19.59 -21.13 9.71
C ALA A 118 -19.91 -21.27 11.19
N SER A 119 -19.16 -20.53 12.01
CA SER A 119 -19.17 -20.71 13.48
C SER A 119 -19.81 -19.59 14.29
N THR A 120 -20.12 -18.47 13.63
CA THR A 120 -20.79 -17.33 14.24
C THR A 120 -21.74 -16.69 13.24
N ASP A 121 -22.58 -15.78 13.72
CA ASP A 121 -23.50 -15.01 12.88
C ASP A 121 -23.04 -13.55 12.71
N ALA A 122 -21.77 -13.30 13.07
CA ALA A 122 -21.13 -12.00 12.90
C ALA A 122 -20.97 -11.55 11.44
N PRO A 123 -20.64 -12.46 10.49
CA PRO A 123 -20.28 -12.02 9.13
C PRO A 123 -21.22 -11.01 8.44
N THR A 124 -22.54 -11.15 8.63
CA THR A 124 -23.52 -10.23 8.01
C THR A 124 -23.70 -8.92 8.77
N SER A 125 -23.32 -8.87 10.05
CA SER A 125 -23.58 -7.71 10.89
C SER A 125 -22.70 -6.50 10.56
N ALA A 126 -23.21 -5.33 10.93
CA ALA A 126 -22.48 -4.07 10.85
C ALA A 126 -21.76 -3.86 12.18
N LEU A 127 -20.89 -4.82 12.53
CA LEU A 127 -20.29 -4.91 13.84
C LEU A 127 -18.87 -5.46 13.71
N SER A 128 -17.98 -4.90 14.52
CA SER A 128 -16.63 -5.43 14.69
C SER A 128 -16.34 -5.53 16.18
N VAL A 129 -15.74 -6.64 16.59
CA VAL A 129 -15.30 -6.83 17.97
C VAL A 129 -13.83 -6.47 18.02
N ILE A 130 -13.53 -5.35 18.70
CA ILE A 130 -12.19 -4.80 18.76
C ILE A 130 -11.46 -5.33 20.00
N TYR A 131 -10.21 -5.76 19.79
CA TYR A 131 -9.35 -6.34 20.80
C TYR A 131 -8.07 -5.51 20.91
N THR A 132 -7.37 -5.64 22.05
CA THR A 132 -6.03 -5.07 22.16
C THR A 132 -5.06 -6.00 21.43
N GLU A 133 -3.82 -5.57 21.23
CA GLU A 133 -2.82 -6.42 20.58
C GLU A 133 -2.55 -7.69 21.38
N ALA A 134 -2.57 -7.57 22.71
CA ALA A 134 -2.43 -8.73 23.62
C ALA A 134 -3.60 -9.74 23.57
N GLY A 135 -4.79 -9.31 23.13
CA GLY A 135 -5.94 -10.19 22.94
C GLY A 135 -7.12 -9.96 23.88
N GLU A 136 -7.02 -8.98 24.77
CA GLU A 136 -8.15 -8.59 25.65
C GLU A 136 -9.14 -7.70 24.88
N PHE A 137 -10.43 -7.95 25.14
CA PHE A 137 -11.53 -7.15 24.56
C PHE A 137 -11.38 -5.68 24.94
N GLU A 138 -11.63 -4.80 23.98
CA GLU A 138 -11.54 -3.34 24.16
C GLU A 138 -12.91 -2.65 24.01
N GLU A 139 -13.53 -2.83 22.85
CA GLU A 139 -14.82 -2.16 22.55
C GLU A 139 -15.53 -2.82 21.36
N TYR A 140 -16.74 -2.33 21.07
CA TYR A 140 -17.48 -2.67 19.86
C TYR A 140 -17.57 -1.45 18.95
N LEU A 141 -17.26 -1.63 17.67
CA LEU A 141 -17.55 -0.62 16.64
C LEU A 141 -18.76 -1.06 15.83
N ILE A 142 -19.86 -0.34 16.03
CA ILE A 142 -21.10 -0.55 15.27
C ILE A 142 -21.06 0.43 14.11
N TYR A 143 -21.23 -0.07 12.89
CA TYR A 143 -21.19 0.74 11.68
C TYR A 143 -22.59 1.09 11.19
N PRO A 144 -22.71 2.20 10.43
CA PRO A 144 -23.96 2.51 9.73
C PRO A 144 -24.33 1.48 8.65
N LYS A 145 -23.33 0.85 8.05
CA LYS A 145 -23.51 0.00 6.89
C LYS A 145 -23.10 -1.45 7.16
N ASN A 146 -23.87 -2.40 6.63
CA ASN A 146 -23.48 -3.82 6.64
C ASN A 146 -22.48 -4.08 5.53
N PRO A 147 -21.75 -5.21 5.58
CA PRO A 147 -20.90 -5.57 4.43
C PRO A 147 -21.69 -5.56 3.13
N ASP A 148 -21.05 -5.10 2.06
CA ASP A 148 -21.69 -5.02 0.76
C ASP A 148 -21.90 -6.41 0.15
N MET A 149 -21.00 -7.35 0.44
CA MET A 149 -21.15 -8.75 0.04
C MET A 149 -20.72 -9.70 1.14
N VAL A 150 -21.43 -10.83 1.23
CA VAL A 150 -21.09 -11.94 2.13
C VAL A 150 -21.04 -13.20 1.27
N VAL A 151 -19.88 -13.84 1.20
CA VAL A 151 -19.65 -14.95 0.28
C VAL A 151 -19.29 -16.22 1.06
N MET A 152 -20.13 -17.24 0.95
CA MET A 152 -20.01 -18.47 1.72
C MET A 152 -19.71 -19.61 0.75
N ASP A 153 -18.44 -20.01 0.69
CA ASP A 153 -18.04 -21.15 -0.12
C ASP A 153 -18.19 -22.39 0.74
N THR A 154 -19.25 -23.14 0.47
CA THR A 154 -19.62 -24.29 1.29
C THR A 154 -18.72 -25.51 1.09
N ALA A 155 -17.95 -25.54 0.00
CA ALA A 155 -16.93 -26.57 -0.21
C ALA A 155 -15.75 -26.37 0.74
N ILE A 156 -15.41 -25.11 0.99
CA ILE A 156 -14.34 -24.76 1.95
C ILE A 156 -14.84 -24.91 3.39
N ILE A 157 -16.06 -24.42 3.66
CA ILE A 157 -16.64 -24.49 5.00
C ILE A 157 -16.86 -25.94 5.46
N ALA A 158 -17.32 -26.79 4.56
CA ALA A 158 -17.50 -28.23 4.84
C ALA A 158 -16.24 -28.92 5.37
N LYS A 159 -15.07 -28.52 4.87
CA LYS A 159 -13.79 -29.13 5.26
C LYS A 159 -13.20 -28.62 6.58
N ALA A 160 -13.78 -27.56 7.15
CA ALA A 160 -13.39 -27.06 8.48
C ALA A 160 -13.76 -28.06 9.58
N PRO A 161 -13.04 -28.03 10.73
CA PRO A 161 -13.37 -28.92 11.85
C PRO A 161 -14.83 -28.86 12.26
N VAL A 162 -15.42 -30.03 12.47
CA VAL A 162 -16.87 -30.15 12.72
C VAL A 162 -17.32 -29.32 13.92
N ARG A 163 -16.48 -29.26 14.94
CA ARG A 163 -16.72 -28.47 16.16
C ARG A 163 -17.10 -27.02 15.91
N LEU A 164 -16.48 -26.41 14.90
CA LEU A 164 -16.78 -25.02 14.54
C LEU A 164 -18.20 -24.84 13.99
N LEU A 165 -18.62 -25.76 13.11
CA LEU A 165 -20.00 -25.74 12.60
C LEU A 165 -21.05 -25.97 13.70
N VAL A 166 -20.72 -26.84 14.66
CA VAL A 166 -21.58 -27.09 15.83
C VAL A 166 -21.65 -25.87 16.74
N SER A 167 -20.53 -25.19 16.95
CA SER A 167 -20.55 -23.93 17.71
C SER A 167 -21.40 -22.89 17.01
N GLY A 168 -21.38 -22.88 15.67
CA GLY A 168 -22.24 -22.02 14.87
C GLY A 168 -23.72 -22.28 15.07
N MET A 169 -24.09 -23.55 15.22
CA MET A 169 -25.48 -23.92 15.51
C MET A 169 -25.90 -23.54 16.93
N GLY A 170 -24.94 -23.55 17.85
CA GLY A 170 -25.16 -23.07 19.23
C GLY A 170 -25.42 -21.59 19.30
N ASP A 171 -24.72 -20.81 18.46
CA ASP A 171 -24.91 -19.36 18.37
C ASP A 171 -26.25 -19.03 17.73
N ALA A 172 -26.64 -19.86 16.78
CA ALA A 172 -27.87 -19.68 16.00
C ALA A 172 -29.13 -20.10 16.76
N LEU A 173 -29.00 -21.15 17.58
CA LEU A 173 -30.08 -21.64 18.46
C LEU A 173 -30.64 -20.56 19.39
N SER A 174 -29.80 -19.62 19.81
CA SER A 174 -30.24 -18.50 20.66
C SER A 174 -31.09 -17.44 19.96
N THR A 175 -31.09 -17.43 18.64
CA THR A 175 -31.60 -16.27 17.90
C THR A 175 -33.09 -16.09 18.05
N TRP A 176 -33.85 -17.17 17.84
CA TRP A 176 -35.32 -17.13 18.04
C TRP A 176 -35.73 -16.71 19.45
N PHE A 177 -35.03 -17.22 20.47
CA PHE A 177 -35.45 -17.00 21.84
C PHE A 177 -35.20 -15.58 22.33
N GLU A 178 -34.06 -15.02 21.90
CA GLU A 178 -33.71 -13.63 22.19
C GLU A 178 -34.46 -12.63 21.31
N ALA A 179 -34.66 -12.98 20.05
CA ALA A 179 -35.46 -12.16 19.15
C ALA A 179 -36.87 -12.05 19.71
N LYS A 180 -37.50 -13.20 19.96
CA LYS A 180 -38.88 -13.28 20.48
C LYS A 180 -39.06 -12.59 21.83
N ALA A 181 -38.02 -12.61 22.67
CA ALA A 181 -38.01 -11.91 23.96
C ALA A 181 -37.92 -10.40 23.80
N CYS A 182 -37.16 -9.93 22.81
CA CYS A 182 -37.13 -8.51 22.46
C CYS A 182 -38.45 -8.06 21.81
N TYR A 183 -39.04 -8.91 20.99
CA TYR A 183 -40.34 -8.62 20.36
C TYR A 183 -41.43 -8.46 21.42
N ASP A 184 -41.51 -9.42 22.35
CA ASP A 184 -42.47 -9.33 23.47
C ASP A 184 -42.19 -8.14 24.38
N ALA A 185 -40.90 -7.84 24.61
CA ALA A 185 -40.51 -6.70 25.45
C ALA A 185 -40.66 -5.34 24.81
N ARG A 186 -40.83 -5.31 23.48
CA ARG A 186 -40.78 -4.09 22.68
C ARG A 186 -39.43 -3.40 22.86
N ALA A 187 -38.38 -4.20 22.80
CA ALA A 187 -37.01 -3.73 23.02
C ALA A 187 -36.36 -3.36 21.69
N THR A 188 -35.59 -2.29 21.70
CA THR A 188 -34.90 -1.77 20.52
C THR A 188 -33.75 -2.69 20.12
N SER A 189 -33.58 -2.88 18.80
CA SER A 189 -32.47 -3.65 18.25
C SER A 189 -31.35 -2.72 17.76
N MET A 190 -30.23 -3.33 17.35
CA MET A 190 -29.09 -2.60 16.77
C MET A 190 -29.43 -1.86 15.49
N ALA A 191 -30.39 -2.40 14.74
CA ALA A 191 -30.97 -1.72 13.58
C ALA A 191 -31.56 -0.35 13.95
N GLY A 192 -32.06 -0.22 15.18
CA GLY A 192 -32.39 1.08 15.77
C GLY A 192 -33.84 1.27 16.18
N GLY A 193 -34.71 0.31 15.89
CA GLY A 193 -36.13 0.39 16.25
C GLY A 193 -36.71 -0.94 16.73
N GLN A 194 -38.02 -1.07 16.61
CA GLN A 194 -38.71 -2.31 16.90
C GLN A 194 -38.43 -3.33 15.79
N SER A 195 -38.79 -4.59 16.03
CA SER A 195 -38.62 -5.63 15.04
C SER A 195 -39.70 -5.59 13.96
N THR A 196 -39.28 -5.76 12.73
CA THR A 196 -40.17 -6.09 11.64
C THR A 196 -40.62 -7.54 11.84
N GLU A 197 -41.73 -7.93 11.21
CA GLU A 197 -42.13 -9.33 11.19
C GLU A 197 -41.14 -10.16 10.38
N ALA A 198 -40.59 -9.57 9.33
CA ALA A 198 -39.54 -10.19 8.49
C ALA A 198 -38.39 -10.76 9.30
N ALA A 199 -37.79 -9.91 10.11
CA ALA A 199 -36.64 -10.26 10.97
C ALA A 199 -36.98 -11.33 11.99
N LEU A 200 -38.15 -11.20 12.63
CA LEU A 200 -38.63 -12.18 13.61
C LEU A 200 -38.97 -13.53 12.95
N SER A 201 -39.57 -13.48 11.77
CA SER A 201 -39.87 -14.70 11.01
C SER A 201 -38.59 -15.47 10.65
N LEU A 202 -37.56 -14.74 10.25
CA LEU A 202 -36.26 -15.36 9.93
C LEU A 202 -35.54 -15.89 11.17
N ALA A 203 -35.71 -15.19 12.28
CA ALA A 203 -35.30 -15.70 13.60
C ALA A 203 -35.92 -17.06 13.91
N ARG A 204 -37.21 -17.21 13.64
CA ARG A 204 -37.95 -18.45 13.88
C ARG A 204 -37.54 -19.53 12.89
N LEU A 205 -37.39 -19.15 11.63
CA LEU A 205 -36.92 -20.08 10.61
C LEU A 205 -35.54 -20.64 10.95
N CYS A 206 -34.67 -19.79 11.48
CA CYS A 206 -33.36 -20.23 11.98
C CYS A 206 -33.50 -21.43 12.91
N TYR A 207 -34.38 -21.28 13.92
CA TYR A 207 -34.62 -22.29 14.93
C TYR A 207 -35.22 -23.58 14.37
N ASP A 208 -36.25 -23.46 13.52
CA ASP A 208 -36.89 -24.64 12.90
C ASP A 208 -35.94 -25.37 11.96
N THR A 209 -35.07 -24.62 11.29
CA THR A 209 -34.05 -25.19 10.40
C THR A 209 -33.01 -25.99 11.19
N LEU A 210 -32.57 -25.49 12.33
CA LEU A 210 -31.64 -26.25 13.20
C LEU A 210 -32.24 -27.60 13.59
N LEU A 211 -33.49 -27.62 14.03
CA LEU A 211 -34.17 -28.85 14.42
C LEU A 211 -34.38 -29.80 13.25
N ALA A 212 -34.75 -29.27 12.10
CA ALA A 212 -34.98 -30.07 10.91
C ALA A 212 -33.68 -30.60 10.29
N GLU A 213 -32.68 -29.74 10.16
CA GLU A 213 -31.49 -30.00 9.36
C GLU A 213 -30.18 -30.18 10.14
N GLY A 214 -30.17 -29.84 11.42
CA GLY A 214 -28.94 -29.78 12.21
C GLY A 214 -28.13 -31.06 12.26
N GLU A 215 -28.82 -32.18 12.45
CA GLU A 215 -28.16 -33.47 12.55
C GLU A 215 -27.66 -33.98 11.20
N LYS A 216 -28.48 -33.87 10.16
CA LYS A 216 -28.05 -34.26 8.79
C LYS A 216 -26.85 -33.45 8.34
N ALA A 217 -26.80 -32.18 8.74
CA ALA A 217 -25.69 -31.29 8.41
C ALA A 217 -24.40 -31.67 9.14
N ARG A 218 -24.50 -31.91 10.45
CA ARG A 218 -23.34 -32.26 11.28
C ARG A 218 -22.60 -33.49 10.77
N LEU A 219 -23.34 -34.49 10.30
CA LEU A 219 -22.75 -35.72 9.78
C LEU A 219 -22.07 -35.52 8.43
N ALA A 220 -22.68 -34.70 7.57
CA ALA A 220 -22.05 -34.28 6.33
C ALA A 220 -20.77 -33.50 6.61
N ALA A 221 -20.85 -32.58 7.57
CA ALA A 221 -19.67 -31.84 8.03
C ALA A 221 -18.62 -32.75 8.65
N GLN A 222 -19.04 -33.76 9.41
CA GLN A 222 -18.12 -34.78 9.93
C GLN A 222 -17.34 -35.46 8.81
N ALA A 223 -18.04 -35.84 7.73
CA ALA A 223 -17.40 -36.46 6.56
C ALA A 223 -16.56 -35.50 5.69
N GLY A 224 -16.74 -34.20 5.89
CA GLY A 224 -16.02 -33.18 5.13
C GLY A 224 -16.69 -32.79 3.81
N VAL A 225 -18.00 -33.02 3.72
CA VAL A 225 -18.70 -33.05 2.44
C VAL A 225 -19.92 -32.10 2.40
N VAL A 226 -20.35 -31.74 1.19
CA VAL A 226 -21.44 -30.77 0.98
C VAL A 226 -22.74 -31.48 0.64
N THR A 227 -23.72 -31.41 1.55
CA THR A 227 -25.11 -31.81 1.27
C THR A 227 -26.03 -30.60 1.34
N ASP A 228 -27.29 -30.73 0.93
CA ASP A 228 -28.22 -29.59 1.01
C ASP A 228 -28.67 -29.30 2.45
N ALA A 229 -28.48 -30.24 3.37
CA ALA A 229 -28.73 -29.99 4.80
C ALA A 229 -27.67 -29.07 5.40
N LEU A 230 -26.41 -29.26 4.97
CA LEU A 230 -25.33 -28.36 5.34
C LEU A 230 -25.55 -26.96 4.75
N GLU A 231 -26.03 -26.90 3.51
CA GLU A 231 -26.33 -25.61 2.86
C GLU A 231 -27.39 -24.85 3.66
N ARG A 232 -28.42 -25.57 4.12
CA ARG A 232 -29.51 -24.97 4.92
C ARG A 232 -29.00 -24.48 6.27
N ILE A 233 -28.12 -25.26 6.90
CA ILE A 233 -27.54 -24.91 8.19
C ILE A 233 -26.54 -23.77 8.11
N ILE A 234 -25.74 -23.74 7.05
CA ILE A 234 -24.83 -22.60 6.80
C ILE A 234 -25.61 -21.29 6.62
N GLU A 235 -26.77 -21.36 5.97
CA GLU A 235 -27.64 -20.19 5.80
C GLU A 235 -28.29 -19.80 7.12
N ALA A 236 -28.79 -20.80 7.85
CA ALA A 236 -29.30 -20.60 9.20
C ALA A 236 -28.27 -19.93 10.10
N ASN A 237 -27.07 -20.48 10.12
CA ASN A 237 -25.96 -19.99 10.94
C ASN A 237 -25.47 -18.60 10.59
N THR A 238 -25.62 -18.20 9.32
CA THR A 238 -25.05 -16.95 8.83
C THR A 238 -26.09 -15.88 8.50
N TYR A 239 -26.98 -16.15 7.55
CA TYR A 239 -27.95 -15.13 7.14
C TYR A 239 -29.15 -15.06 8.09
N LEU A 240 -29.75 -16.19 8.42
CA LEU A 240 -30.97 -16.20 9.25
C LEU A 240 -30.70 -15.75 10.68
N SER A 241 -29.58 -16.20 11.24
CA SER A 241 -29.20 -15.82 12.60
C SER A 241 -28.70 -14.39 12.65
N GLY A 242 -27.95 -14.00 11.61
CA GLY A 242 -27.42 -12.64 11.48
C GLY A 242 -28.43 -11.52 11.38
N ILE A 243 -29.42 -11.69 10.51
CA ILE A 243 -30.55 -10.74 10.41
C ILE A 243 -31.35 -10.82 11.71
N GLY A 244 -31.53 -12.03 12.22
CA GLY A 244 -32.22 -12.27 13.49
C GLY A 244 -31.72 -11.51 14.68
N PHE A 245 -30.41 -11.50 14.94
CA PHE A 245 -29.89 -10.85 16.15
C PHE A 245 -29.81 -9.33 15.99
N GLU A 246 -29.39 -8.87 14.81
CA GLU A 246 -29.13 -7.45 14.58
C GLU A 246 -30.40 -6.62 14.44
N SER A 247 -31.40 -7.19 13.73
CA SER A 247 -32.65 -6.48 13.44
C SER A 247 -33.88 -6.95 14.23
N SER A 248 -33.76 -8.04 14.99
CA SER A 248 -34.82 -8.45 15.92
C SER A 248 -34.39 -8.22 17.37
N GLY A 249 -33.20 -8.69 17.75
CA GLY A 249 -32.56 -8.35 19.04
C GLY A 249 -31.85 -9.48 19.78
N LEU A 250 -30.86 -9.09 20.61
CA LEU A 250 -30.23 -9.95 21.60
C LEU A 250 -30.89 -9.74 22.97
N ALA A 251 -30.75 -10.72 23.85
CA ALA A 251 -31.39 -10.67 25.17
C ALA A 251 -30.58 -11.45 26.21
N ALA A 252 -31.17 -12.38 26.96
CA ALA A 252 -30.50 -13.00 28.11
C ALA A 252 -29.31 -13.85 27.73
N ALA A 253 -29.50 -14.74 26.74
CA ALA A 253 -28.48 -15.72 26.35
C ALA A 253 -27.08 -15.14 26.10
N HIS A 254 -27.03 -14.03 25.38
CA HIS A 254 -25.76 -13.35 25.02
C HIS A 254 -25.18 -12.52 26.17
N ALA A 255 -26.05 -11.95 27.00
CA ALA A 255 -25.61 -11.33 28.25
C ALA A 255 -24.96 -12.35 29.18
N ILE A 256 -25.54 -13.55 29.28
CA ILE A 256 -24.97 -14.61 30.14
C ILE A 256 -23.64 -15.10 29.56
N HIS A 257 -23.56 -15.26 28.24
CA HIS A 257 -22.29 -15.53 27.56
C HIS A 257 -21.21 -14.55 27.98
N ASN A 258 -21.55 -13.26 28.00
CA ASN A 258 -20.61 -12.21 28.42
C ASN A 258 -20.27 -12.31 29.91
N GLY A 259 -21.26 -12.69 30.71
CA GLY A 259 -21.04 -13.02 32.12
C GLY A 259 -20.04 -14.14 32.36
N PHE A 260 -20.05 -15.16 31.51
CA PHE A 260 -19.14 -16.31 31.64
C PHE A 260 -17.69 -16.04 31.26
N THR A 261 -17.42 -14.94 30.54
CA THR A 261 -16.05 -14.62 30.13
C THR A 261 -15.14 -14.21 31.29
N ILE A 262 -15.73 -13.92 32.47
CA ILE A 262 -14.94 -13.61 33.69
C ILE A 262 -14.28 -14.85 34.30
N LEU A 263 -14.75 -16.04 33.95
CA LEU A 263 -14.17 -17.30 34.43
C LEU A 263 -13.19 -17.85 33.40
N GLU A 264 -11.94 -18.01 33.81
CA GLU A 264 -10.86 -18.45 32.91
C GLU A 264 -11.02 -19.90 32.42
N GLU A 265 -11.65 -20.74 33.25
CA GLU A 265 -12.03 -22.11 32.86
C GLU A 265 -12.91 -22.22 31.61
N CYS A 266 -13.69 -21.18 31.31
CA CYS A 266 -14.51 -21.13 30.08
C CYS A 266 -13.79 -20.60 28.83
N HIS A 267 -12.55 -20.14 28.95
CA HIS A 267 -11.82 -19.55 27.82
C HIS A 267 -11.48 -20.56 26.71
N HIS A 268 -11.44 -21.85 27.03
CA HIS A 268 -11.30 -22.89 26.00
C HIS A 268 -12.56 -23.12 25.12
N LEU A 269 -13.71 -22.61 25.55
CA LEU A 269 -14.96 -22.77 24.80
C LEU A 269 -15.14 -21.68 23.77
N TYR A 270 -15.74 -22.05 22.63
CA TYR A 270 -16.03 -21.08 21.57
C TYR A 270 -17.28 -20.28 21.90
N HIS A 271 -17.40 -19.13 21.26
CA HIS A 271 -18.52 -18.19 21.43
C HIS A 271 -19.89 -18.87 21.48
N GLY A 272 -20.20 -19.66 20.45
CA GLY A 272 -21.51 -20.26 20.31
C GLY A 272 -21.84 -21.38 21.27
N GLU A 273 -20.81 -22.07 21.74
CA GLU A 273 -20.97 -23.13 22.75
C GLU A 273 -21.48 -22.54 24.07
N LYS A 274 -20.89 -21.43 24.49
CA LYS A 274 -21.34 -20.70 25.68
C LYS A 274 -22.74 -20.11 25.52
N VAL A 275 -23.06 -19.68 24.31
CA VAL A 275 -24.40 -19.16 23.97
C VAL A 275 -25.46 -20.26 24.04
N ALA A 276 -25.08 -21.49 23.66
CA ALA A 276 -26.01 -22.62 23.73
C ALA A 276 -26.45 -22.89 25.16
N PHE A 277 -25.51 -22.86 26.09
CA PHE A 277 -25.84 -22.98 27.51
C PHE A 277 -26.61 -21.77 28.01
N GLY A 278 -26.19 -20.58 27.59
CA GLY A 278 -26.89 -19.34 27.92
C GLY A 278 -28.34 -19.30 27.46
N THR A 279 -28.62 -19.93 26.31
CA THR A 279 -29.99 -20.11 25.84
C THR A 279 -30.81 -20.99 26.77
N LEU A 280 -30.18 -22.05 27.25
CA LEU A 280 -30.82 -22.95 28.22
C LEU A 280 -31.13 -22.24 29.52
N ALA A 281 -30.21 -21.39 29.96
CA ALA A 281 -30.43 -20.53 31.12
C ALA A 281 -31.58 -19.56 30.88
N GLN A 282 -31.68 -19.00 29.67
CA GLN A 282 -32.79 -18.10 29.32
C GLN A 282 -34.15 -18.80 29.34
N LEU A 283 -34.21 -20.07 28.94
CA LEU A 283 -35.46 -20.84 28.98
C LEU A 283 -36.01 -21.03 30.38
N VAL A 284 -35.13 -21.33 31.32
CA VAL A 284 -35.46 -21.44 32.74
C VAL A 284 -35.83 -20.07 33.31
N LEU A 285 -35.19 -19.03 32.79
CA LEU A 285 -35.42 -17.64 33.21
C LEU A 285 -36.81 -17.12 32.81
N GLN A 286 -37.18 -17.36 31.55
CA GLN A 286 -38.53 -16.98 31.05
C GLN A 286 -39.60 -18.06 31.29
N ASN A 287 -39.22 -19.15 31.96
CA ASN A 287 -40.11 -20.26 32.29
C ASN A 287 -40.80 -20.84 31.06
N SER A 288 -39.99 -21.25 30.09
CA SER A 288 -40.50 -21.95 28.93
C SER A 288 -40.99 -23.31 29.38
N PRO A 289 -42.00 -23.88 28.67
CA PRO A 289 -42.52 -25.18 29.11
C PRO A 289 -41.49 -26.31 29.00
N MET A 290 -41.77 -27.42 29.66
CA MET A 290 -40.79 -28.51 29.78
C MET A 290 -40.45 -29.13 28.42
N GLU A 291 -41.45 -29.38 27.59
CA GLU A 291 -41.17 -30.02 26.27
C GLU A 291 -40.35 -29.10 25.36
N GLU A 292 -40.40 -27.79 25.57
CA GLU A 292 -39.52 -26.85 24.87
C GLU A 292 -38.09 -26.95 25.41
N ILE A 293 -37.95 -27.00 26.74
CA ILE A 293 -36.65 -27.25 27.36
C ILE A 293 -36.05 -28.58 26.85
N GLU A 294 -36.89 -29.61 26.74
CA GLU A 294 -36.44 -30.93 26.28
C GLU A 294 -36.03 -31.01 24.80
N THR A 295 -36.69 -30.27 23.93
CA THR A 295 -36.27 -30.19 22.53
C THR A 295 -34.90 -29.52 22.37
N VAL A 296 -34.63 -28.49 23.18
CA VAL A 296 -33.34 -27.79 23.15
C VAL A 296 -32.23 -28.63 23.79
N LEU A 297 -32.51 -29.22 24.95
CA LEU A 297 -31.60 -30.17 25.57
C LEU A 297 -31.26 -31.32 24.61
N GLY A 298 -32.30 -31.89 24.01
CA GLY A 298 -32.17 -32.97 23.03
C GLY A 298 -31.34 -32.59 21.83
N PHE A 299 -31.56 -31.39 21.30
CA PHE A 299 -30.76 -30.85 20.20
C PHE A 299 -29.30 -30.71 20.60
N CYS A 300 -29.06 -30.00 21.71
CA CYS A 300 -27.70 -29.77 22.22
C CYS A 300 -26.90 -31.06 22.48
N GLU A 301 -27.48 -32.03 23.18
CA GLU A 301 -26.82 -33.32 23.46
C GLU A 301 -26.43 -34.04 22.18
N LYS A 302 -27.36 -34.04 21.23
CA LYS A 302 -27.25 -34.78 19.97
C LYS A 302 -26.14 -34.23 19.10
N VAL A 303 -26.03 -32.90 19.01
CA VAL A 303 -24.99 -32.27 18.18
C VAL A 303 -23.63 -32.11 18.90
N GLY A 304 -23.65 -32.00 20.23
CA GLY A 304 -22.41 -31.85 21.02
C GLY A 304 -22.19 -30.48 21.62
N LEU A 305 -23.25 -29.88 22.16
CA LEU A 305 -23.20 -28.57 22.80
C LEU A 305 -23.42 -28.71 24.30
N PRO A 306 -22.77 -27.85 25.11
CA PRO A 306 -22.82 -28.02 26.58
C PRO A 306 -24.17 -27.73 27.20
N VAL A 307 -24.68 -28.65 28.01
CA VAL A 307 -25.94 -28.45 28.75
C VAL A 307 -25.74 -28.38 30.28
N THR A 308 -24.48 -28.44 30.72
CA THR A 308 -24.14 -28.42 32.13
C THR A 308 -22.92 -27.56 32.35
N LEU A 309 -22.79 -27.02 33.56
CA LEU A 309 -21.62 -26.25 33.94
C LEU A 309 -20.32 -27.04 33.80
N ALA A 310 -20.35 -28.33 34.16
CA ALA A 310 -19.17 -29.21 34.05
C ALA A 310 -18.65 -29.34 32.62
N GLN A 311 -19.55 -29.45 31.63
CA GLN A 311 -19.15 -29.47 30.22
C GLN A 311 -18.53 -28.16 29.71
N MET A 312 -18.75 -27.07 30.46
CA MET A 312 -18.09 -25.78 30.23
C MET A 312 -16.84 -25.53 31.09
N GLY A 313 -16.38 -26.54 31.82
CA GLY A 313 -15.17 -26.44 32.64
C GLY A 313 -15.32 -25.87 34.03
N VAL A 314 -16.56 -25.59 34.46
CA VAL A 314 -16.82 -25.08 35.82
C VAL A 314 -17.19 -26.25 36.72
N LYS A 315 -16.24 -26.68 37.54
CA LYS A 315 -16.38 -27.90 38.36
C LYS A 315 -16.34 -27.63 39.87
N GLU A 316 -15.68 -26.55 40.29
CA GLU A 316 -15.52 -26.20 41.71
C GLU A 316 -15.95 -24.77 41.96
N GLY A 317 -16.25 -24.47 43.23
CA GLY A 317 -16.65 -23.13 43.67
C GLY A 317 -17.84 -22.56 42.94
N ILE A 318 -18.81 -23.42 42.62
CA ILE A 318 -19.94 -23.08 41.73
C ILE A 318 -20.78 -21.90 42.23
N ASP A 319 -21.18 -21.92 43.50
CA ASP A 319 -22.06 -20.89 44.05
C ASP A 319 -21.46 -19.50 43.90
N ASP A 320 -20.21 -19.34 44.32
CA ASP A 320 -19.52 -18.05 44.25
C ASP A 320 -19.28 -17.59 42.79
N LYS A 321 -18.84 -18.52 41.93
CA LYS A 321 -18.55 -18.20 40.53
C LYS A 321 -19.79 -17.84 39.71
N ILE A 322 -20.89 -18.56 39.94
CA ILE A 322 -22.15 -18.27 39.26
C ILE A 322 -22.76 -16.97 39.75
N ALA A 323 -22.55 -16.64 41.03
CA ALA A 323 -22.96 -15.33 41.56
C ALA A 323 -22.23 -14.20 40.85
N ALA A 324 -20.92 -14.35 40.66
CA ALA A 324 -20.11 -13.37 39.92
C ALA A 324 -20.51 -13.27 38.45
N VAL A 325 -20.78 -14.41 37.80
CA VAL A 325 -21.29 -14.47 36.42
C VAL A 325 -22.66 -13.79 36.31
N ALA A 326 -23.50 -13.98 37.33
CA ALA A 326 -24.81 -13.35 37.41
C ALA A 326 -24.77 -11.83 37.53
N LYS A 327 -23.82 -11.30 38.32
CA LYS A 327 -23.64 -9.85 38.45
C LYS A 327 -23.19 -9.20 37.16
N ALA A 328 -22.19 -9.82 36.53
CA ALA A 328 -21.64 -9.31 35.27
C ALA A 328 -22.63 -9.39 34.12
N THR A 329 -23.53 -10.37 34.18
CA THR A 329 -24.66 -10.50 33.23
C THR A 329 -25.61 -9.31 33.31
N CYS A 330 -25.92 -8.86 34.53
CA CYS A 330 -26.90 -7.77 34.75
C CYS A 330 -26.29 -6.37 34.78
N ALA A 331 -25.02 -6.24 34.36
CA ALA A 331 -24.35 -4.95 34.30
C ALA A 331 -25.09 -3.97 33.38
N GLU A 332 -24.97 -2.69 33.69
CA GLU A 332 -25.63 -1.64 32.91
C GLU A 332 -25.16 -1.69 31.45
N GLY A 333 -26.12 -1.68 30.54
CA GLY A 333 -25.85 -1.77 29.10
C GLY A 333 -26.00 -3.15 28.51
N GLU A 334 -26.12 -4.17 29.36
CA GLU A 334 -26.24 -5.55 28.89
C GLU A 334 -27.62 -5.82 28.32
N THR A 335 -27.67 -6.80 27.42
CA THR A 335 -28.87 -7.12 26.66
C THR A 335 -29.94 -7.88 27.45
N ILE A 336 -29.64 -8.34 28.67
CA ILE A 336 -30.64 -9.04 29.49
C ILE A 336 -31.80 -8.14 29.93
N HIS A 337 -31.59 -6.84 29.95
CA HIS A 337 -32.65 -5.87 30.26
C HIS A 337 -33.67 -5.70 29.11
N ASN A 338 -33.39 -6.33 27.97
CA ASN A 338 -34.38 -6.49 26.90
C ASN A 338 -35.40 -7.61 27.15
N MET A 339 -35.29 -8.37 28.25
CA MET A 339 -36.32 -9.37 28.58
C MET A 339 -37.63 -8.69 28.95
N PRO A 340 -38.78 -9.35 28.69
CA PRO A 340 -40.07 -8.72 28.98
C PRO A 340 -40.51 -8.79 30.45
N PHE A 341 -39.57 -8.98 31.39
CA PHE A 341 -39.87 -8.97 32.81
C PHE A 341 -38.62 -8.52 33.57
N ALA A 342 -38.78 -8.26 34.87
CA ALA A 342 -37.68 -7.80 35.71
C ALA A 342 -36.63 -8.91 35.89
N VAL A 343 -35.37 -8.59 35.64
CA VAL A 343 -34.25 -9.50 35.90
C VAL A 343 -33.33 -8.91 36.96
N THR A 344 -32.93 -9.77 37.92
CA THR A 344 -31.98 -9.40 38.97
C THR A 344 -30.82 -10.40 38.96
N PRO A 345 -29.65 -10.01 39.53
CA PRO A 345 -28.56 -10.99 39.61
C PRO A 345 -28.92 -12.28 40.36
N GLU A 346 -29.85 -12.21 41.31
CA GLU A 346 -30.35 -13.40 42.01
C GLU A 346 -31.10 -14.37 41.08
N GLN A 347 -31.90 -13.83 40.17
CA GLN A 347 -32.74 -14.65 39.30
C GLN A 347 -31.97 -15.21 38.09
N VAL A 348 -30.87 -14.57 37.69
CA VAL A 348 -29.93 -15.17 36.72
C VAL A 348 -29.09 -16.30 37.36
N HIS A 349 -28.63 -16.08 38.60
CA HIS A 349 -27.93 -17.12 39.38
C HIS A 349 -28.83 -18.36 39.48
N ALA A 350 -30.08 -18.12 39.89
CA ALA A 350 -31.12 -19.15 39.97
C ALA A 350 -31.31 -19.94 38.69
N ALA A 351 -31.44 -19.22 37.58
CA ALA A 351 -31.68 -19.85 36.29
C ALA A 351 -30.50 -20.73 35.86
N ILE A 352 -29.28 -20.21 36.03
CA ILE A 352 -28.06 -20.95 35.65
C ILE A 352 -27.94 -22.26 36.44
N LEU A 353 -28.18 -22.23 37.75
CA LEU A 353 -28.07 -23.42 38.59
C LEU A 353 -29.14 -24.45 38.27
N THR A 354 -30.37 -23.99 38.04
CA THR A 354 -31.46 -24.88 37.69
C THR A 354 -31.27 -25.49 36.30
N ALA A 355 -30.82 -24.67 35.36
CA ALA A 355 -30.50 -25.14 34.01
C ALA A 355 -29.45 -26.25 34.05
N ASP A 356 -28.40 -26.05 34.83
CA ASP A 356 -27.36 -27.06 35.05
C ASP A 356 -27.94 -28.38 35.55
N LEU A 357 -28.79 -28.30 36.57
CA LEU A 357 -29.46 -29.49 37.09
C LEU A 357 -30.42 -30.13 36.08
N LEU A 358 -31.04 -29.33 35.21
CA LEU A 358 -31.84 -29.90 34.10
C LEU A 358 -30.99 -30.66 33.10
N GLY A 359 -29.82 -30.11 32.79
CA GLY A 359 -28.86 -30.77 31.90
C GLY A 359 -28.19 -32.01 32.46
N GLN A 360 -27.91 -32.03 33.77
CA GLN A 360 -27.38 -33.23 34.43
C GLN A 360 -28.37 -34.38 34.32
N GLN A 361 -29.59 -34.15 34.80
CA GLN A 361 -30.66 -35.14 34.74
C GLN A 361 -30.88 -35.69 33.32
N TRP A 362 -30.85 -34.79 32.33
CA TRP A 362 -31.02 -35.14 30.93
C TRP A 362 -29.92 -36.06 30.39
N LEU A 363 -28.68 -35.72 30.69
CA LEU A 363 -27.53 -36.55 30.30
C LEU A 363 -27.45 -37.91 31.01
N ALA A 364 -28.10 -38.03 32.17
CA ALA A 364 -28.05 -39.25 32.99
C ALA A 364 -29.29 -40.15 32.90
N ARG A 365 -30.19 -39.88 31.95
CA ARG A 365 -31.52 -40.52 31.94
C ARG A 365 -31.53 -41.89 31.25
N MET B 1 -24.78 -22.57 -9.68
CA MET B 1 -25.39 -23.21 -8.47
C MET B 1 -25.14 -22.42 -7.18
N LEU B 2 -24.95 -21.10 -7.27
CA LEU B 2 -24.95 -20.24 -6.09
C LEU B 2 -26.38 -19.87 -5.71
N LYS B 3 -26.64 -19.77 -4.40
CA LYS B 3 -27.87 -19.17 -3.90
C LYS B 3 -27.55 -17.70 -3.65
N VAL B 4 -28.45 -16.82 -4.07
CA VAL B 4 -28.25 -15.38 -3.89
C VAL B 4 -29.50 -14.74 -3.34
N ILE B 5 -29.32 -13.81 -2.41
CA ILE B 5 -30.37 -12.93 -1.91
C ILE B 5 -29.81 -11.51 -1.86
N GLN B 6 -30.58 -10.53 -2.31
CA GLN B 6 -30.19 -9.12 -2.17
C GLN B 6 -31.27 -8.33 -1.45
N SER B 7 -30.87 -7.19 -0.91
CA SER B 7 -31.74 -6.38 -0.08
C SER B 7 -31.32 -4.92 -0.13
N PRO B 8 -32.26 -3.99 0.10
CA PRO B 8 -31.84 -2.62 0.41
C PRO B 8 -31.13 -2.59 1.76
N GLY B 9 -30.11 -1.75 1.89
CA GLY B 9 -29.33 -1.61 3.13
C GLY B 9 -30.16 -1.46 4.39
N LYS B 10 -31.16 -0.57 4.35
CA LYS B 10 -32.06 -0.33 5.49
C LYS B 10 -33.49 -0.08 5.03
N TYR B 11 -34.45 -0.63 5.77
CA TYR B 11 -35.87 -0.44 5.48
C TYR B 11 -36.52 0.11 6.75
N LEU B 12 -37.10 1.31 6.66
CA LEU B 12 -37.72 1.98 7.81
C LEU B 12 -39.22 2.06 7.61
N GLN B 13 -39.98 1.87 8.69
CA GLN B 13 -41.43 1.96 8.62
C GLN B 13 -42.12 2.33 9.92
N GLY B 14 -43.02 3.31 9.86
CA GLY B 14 -43.81 3.73 11.02
C GLY B 14 -44.42 5.10 10.84
N PRO B 15 -45.17 5.56 11.86
CA PRO B 15 -45.67 6.94 11.85
C PRO B 15 -44.54 7.95 11.79
N ASP B 16 -44.69 8.98 10.94
CA ASP B 16 -43.72 10.08 10.82
C ASP B 16 -42.30 9.64 10.38
N ALA B 17 -42.19 8.53 9.66
CA ALA B 17 -40.88 8.03 9.20
C ALA B 17 -40.19 8.98 8.23
N SER B 18 -40.96 9.77 7.49
CA SER B 18 -40.39 10.72 6.53
C SER B 18 -39.69 11.93 7.19
N THR B 19 -40.01 12.17 8.46
CA THR B 19 -39.36 13.20 9.28
C THR B 19 -38.37 12.64 10.32
N LEU B 20 -38.27 11.31 10.44
CA LEU B 20 -37.38 10.65 11.41
C LEU B 20 -36.19 9.90 10.80
N PHE B 21 -36.13 9.81 9.47
CA PHE B 21 -35.10 9.03 8.77
C PHE B 21 -33.76 9.77 8.62
N GLY B 22 -33.72 11.05 8.99
CA GLY B 22 -32.50 11.84 8.87
C GLY B 22 -31.30 11.31 9.64
N ALA B 23 -31.55 10.71 10.79
CA ALA B 23 -30.49 10.11 11.61
C ALA B 23 -29.66 9.09 10.82
N TYR B 24 -30.36 8.22 10.09
CA TYR B 24 -29.70 7.19 9.29
C TYR B 24 -29.16 7.74 7.97
N ALA B 25 -29.87 8.71 7.39
CA ALA B 25 -29.47 9.33 6.12
C ALA B 25 -28.18 10.13 6.25
N LYS B 26 -28.02 10.83 7.38
CA LYS B 26 -26.79 11.57 7.70
C LYS B 26 -25.48 10.77 7.46
N ASN B 27 -25.51 9.47 7.80
CA ASN B 27 -24.36 8.58 7.61
C ASN B 27 -24.13 8.15 6.14
N LEU B 28 -25.13 8.31 5.28
CA LEU B 28 -24.98 8.00 3.84
C LEU B 28 -24.30 9.14 3.07
N ALA B 29 -24.68 10.37 3.37
CA ALA B 29 -24.14 11.55 2.69
C ALA B 29 -24.37 12.81 3.50
N GLU B 30 -23.56 13.83 3.20
CA GLU B 30 -23.66 15.15 3.83
C GLU B 30 -24.67 16.08 3.14
N SER B 31 -25.12 15.71 1.94
CA SER B 31 -26.14 16.48 1.22
C SER B 31 -26.95 15.60 0.27
N PHE B 32 -28.18 16.02 0.01
CA PHE B 32 -29.13 15.24 -0.77
C PHE B 32 -29.88 16.07 -1.82
N PHE B 33 -30.03 15.47 -3.00
CA PHE B 33 -30.81 16.01 -4.10
C PHE B 33 -32.20 15.36 -4.04
N VAL B 34 -33.21 16.15 -3.65
CA VAL B 34 -34.55 15.63 -3.38
C VAL B 34 -35.47 15.89 -4.57
N ILE B 35 -36.16 14.85 -5.08
CA ILE B 35 -37.12 15.02 -6.19
C ILE B 35 -38.53 14.53 -5.87
N ALA B 36 -39.51 15.25 -6.43
CA ALA B 36 -40.93 14.93 -6.28
C ALA B 36 -41.76 15.74 -7.29
N ASP B 37 -42.93 15.22 -7.67
CA ASP B 37 -43.89 16.01 -8.46
C ASP B 37 -44.51 17.09 -7.56
N ASP B 38 -45.22 18.04 -8.16
CA ASP B 38 -45.71 19.20 -7.42
C ASP B 38 -46.71 18.84 -6.34
N PHE B 39 -47.59 17.89 -6.65
CA PHE B 39 -48.56 17.38 -5.67
C PHE B 39 -47.86 16.81 -4.44
N VAL B 40 -46.88 15.94 -4.66
CA VAL B 40 -46.16 15.29 -3.56
C VAL B 40 -45.20 16.26 -2.85
N MET B 41 -44.60 17.19 -3.61
CA MET B 41 -43.70 18.20 -3.03
C MET B 41 -44.39 19.07 -1.98
N LYS B 42 -45.64 19.43 -2.23
CA LYS B 42 -46.41 20.22 -1.25
C LYS B 42 -46.96 19.38 -0.10
N LEU B 43 -47.32 18.13 -0.37
CA LEU B 43 -47.92 17.22 0.63
C LEU B 43 -46.90 16.77 1.67
N ALA B 44 -45.80 16.19 1.19
CA ALA B 44 -44.76 15.62 2.06
C ALA B 44 -43.33 16.13 1.83
N GLY B 45 -43.11 16.95 0.80
CA GLY B 45 -41.77 17.42 0.47
C GLY B 45 -41.21 18.39 1.50
N ASP B 46 -42.03 19.35 1.88
CA ASP B 46 -41.65 20.38 2.85
C ASP B 46 -41.29 19.83 4.24
N LYS B 47 -42.01 18.79 4.68
CA LYS B 47 -41.71 18.12 5.96
C LYS B 47 -40.38 17.38 5.90
N VAL B 48 -40.14 16.66 4.80
CA VAL B 48 -38.89 15.90 4.58
C VAL B 48 -37.67 16.80 4.60
N LEU B 49 -37.76 17.93 3.90
CA LEU B 49 -36.68 18.90 3.86
C LEU B 49 -36.39 19.49 5.24
N ASN B 50 -37.43 19.86 5.99
CA ASN B 50 -37.27 20.39 7.35
C ASN B 50 -36.60 19.38 8.30
N GLY B 51 -36.97 18.11 8.16
CA GLY B 51 -36.42 17.04 8.98
C GLY B 51 -34.95 16.74 8.66
N LEU B 52 -34.62 16.71 7.37
CA LEU B 52 -33.23 16.55 6.94
C LEU B 52 -32.36 17.72 7.37
N HIS B 53 -32.90 18.94 7.29
CA HIS B 53 -32.22 20.14 7.80
C HIS B 53 -31.95 20.06 9.30
N SER B 54 -32.90 19.53 10.06
CA SER B 54 -32.74 19.40 11.52
C SER B 54 -31.61 18.44 11.95
N HIS B 55 -31.25 17.50 11.09
CA HIS B 55 -30.02 16.69 11.29
C HIS B 55 -28.79 17.24 10.55
N ASP B 56 -28.79 18.52 10.19
CA ASP B 56 -27.65 19.18 9.55
C ASP B 56 -27.24 18.50 8.23
N ILE B 57 -28.18 18.47 7.28
CA ILE B 57 -27.95 17.92 5.95
C ILE B 57 -28.38 18.99 4.94
N SER B 58 -27.46 19.33 4.03
CA SER B 58 -27.72 20.34 2.99
C SER B 58 -28.60 19.74 1.90
N LEU B 59 -29.56 20.51 1.39
CA LEU B 59 -30.53 20.01 0.41
C LEU B 59 -30.81 20.99 -0.72
N HIS B 60 -31.08 20.43 -1.90
CA HIS B 60 -31.74 21.16 -2.97
C HIS B 60 -32.90 20.32 -3.49
N ALA B 61 -34.12 20.87 -3.38
CA ALA B 61 -35.33 20.23 -3.89
C ALA B 61 -35.54 20.65 -5.33
N GLU B 62 -35.96 19.70 -6.16
CA GLU B 62 -36.24 19.99 -7.59
C GLU B 62 -37.49 19.24 -8.06
N ARG B 63 -38.19 19.85 -9.01
CA ARG B 63 -39.47 19.36 -9.50
C ARG B 63 -39.26 18.22 -10.51
N PHE B 64 -40.12 17.20 -10.40
CA PHE B 64 -40.10 16.04 -11.29
C PHE B 64 -41.29 16.15 -12.26
N ASN B 65 -41.04 15.96 -13.56
CA ASN B 65 -42.06 16.20 -14.61
C ASN B 65 -43.12 15.11 -14.76
N GLY B 66 -42.95 13.98 -14.08
CA GLY B 66 -43.99 12.96 -13.99
C GLY B 66 -43.74 11.69 -14.78
N GLU B 67 -42.64 11.63 -15.52
CA GLU B 67 -42.31 10.45 -16.32
C GLU B 67 -40.87 10.00 -16.10
N CYS B 68 -40.67 8.70 -15.92
CA CYS B 68 -39.34 8.10 -15.75
C CYS B 68 -38.73 7.79 -17.10
N SER B 69 -38.20 8.84 -17.75
CA SER B 69 -37.60 8.73 -19.08
C SER B 69 -36.13 9.05 -19.03
N HIS B 70 -35.39 8.57 -20.02
CA HIS B 70 -33.96 8.89 -20.15
C HIS B 70 -33.71 10.39 -20.21
N VAL B 71 -34.58 11.10 -20.95
CA VAL B 71 -34.50 12.57 -21.05
C VAL B 71 -34.65 13.24 -19.69
N GLU B 72 -35.64 12.79 -18.92
CA GLU B 72 -35.91 13.36 -17.59
C GLU B 72 -34.75 13.09 -16.63
N ILE B 73 -34.21 11.87 -16.66
CA ILE B 73 -33.04 11.50 -15.85
C ILE B 73 -31.87 12.44 -16.13
N ARG B 74 -31.54 12.59 -17.42
CA ARG B 74 -30.42 13.45 -17.84
C ARG B 74 -30.62 14.92 -17.51
N ARG B 75 -31.87 15.39 -17.54
CA ARG B 75 -32.20 16.78 -17.17
C ARG B 75 -31.92 17.03 -15.68
N LEU B 76 -32.36 16.07 -14.83
CA LEU B 76 -32.19 16.19 -13.37
C LEU B 76 -30.75 15.96 -12.92
N ILE B 77 -30.05 15.03 -13.58
CA ILE B 77 -28.62 14.83 -13.36
C ILE B 77 -27.83 16.13 -13.56
N ALA B 78 -28.10 16.82 -14.67
CA ALA B 78 -27.45 18.10 -14.98
C ALA B 78 -27.63 19.13 -13.87
N ILE B 79 -28.82 19.19 -13.27
CA ILE B 79 -29.08 20.10 -12.15
C ILE B 79 -28.38 19.59 -10.88
N LEU B 80 -28.39 18.27 -10.67
CA LEU B 80 -27.69 17.66 -9.55
C LEU B 80 -26.21 18.03 -9.54
N LYS B 81 -25.56 17.88 -10.70
CA LYS B 81 -24.14 18.23 -10.89
C LYS B 81 -23.83 19.69 -10.54
N GLN B 82 -24.72 20.59 -10.95
CA GLN B 82 -24.58 22.02 -10.70
C GLN B 82 -24.56 22.36 -9.21
N HIS B 83 -25.37 21.65 -8.42
CA HIS B 83 -25.43 21.83 -6.96
C HIS B 83 -24.43 20.98 -6.16
N GLY B 84 -23.91 19.91 -6.77
CA GLY B 84 -22.88 19.07 -6.15
C GLY B 84 -23.38 18.22 -5.00
N CYS B 85 -24.62 17.76 -5.10
CA CYS B 85 -25.27 17.01 -4.04
C CYS B 85 -24.74 15.57 -3.99
N ARG B 86 -24.56 15.06 -2.77
CA ARG B 86 -23.88 13.79 -2.55
C ARG B 86 -24.80 12.56 -2.43
N GLY B 87 -26.12 12.79 -2.40
CA GLY B 87 -27.10 11.70 -2.42
C GLY B 87 -28.35 12.09 -3.19
N VAL B 88 -29.26 11.13 -3.35
CA VAL B 88 -30.54 11.33 -4.04
C VAL B 88 -31.68 10.82 -3.17
N VAL B 89 -32.71 11.66 -2.98
CA VAL B 89 -33.97 11.24 -2.37
C VAL B 89 -35.08 11.35 -3.42
N GLY B 90 -35.86 10.28 -3.56
CA GLY B 90 -37.11 10.31 -4.33
C GLY B 90 -38.27 10.20 -3.36
N VAL B 91 -39.28 11.06 -3.55
CA VAL B 91 -40.52 11.03 -2.77
C VAL B 91 -41.69 10.93 -3.75
N GLY B 92 -42.61 10.00 -3.52
CA GLY B 92 -43.83 9.89 -4.34
C GLY B 92 -44.10 8.50 -4.88
N GLY B 93 -44.67 8.42 -6.08
CA GLY B 93 -45.07 7.15 -6.69
C GLY B 93 -43.94 6.49 -7.45
N GLY B 94 -44.27 5.39 -8.14
CA GLY B 94 -43.30 4.53 -8.81
C GLY B 94 -42.35 5.21 -9.78
N LYS B 95 -42.89 6.07 -10.65
CA LYS B 95 -42.08 6.74 -11.67
C LYS B 95 -41.06 7.70 -11.04
N THR B 96 -41.44 8.40 -9.97
CA THR B 96 -40.51 9.26 -9.23
C THR B 96 -39.37 8.47 -8.57
N LEU B 97 -39.73 7.37 -7.92
CA LEU B 97 -38.75 6.56 -7.19
C LEU B 97 -37.75 5.91 -8.13
N ASP B 98 -38.26 5.38 -9.25
CA ASP B 98 -37.42 4.76 -10.27
C ASP B 98 -36.44 5.73 -10.92
N THR B 99 -36.84 6.99 -11.07
CA THR B 99 -35.94 8.03 -11.58
C THR B 99 -34.84 8.39 -10.59
N ALA B 100 -35.17 8.37 -9.30
CA ALA B 100 -34.18 8.58 -8.26
C ALA B 100 -33.12 7.47 -8.22
N LYS B 101 -33.54 6.23 -8.51
CA LYS B 101 -32.62 5.08 -8.58
C LYS B 101 -31.63 5.20 -9.74
N ALA B 102 -32.15 5.60 -10.90
CA ALA B 102 -31.33 5.80 -12.09
C ALA B 102 -30.28 6.88 -11.89
N ILE B 103 -30.70 8.01 -11.32
CA ILE B 103 -29.80 9.13 -11.00
C ILE B 103 -28.68 8.66 -10.06
N GLY B 104 -29.04 7.89 -9.03
CA GLY B 104 -28.07 7.34 -8.08
C GLY B 104 -27.09 6.38 -8.73
N TYR B 105 -27.61 5.53 -9.63
CA TYR B 105 -26.78 4.61 -10.39
C TYR B 105 -25.76 5.32 -11.29
N TYR B 106 -26.24 6.19 -12.18
CA TYR B 106 -25.36 6.86 -13.14
C TYR B 106 -24.34 7.81 -12.49
N GLN B 107 -24.69 8.39 -11.33
CA GLN B 107 -23.80 9.29 -10.59
C GLN B 107 -23.01 8.59 -9.46
N LYS B 108 -23.23 7.29 -9.26
CA LYS B 108 -22.60 6.53 -8.18
C LYS B 108 -22.88 7.18 -6.82
N LEU B 109 -24.16 7.42 -6.53
CA LEU B 109 -24.60 8.06 -5.29
C LEU B 109 -25.58 7.17 -4.53
N PRO B 110 -25.64 7.33 -3.19
CA PRO B 110 -26.63 6.62 -2.40
C PRO B 110 -28.06 7.12 -2.68
N VAL B 111 -29.02 6.21 -2.53
CA VAL B 111 -30.41 6.44 -2.91
C VAL B 111 -31.30 6.21 -1.70
N VAL B 112 -32.23 7.14 -1.48
CA VAL B 112 -33.31 6.99 -0.51
C VAL B 112 -34.61 7.06 -1.30
N VAL B 113 -35.49 6.08 -1.08
CA VAL B 113 -36.82 6.10 -1.71
C VAL B 113 -37.88 6.21 -0.62
N ILE B 114 -38.84 7.11 -0.81
CA ILE B 114 -39.88 7.38 0.17
C ILE B 114 -41.24 7.26 -0.50
N PRO B 115 -41.75 6.02 -0.65
CA PRO B 115 -43.09 5.85 -1.22
C PRO B 115 -44.17 6.45 -0.36
N THR B 116 -44.99 7.32 -0.96
CA THR B 116 -46.17 7.88 -0.31
C THR B 116 -47.43 7.00 -0.49
N ILE B 117 -47.31 5.93 -1.28
CA ILE B 117 -48.38 4.97 -1.53
C ILE B 117 -47.80 3.55 -1.48
N ALA B 118 -48.59 2.58 -1.02
CA ALA B 118 -48.13 1.17 -0.88
C ALA B 118 -48.81 0.27 -1.90
N SER B 119 -48.59 0.56 -3.18
CA SER B 119 -49.33 -0.08 -4.27
C SER B 119 -48.53 -1.07 -5.14
N THR B 120 -47.21 -1.10 -4.96
CA THR B 120 -46.33 -2.03 -5.67
C THR B 120 -45.21 -2.49 -4.73
N ASP B 121 -44.47 -3.51 -5.17
CA ASP B 121 -43.29 -4.02 -4.45
C ASP B 121 -41.98 -3.59 -5.13
N ALA B 122 -42.08 -2.63 -6.04
CA ALA B 122 -40.93 -2.04 -6.72
C ALA B 122 -39.95 -1.29 -5.82
N PRO B 123 -40.44 -0.53 -4.80
CA PRO B 123 -39.54 0.35 -4.03
C PRO B 123 -38.20 -0.26 -3.53
N THR B 124 -38.21 -1.52 -3.08
CA THR B 124 -37.02 -2.19 -2.58
C THR B 124 -36.10 -2.75 -3.68
N SER B 125 -36.63 -2.95 -4.89
CA SER B 125 -35.89 -3.59 -5.97
C SER B 125 -34.78 -2.71 -6.57
N ALA B 126 -33.81 -3.38 -7.17
CA ALA B 126 -32.75 -2.74 -7.95
C ALA B 126 -33.21 -2.67 -9.40
N LEU B 127 -34.33 -1.97 -9.60
CA LEU B 127 -35.04 -2.00 -10.88
C LEU B 127 -35.70 -0.64 -11.13
N SER B 128 -35.65 -0.19 -12.37
CA SER B 128 -36.39 0.97 -12.83
C SER B 128 -37.13 0.62 -14.11
N VAL B 129 -38.39 1.04 -14.21
CA VAL B 129 -39.18 0.86 -15.42
C VAL B 129 -39.08 2.15 -16.22
N ILE B 130 -38.39 2.07 -17.37
CA ILE B 130 -38.11 3.25 -18.19
C ILE B 130 -39.19 3.41 -19.26
N TYR B 131 -39.66 4.65 -19.41
CA TYR B 131 -40.73 5.02 -20.33
C TYR B 131 -40.21 6.08 -21.29
N THR B 132 -40.88 6.25 -22.42
CA THR B 132 -40.60 7.37 -23.33
C THR B 132 -41.27 8.62 -22.72
N GLU B 133 -41.00 9.79 -23.29
CA GLU B 133 -41.63 11.03 -22.83
C GLU B 133 -43.16 10.98 -22.99
N ALA B 134 -43.62 10.37 -24.08
CA ALA B 134 -45.06 10.18 -24.34
C ALA B 134 -45.76 9.20 -23.38
N GLY B 135 -45.00 8.30 -22.75
CA GLY B 135 -45.54 7.35 -21.77
C GLY B 135 -45.57 5.89 -22.18
N GLU B 136 -45.06 5.56 -23.37
CA GLU B 136 -44.89 4.16 -23.78
C GLU B 136 -43.64 3.53 -23.12
N PHE B 137 -43.79 2.27 -22.72
CA PHE B 137 -42.68 1.49 -22.15
C PHE B 137 -41.51 1.39 -23.15
N GLU B 138 -40.29 1.53 -22.64
CA GLU B 138 -39.07 1.47 -23.45
C GLU B 138 -38.19 0.27 -23.07
N GLU B 139 -37.77 0.21 -21.80
CA GLU B 139 -36.88 -0.86 -21.33
C GLU B 139 -36.89 -0.97 -19.80
N TYR B 140 -36.15 -1.96 -19.29
CA TYR B 140 -35.85 -2.11 -17.87
C TYR B 140 -34.38 -1.84 -17.62
N LEU B 141 -34.07 -1.01 -16.63
CA LEU B 141 -32.71 -0.88 -16.10
C LEU B 141 -32.60 -1.62 -14.78
N ILE B 142 -31.87 -2.73 -14.80
CA ILE B 142 -31.57 -3.51 -13.61
C ILE B 142 -30.22 -3.04 -13.10
N TYR B 143 -30.16 -2.65 -11.83
CA TYR B 143 -28.94 -2.13 -11.22
C TYR B 143 -28.21 -3.20 -10.41
N PRO B 144 -26.90 -3.02 -10.21
CA PRO B 144 -26.14 -3.88 -9.27
C PRO B 144 -26.58 -3.73 -7.82
N LYS B 145 -27.08 -2.54 -7.46
CA LYS B 145 -27.33 -2.17 -6.07
C LYS B 145 -28.80 -1.84 -5.83
N ASN B 146 -29.34 -2.28 -4.69
CA ASN B 146 -30.68 -1.87 -4.24
C ASN B 146 -30.59 -0.47 -3.65
N PRO B 147 -31.75 0.22 -3.49
CA PRO B 147 -31.73 1.49 -2.75
C PRO B 147 -31.07 1.33 -1.38
N ASP B 148 -30.31 2.35 -0.97
CA ASP B 148 -29.61 2.31 0.31
C ASP B 148 -30.60 2.44 1.48
N MET B 149 -31.69 3.18 1.27
CA MET B 149 -32.77 3.28 2.25
C MET B 149 -34.14 3.25 1.60
N VAL B 150 -35.10 2.62 2.31
CA VAL B 150 -36.51 2.59 1.92
C VAL B 150 -37.30 3.07 3.13
N VAL B 151 -38.03 4.18 2.99
CA VAL B 151 -38.69 4.84 4.13
C VAL B 151 -40.21 4.89 3.88
N MET B 152 -40.95 4.22 4.75
CA MET B 152 -42.40 4.07 4.61
C MET B 152 -43.08 4.81 5.75
N ASP B 153 -43.59 6.01 5.46
CA ASP B 153 -44.35 6.78 6.44
C ASP B 153 -45.80 6.33 6.34
N THR B 154 -46.22 5.53 7.33
CA THR B 154 -47.53 4.89 7.30
C THR B 154 -48.69 5.85 7.63
N ALA B 155 -48.38 7.01 8.20
CA ALA B 155 -49.38 8.09 8.39
C ALA B 155 -49.75 8.71 7.06
N ILE B 156 -48.76 8.86 6.17
CA ILE B 156 -48.98 9.39 4.81
C ILE B 156 -49.63 8.32 3.92
N ILE B 157 -49.13 7.10 4.00
CA ILE B 157 -49.65 6.00 3.17
C ILE B 157 -51.11 5.67 3.51
N ALA B 158 -51.46 5.68 4.80
CA ALA B 158 -52.83 5.47 5.26
C ALA B 158 -53.85 6.42 4.61
N LYS B 159 -53.45 7.67 4.37
CA LYS B 159 -54.35 8.69 3.79
C LYS B 159 -54.51 8.63 2.27
N ALA B 160 -53.69 7.82 1.59
CA ALA B 160 -53.84 7.58 0.15
C ALA B 160 -55.13 6.81 -0.16
N PRO B 161 -55.69 6.98 -1.38
CA PRO B 161 -56.91 6.26 -1.76
C PRO B 161 -56.81 4.75 -1.52
N VAL B 162 -57.86 4.18 -0.94
CA VAL B 162 -57.87 2.77 -0.52
C VAL B 162 -57.53 1.82 -1.66
N ARG B 163 -58.04 2.14 -2.85
CA ARG B 163 -57.79 1.36 -4.08
C ARG B 163 -56.31 1.05 -4.34
N LEU B 164 -55.43 2.01 -4.03
CA LEU B 164 -54.00 1.83 -4.23
C LEU B 164 -53.41 0.78 -3.29
N LEU B 165 -53.80 0.81 -2.01
CA LEU B 165 -53.38 -0.21 -1.05
C LEU B 165 -53.89 -1.61 -1.44
N VAL B 166 -55.11 -1.68 -1.96
CA VAL B 166 -55.70 -2.95 -2.45
C VAL B 166 -54.94 -3.47 -3.68
N SER B 167 -54.59 -2.57 -4.59
CA SER B 167 -53.76 -2.97 -5.75
C SER B 167 -52.39 -3.49 -5.28
N GLY B 168 -51.85 -2.90 -4.21
CA GLY B 168 -50.63 -3.38 -3.57
C GLY B 168 -50.72 -4.78 -3.02
N MET B 169 -51.87 -5.12 -2.45
CA MET B 169 -52.13 -6.48 -1.97
C MET B 169 -52.30 -7.48 -3.12
N GLY B 170 -52.82 -7.02 -4.24
CA GLY B 170 -52.92 -7.82 -5.45
C GLY B 170 -51.56 -8.15 -6.04
N ASP B 171 -50.62 -7.21 -5.99
CA ASP B 171 -49.25 -7.41 -6.46
C ASP B 171 -48.50 -8.37 -5.53
N ALA B 172 -48.80 -8.26 -4.24
CA ALA B 172 -48.15 -9.04 -3.21
C ALA B 172 -48.66 -10.50 -3.13
N LEU B 173 -49.96 -10.68 -3.39
CA LEU B 173 -50.59 -12.01 -3.46
C LEU B 173 -49.91 -12.97 -4.43
N SER B 174 -49.35 -12.43 -5.52
CA SER B 174 -48.63 -13.25 -6.50
C SER B 174 -47.26 -13.76 -6.06
N THR B 175 -46.72 -13.21 -4.99
CA THR B 175 -45.29 -13.39 -4.68
C THR B 175 -44.98 -14.82 -4.28
N TRP B 176 -45.75 -15.37 -3.35
CA TRP B 176 -45.60 -16.77 -2.93
C TRP B 176 -45.72 -17.77 -4.08
N PHE B 177 -46.69 -17.56 -4.97
CA PHE B 177 -46.98 -18.54 -6.01
C PHE B 177 -45.94 -18.57 -7.11
N GLU B 178 -45.43 -17.39 -7.46
CA GLU B 178 -44.34 -17.26 -8.44
C GLU B 178 -42.98 -17.62 -7.85
N ALA B 179 -42.76 -17.24 -6.60
CA ALA B 179 -41.52 -17.62 -5.90
C ALA B 179 -41.45 -19.13 -5.82
N LYS B 180 -42.50 -19.74 -5.27
CA LYS B 180 -42.58 -21.21 -5.09
C LYS B 180 -42.49 -21.99 -6.41
N ALA B 181 -43.00 -21.41 -7.49
CA ALA B 181 -42.90 -21.99 -8.83
C ALA B 181 -41.48 -21.93 -9.39
N CYS B 182 -40.77 -20.84 -9.11
CA CYS B 182 -39.35 -20.73 -9.45
C CYS B 182 -38.48 -21.66 -8.60
N TYR B 183 -38.84 -21.79 -7.31
CA TYR B 183 -38.13 -22.71 -6.40
C TYR B 183 -38.26 -24.15 -6.88
N ASP B 184 -39.48 -24.58 -7.18
CA ASP B 184 -39.72 -25.92 -7.73
C ASP B 184 -39.07 -26.13 -9.10
N ALA B 185 -39.07 -25.09 -9.93
CA ALA B 185 -38.44 -25.16 -11.25
C ALA B 185 -36.93 -25.08 -11.25
N ARG B 186 -36.35 -24.66 -10.13
CA ARG B 186 -34.92 -24.34 -10.04
C ARG B 186 -34.57 -23.24 -11.03
N ALA B 187 -35.42 -22.22 -11.07
CA ALA B 187 -35.28 -21.10 -12.00
C ALA B 187 -34.49 -19.97 -11.35
N THR B 188 -33.62 -19.34 -12.14
CA THR B 188 -32.79 -18.23 -11.67
C THR B 188 -33.63 -16.96 -11.44
N SER B 189 -33.31 -16.23 -10.38
CA SER B 189 -33.95 -14.95 -10.07
C SER B 189 -33.09 -13.77 -10.52
N MET B 190 -33.63 -12.55 -10.37
CA MET B 190 -32.92 -11.32 -10.69
C MET B 190 -31.68 -11.10 -9.84
N ALA B 191 -31.69 -11.62 -8.61
CA ALA B 191 -30.52 -11.67 -7.75
C ALA B 191 -29.36 -12.41 -8.40
N GLY B 192 -29.67 -13.40 -9.24
CA GLY B 192 -28.69 -14.02 -10.13
C GLY B 192 -28.46 -15.52 -9.94
N GLY B 193 -29.09 -16.13 -8.92
CA GLY B 193 -28.94 -17.57 -8.66
C GLY B 193 -30.23 -18.25 -8.24
N GLN B 194 -30.10 -19.38 -7.56
CA GLN B 194 -31.25 -20.07 -7.00
C GLN B 194 -31.75 -19.31 -5.77
N SER B 195 -32.93 -19.69 -5.27
CA SER B 195 -33.50 -19.03 -4.10
C SER B 195 -32.89 -19.56 -2.81
N THR B 196 -32.60 -18.63 -1.91
CA THR B 196 -32.33 -18.96 -0.53
C THR B 196 -33.65 -19.36 0.12
N GLU B 197 -33.59 -20.07 1.24
CA GLU B 197 -34.79 -20.36 2.02
C GLU B 197 -35.36 -19.07 2.61
N ALA B 198 -34.46 -18.15 3.00
CA ALA B 198 -34.84 -16.82 3.50
C ALA B 198 -35.85 -16.09 2.62
N ALA B 199 -35.50 -15.96 1.34
CA ALA B 199 -36.33 -15.27 0.35
C ALA B 199 -37.68 -15.95 0.12
N LEU B 200 -37.64 -17.28 0.03
CA LEU B 200 -38.86 -18.09 -0.13
C LEU B 200 -39.75 -18.06 1.11
N SER B 201 -39.14 -18.09 2.29
CA SER B 201 -39.88 -17.97 3.56
C SER B 201 -40.62 -16.64 3.66
N LEU B 202 -39.96 -15.56 3.25
CA LEU B 202 -40.56 -14.23 3.25
C LEU B 202 -41.65 -14.09 2.19
N ALA B 203 -41.45 -14.74 1.05
CA ALA B 203 -42.50 -14.91 0.04
C ALA B 203 -43.76 -15.55 0.61
N ARG B 204 -43.60 -16.60 1.43
CA ARG B 204 -44.72 -17.30 2.06
C ARG B 204 -45.35 -16.45 3.15
N LEU B 205 -44.52 -15.81 3.97
CA LEU B 205 -45.01 -14.90 5.00
C LEU B 205 -45.85 -13.77 4.39
N CYS B 206 -45.43 -13.25 3.26
CA CYS B 206 -46.22 -12.27 2.51
C CYS B 206 -47.66 -12.74 2.32
N TYR B 207 -47.80 -13.96 1.80
CA TYR B 207 -49.10 -14.57 1.50
C TYR B 207 -49.94 -14.81 2.75
N ASP B 208 -49.34 -15.38 3.81
CA ASP B 208 -50.07 -15.63 5.07
C ASP B 208 -50.50 -14.34 5.76
N THR B 209 -49.66 -13.31 5.63
CA THR B 209 -49.96 -11.99 6.17
C THR B 209 -51.16 -11.33 5.45
N LEU B 210 -51.22 -11.45 4.13
CA LEU B 210 -52.39 -10.94 3.39
C LEU B 210 -53.68 -11.57 3.88
N LEU B 211 -53.70 -12.90 4.04
CA LEU B 211 -54.89 -13.61 4.49
C LEU B 211 -55.25 -13.25 5.94
N ALA B 212 -54.24 -13.13 6.80
CA ALA B 212 -54.47 -12.79 8.20
C ALA B 212 -54.88 -11.33 8.40
N GLU B 213 -54.18 -10.42 7.73
CA GLU B 213 -54.26 -8.97 8.01
C GLU B 213 -54.94 -8.12 6.93
N GLY B 214 -55.13 -8.67 5.74
CA GLY B 214 -55.59 -7.90 4.58
C GLY B 214 -56.89 -7.16 4.76
N GLU B 215 -57.88 -7.80 5.37
CA GLU B 215 -59.19 -7.19 5.58
C GLU B 215 -59.16 -6.14 6.69
N LYS B 216 -58.51 -6.44 7.82
CA LYS B 216 -58.38 -5.46 8.91
C LYS B 216 -57.64 -4.20 8.46
N ALA B 217 -56.66 -4.38 7.57
CA ALA B 217 -55.89 -3.29 7.01
C ALA B 217 -56.71 -2.42 6.05
N ARG B 218 -57.44 -3.05 5.14
CA ARG B 218 -58.27 -2.35 4.16
C ARG B 218 -59.28 -1.40 4.80
N LEU B 219 -59.88 -1.82 5.90
CA LEU B 219 -60.87 -1.01 6.61
C LEU B 219 -60.23 0.16 7.34
N ALA B 220 -59.05 -0.07 7.93
CA ALA B 220 -58.25 1.02 8.50
C ALA B 220 -57.84 2.01 7.42
N ALA B 221 -57.40 1.50 6.27
CA ALA B 221 -57.10 2.33 5.11
C ALA B 221 -58.33 3.07 4.58
N GLN B 222 -59.49 2.41 4.58
CA GLN B 222 -60.74 3.06 4.22
C GLN B 222 -61.01 4.28 5.11
N ALA B 223 -60.81 4.12 6.42
CA ALA B 223 -60.98 5.23 7.38
C ALA B 223 -59.88 6.30 7.33
N GLY B 224 -58.76 6.00 6.67
CA GLY B 224 -57.63 6.93 6.54
C GLY B 224 -56.64 6.85 7.70
N VAL B 225 -56.62 5.72 8.40
CA VAL B 225 -56.05 5.63 9.76
C VAL B 225 -55.00 4.51 9.87
N VAL B 226 -54.12 4.63 10.87
CA VAL B 226 -52.99 3.69 11.05
C VAL B 226 -53.30 2.71 12.18
N THR B 227 -53.46 1.42 11.81
CA THR B 227 -53.52 0.31 12.77
C THR B 227 -52.33 -0.60 12.55
N ASP B 228 -52.09 -1.56 13.46
CA ASP B 228 -50.94 -2.48 13.28
C ASP B 228 -51.21 -3.52 12.18
N ALA B 229 -52.46 -3.70 11.77
CA ALA B 229 -52.79 -4.55 10.60
C ALA B 229 -52.35 -3.90 9.30
N LEU B 230 -52.52 -2.58 9.21
CA LEU B 230 -52.02 -1.80 8.09
C LEU B 230 -50.49 -1.80 8.05
N GLU B 231 -49.86 -1.72 9.22
CA GLU B 231 -48.39 -1.77 9.31
C GLU B 231 -47.88 -3.10 8.78
N ARG B 232 -48.56 -4.20 9.13
CA ARG B 232 -48.19 -5.54 8.67
C ARG B 232 -48.37 -5.68 7.16
N ILE B 233 -49.46 -5.13 6.64
CA ILE B 233 -49.76 -5.17 5.20
C ILE B 233 -48.83 -4.28 4.39
N ILE B 234 -48.48 -3.11 4.90
CA ILE B 234 -47.49 -2.23 4.25
C ILE B 234 -46.12 -2.93 4.15
N GLU B 235 -45.74 -3.69 5.18
CA GLU B 235 -44.50 -4.46 5.15
C GLU B 235 -44.60 -5.63 4.18
N ALA B 236 -45.72 -6.34 4.22
CA ALA B 236 -46.01 -7.40 3.26
C ALA B 236 -45.92 -6.89 1.82
N ASN B 237 -46.61 -5.78 1.56
CA ASN B 237 -46.65 -5.15 0.22
C ASN B 237 -45.31 -4.63 -0.27
N THR B 238 -44.41 -4.25 0.65
CA THR B 238 -43.16 -3.58 0.28
C THR B 238 -41.92 -4.43 0.51
N TYR B 239 -41.65 -4.82 1.75
CA TYR B 239 -40.43 -5.57 2.06
C TYR B 239 -40.58 -7.06 1.73
N LEU B 240 -41.66 -7.69 2.19
CA LEU B 240 -41.82 -9.14 2.02
C LEU B 240 -42.03 -9.53 0.56
N SER B 241 -42.83 -8.73 -0.16
CA SER B 241 -43.10 -9.00 -1.56
C SER B 241 -41.89 -8.64 -2.42
N GLY B 242 -41.21 -7.55 -2.06
CA GLY B 242 -40.02 -7.07 -2.75
C GLY B 242 -38.82 -8.01 -2.75
N ILE B 243 -38.47 -8.51 -1.56
CA ILE B 243 -37.44 -9.55 -1.43
C ILE B 243 -37.91 -10.82 -2.13
N GLY B 244 -39.19 -11.14 -1.95
CA GLY B 244 -39.82 -12.28 -2.58
C GLY B 244 -39.68 -12.38 -4.10
N PHE B 245 -39.98 -11.31 -4.82
CA PHE B 245 -39.94 -11.37 -6.30
C PHE B 245 -38.52 -11.31 -6.85
N GLU B 246 -37.69 -10.45 -6.27
CA GLU B 246 -36.35 -10.17 -6.80
C GLU B 246 -35.36 -11.31 -6.51
N SER B 247 -35.44 -11.89 -5.32
CA SER B 247 -34.50 -12.92 -4.86
C SER B 247 -35.06 -14.35 -4.82
N SER B 248 -36.38 -14.51 -5.01
CA SER B 248 -36.97 -15.86 -5.15
C SER B 248 -37.42 -16.09 -6.59
N GLY B 249 -38.17 -15.15 -7.17
CA GLY B 249 -38.47 -15.14 -8.62
C GLY B 249 -39.90 -14.77 -9.03
N LEU B 250 -40.01 -14.27 -10.27
CA LEU B 250 -41.28 -14.06 -10.97
C LEU B 250 -41.57 -15.25 -11.88
N ALA B 251 -42.83 -15.45 -12.23
CA ALA B 251 -43.23 -16.59 -13.05
C ALA B 251 -44.47 -16.26 -13.90
N ALA B 252 -45.53 -17.08 -13.88
CA ALA B 252 -46.64 -16.92 -14.80
C ALA B 252 -47.45 -15.64 -14.61
N ALA B 253 -47.81 -15.35 -13.36
CA ALA B 253 -48.68 -14.22 -13.03
C ALA B 253 -48.26 -12.88 -13.63
N HIS B 254 -46.98 -12.57 -13.56
CA HIS B 254 -46.42 -11.30 -14.05
C HIS B 254 -46.21 -11.31 -15.57
N ALA B 255 -45.89 -12.47 -16.14
CA ALA B 255 -45.90 -12.64 -17.60
C ALA B 255 -47.30 -12.39 -18.18
N ILE B 256 -48.35 -12.90 -17.52
CA ILE B 256 -49.73 -12.71 -17.98
C ILE B 256 -50.12 -11.23 -17.85
N HIS B 257 -49.75 -10.59 -16.74
CA HIS B 257 -49.91 -9.14 -16.58
C HIS B 257 -49.36 -8.40 -17.78
N ASN B 258 -48.14 -8.77 -18.21
CA ASN B 258 -47.51 -8.13 -19.37
C ASN B 258 -48.25 -8.47 -20.67
N GLY B 259 -48.77 -9.68 -20.77
CA GLY B 259 -49.66 -10.07 -21.85
C GLY B 259 -50.92 -9.22 -21.98
N PHE B 260 -51.50 -8.82 -20.84
CA PHE B 260 -52.73 -8.00 -20.82
C PHE B 260 -52.54 -6.54 -21.22
N THR B 261 -51.31 -6.04 -21.21
CA THR B 261 -51.05 -4.64 -21.57
C THR B 261 -51.29 -4.33 -23.06
N ILE B 262 -51.41 -5.37 -23.89
CA ILE B 262 -51.73 -5.20 -25.33
C ILE B 262 -53.21 -4.79 -25.57
N LEU B 263 -54.07 -5.03 -24.58
CA LEU B 263 -55.49 -4.65 -24.68
C LEU B 263 -55.71 -3.31 -24.00
N GLU B 264 -56.24 -2.35 -24.76
CA GLU B 264 -56.42 -0.97 -24.29
C GLU B 264 -57.51 -0.86 -23.21
N GLU B 265 -58.50 -1.75 -23.25
CA GLU B 265 -59.54 -1.85 -22.21
C GLU B 265 -59.00 -2.11 -20.78
N CYS B 266 -57.82 -2.73 -20.68
CA CYS B 266 -57.15 -2.96 -19.39
C CYS B 266 -56.28 -1.80 -18.89
N HIS B 267 -56.10 -0.73 -19.69
CA HIS B 267 -55.20 0.37 -19.32
C HIS B 267 -55.70 1.19 -18.11
N HIS B 268 -57.00 1.16 -17.83
CA HIS B 268 -57.54 1.79 -16.61
C HIS B 268 -57.21 1.03 -15.30
N LEU B 269 -56.75 -0.22 -15.39
CA LEU B 269 -56.40 -1.02 -14.21
C LEU B 269 -54.97 -0.79 -13.76
N TYR B 270 -54.75 -0.82 -12.46
CA TYR B 270 -53.40 -0.66 -11.91
C TYR B 270 -52.64 -1.98 -12.01
N HIS B 271 -51.32 -1.86 -11.94
CA HIS B 271 -50.38 -2.99 -12.01
C HIS B 271 -50.80 -4.23 -11.21
N GLY B 272 -51.06 -4.02 -9.93
CA GLY B 272 -51.34 -5.12 -9.01
C GLY B 272 -52.69 -5.77 -9.16
N GLU B 273 -53.67 -5.02 -9.67
CA GLU B 273 -55.00 -5.56 -9.97
C GLU B 273 -54.94 -6.61 -11.07
N LYS B 274 -54.19 -6.30 -12.12
CA LYS B 274 -53.95 -7.25 -13.22
C LYS B 274 -53.15 -8.47 -12.78
N VAL B 275 -52.22 -8.27 -11.84
CA VAL B 275 -51.42 -9.35 -11.26
C VAL B 275 -52.29 -10.29 -10.42
N ALA B 276 -53.28 -9.74 -9.74
CA ALA B 276 -54.20 -10.55 -8.93
C ALA B 276 -54.96 -11.55 -9.79
N PHE B 277 -55.46 -11.09 -10.94
CA PHE B 277 -56.09 -11.99 -11.90
C PHE B 277 -55.08 -12.96 -12.52
N GLY B 278 -53.90 -12.45 -12.85
CA GLY B 278 -52.81 -13.27 -13.36
C GLY B 278 -52.38 -14.39 -12.43
N THR B 279 -52.44 -14.14 -11.12
CA THR B 279 -52.21 -15.16 -10.10
C THR B 279 -53.26 -16.25 -10.15
N LEU B 280 -54.51 -15.85 -10.34
CA LEU B 280 -55.62 -16.78 -10.48
C LEU B 280 -55.45 -17.66 -11.72
N ALA B 281 -55.00 -17.06 -12.81
CA ALA B 281 -54.66 -17.80 -14.02
C ALA B 281 -53.51 -18.77 -13.78
N GLN B 282 -52.50 -18.37 -12.99
CA GLN B 282 -51.40 -19.27 -12.63
C GLN B 282 -51.85 -20.46 -11.81
N LEU B 283 -52.82 -20.28 -10.92
CA LEU B 283 -53.34 -21.39 -10.09
C LEU B 283 -54.01 -22.49 -10.93
N VAL B 284 -54.78 -22.08 -11.93
CA VAL B 284 -55.40 -22.98 -12.88
C VAL B 284 -54.35 -23.64 -13.77
N LEU B 285 -53.29 -22.88 -14.07
CA LEU B 285 -52.17 -23.32 -14.90
C LEU B 285 -51.35 -24.43 -14.24
N GLN B 286 -50.98 -24.22 -12.97
CA GLN B 286 -50.24 -25.23 -12.19
C GLN B 286 -51.15 -26.25 -11.48
N ASN B 287 -52.47 -26.13 -11.70
CA ASN B 287 -53.46 -27.04 -11.12
C ASN B 287 -53.36 -27.10 -9.59
N SER B 288 -53.47 -25.94 -8.97
CA SER B 288 -53.55 -25.87 -7.53
C SER B 288 -54.89 -26.45 -7.10
N PRO B 289 -54.97 -27.02 -5.89
CA PRO B 289 -56.24 -27.63 -5.47
C PRO B 289 -57.37 -26.60 -5.32
N MET B 290 -58.61 -27.09 -5.28
CA MET B 290 -59.77 -26.20 -5.30
C MET B 290 -59.83 -25.29 -4.08
N GLU B 291 -59.58 -25.84 -2.91
CA GLU B 291 -59.59 -25.07 -1.65
C GLU B 291 -58.60 -23.89 -1.66
N GLU B 292 -57.49 -24.06 -2.37
CA GLU B 292 -56.51 -23.01 -2.56
C GLU B 292 -57.04 -21.95 -3.53
N ILE B 293 -57.63 -22.40 -4.63
CA ILE B 293 -58.30 -21.48 -5.56
C ILE B 293 -59.38 -20.67 -4.83
N GLU B 294 -60.15 -21.34 -3.96
CA GLU B 294 -61.23 -20.69 -3.21
C GLU B 294 -60.78 -19.67 -2.14
N THR B 295 -59.65 -19.94 -1.48
CA THR B 295 -59.08 -18.95 -0.54
C THR B 295 -58.61 -17.67 -1.26
N VAL B 296 -58.05 -17.82 -2.45
CA VAL B 296 -57.59 -16.68 -3.26
C VAL B 296 -58.76 -15.92 -3.88
N LEU B 297 -59.72 -16.63 -4.44
CA LEU B 297 -60.97 -16.03 -4.91
C LEU B 297 -61.67 -15.27 -3.79
N GLY B 298 -61.79 -15.93 -2.63
CA GLY B 298 -62.39 -15.33 -1.44
C GLY B 298 -61.69 -14.08 -0.97
N PHE B 299 -60.36 -14.11 -0.96
CA PHE B 299 -59.55 -12.94 -0.62
C PHE B 299 -59.79 -11.80 -1.60
N CYS B 300 -59.64 -12.09 -2.89
CA CYS B 300 -59.82 -11.10 -3.96
C CYS B 300 -61.21 -10.42 -3.94
N GLU B 301 -62.28 -11.21 -3.87
CA GLU B 301 -63.64 -10.66 -3.82
C GLU B 301 -63.85 -9.71 -2.63
N LYS B 302 -63.33 -10.15 -1.49
CA LYS B 302 -63.51 -9.48 -0.21
C LYS B 302 -62.82 -8.13 -0.19
N VAL B 303 -61.60 -8.06 -0.71
CA VAL B 303 -60.85 -6.80 -0.74
C VAL B 303 -61.16 -5.89 -1.93
N GLY B 304 -61.61 -6.47 -3.06
CA GLY B 304 -61.98 -5.71 -4.26
C GLY B 304 -61.00 -5.82 -5.42
N LEU B 305 -60.54 -7.03 -5.68
CA LEU B 305 -59.61 -7.33 -6.78
C LEU B 305 -60.33 -8.15 -7.84
N PRO B 306 -59.99 -7.94 -9.13
CA PRO B 306 -60.72 -8.62 -10.21
C PRO B 306 -60.50 -10.13 -10.28
N VAL B 307 -61.59 -10.90 -10.33
CA VAL B 307 -61.52 -12.35 -10.51
C VAL B 307 -62.12 -12.83 -11.85
N THR B 308 -62.54 -11.88 -12.70
CA THR B 308 -63.16 -12.19 -13.99
C THR B 308 -62.65 -11.20 -15.03
N LEU B 309 -62.69 -11.63 -16.28
CA LEU B 309 -62.31 -10.77 -17.39
C LEU B 309 -63.16 -9.51 -17.46
N ALA B 310 -64.46 -9.62 -17.18
CA ALA B 310 -65.38 -8.47 -17.20
C ALA B 310 -64.99 -7.38 -16.20
N GLN B 311 -64.57 -7.78 -15.00
CA GLN B 311 -64.05 -6.81 -14.00
C GLN B 311 -62.76 -6.09 -14.42
N MET B 312 -62.05 -6.65 -15.40
CA MET B 312 -60.89 -6.03 -16.03
C MET B 312 -61.20 -5.28 -17.35
N GLY B 313 -62.48 -5.13 -17.69
CA GLY B 313 -62.89 -4.39 -18.88
C GLY B 313 -62.92 -5.16 -20.19
N VAL B 314 -62.68 -6.47 -20.15
CA VAL B 314 -62.73 -7.31 -21.35
C VAL B 314 -64.11 -7.97 -21.42
N LYS B 315 -64.97 -7.44 -22.28
CA LYS B 315 -66.36 -7.93 -22.43
C LYS B 315 -66.67 -8.60 -23.77
N GLU B 316 -65.97 -8.20 -24.83
CA GLU B 316 -66.26 -8.64 -26.20
C GLU B 316 -65.01 -9.15 -26.89
N GLY B 317 -65.20 -9.97 -27.92
CA GLY B 317 -64.10 -10.58 -28.68
C GLY B 317 -63.12 -11.37 -27.83
N ILE B 318 -63.63 -12.06 -26.81
CA ILE B 318 -62.81 -12.71 -25.77
C ILE B 318 -61.83 -13.74 -26.32
N ASP B 319 -62.31 -14.64 -27.17
CA ASP B 319 -61.48 -15.73 -27.68
C ASP B 319 -60.24 -15.19 -28.41
N ASP B 320 -60.44 -14.26 -29.32
CA ASP B 320 -59.34 -13.67 -30.09
C ASP B 320 -58.37 -12.85 -29.21
N LYS B 321 -58.92 -12.04 -28.31
CA LYS B 321 -58.11 -11.19 -27.42
C LYS B 321 -57.29 -11.98 -26.41
N ILE B 322 -57.87 -13.02 -25.84
CA ILE B 322 -57.15 -13.88 -24.88
C ILE B 322 -56.08 -14.71 -25.60
N ALA B 323 -56.33 -15.10 -26.86
CA ALA B 323 -55.31 -15.76 -27.67
C ALA B 323 -54.11 -14.84 -27.88
N ALA B 324 -54.36 -13.58 -28.20
CA ALA B 324 -53.29 -12.58 -28.36
C ALA B 324 -52.54 -12.31 -27.05
N VAL B 325 -53.27 -12.22 -25.94
CA VAL B 325 -52.69 -12.08 -24.59
C VAL B 325 -51.83 -13.30 -24.22
N ALA B 326 -52.30 -14.48 -24.63
CA ALA B 326 -51.57 -15.73 -24.42
C ALA B 326 -50.24 -15.82 -25.18
N LYS B 327 -50.23 -15.34 -26.43
CA LYS B 327 -49.00 -15.30 -27.25
C LYS B 327 -47.97 -14.37 -26.67
N ALA B 328 -48.40 -13.17 -26.30
CA ALA B 328 -47.51 -12.16 -25.74
C ALA B 328 -46.97 -12.56 -24.37
N THR B 329 -47.75 -13.35 -23.62
CA THR B 329 -47.31 -13.93 -22.36
C THR B 329 -46.13 -14.91 -22.54
N CYS B 330 -46.18 -15.72 -23.60
CA CYS B 330 -45.16 -16.76 -23.84
C CYS B 330 -44.00 -16.29 -24.73
N ALA B 331 -43.89 -14.99 -24.97
CA ALA B 331 -42.79 -14.40 -25.74
C ALA B 331 -41.44 -14.74 -25.11
N GLU B 332 -40.41 -14.85 -25.96
CA GLU B 332 -39.09 -15.21 -25.50
C GLU B 332 -38.56 -14.18 -24.50
N GLY B 333 -38.07 -14.66 -23.36
CA GLY B 333 -37.57 -13.79 -22.29
C GLY B 333 -38.57 -13.55 -21.16
N GLU B 334 -39.83 -13.94 -21.36
CA GLU B 334 -40.85 -13.77 -20.33
C GLU B 334 -40.67 -14.77 -19.21
N THR B 335 -41.18 -14.38 -18.04
CA THR B 335 -40.99 -15.13 -16.81
C THR B 335 -41.85 -16.39 -16.68
N ILE B 336 -42.80 -16.61 -17.59
CA ILE B 336 -43.62 -17.83 -17.56
C ILE B 336 -42.82 -19.13 -17.81
N HIS B 337 -41.68 -19.00 -18.48
CA HIS B 337 -40.78 -20.15 -18.70
C HIS B 337 -40.02 -20.57 -17.45
N ASN B 338 -40.16 -19.81 -16.37
CA ASN B 338 -39.73 -20.24 -15.03
C ASN B 338 -40.69 -21.23 -14.34
N MET B 339 -41.83 -21.56 -14.94
CA MET B 339 -42.73 -22.58 -14.36
C MET B 339 -42.07 -23.96 -14.43
N PRO B 340 -42.38 -24.84 -13.47
CA PRO B 340 -41.76 -26.17 -13.46
C PRO B 340 -42.38 -27.19 -14.44
N PHE B 341 -43.05 -26.71 -15.48
CA PHE B 341 -43.61 -27.57 -16.53
C PHE B 341 -43.65 -26.80 -17.85
N ALA B 342 -43.92 -27.51 -18.94
CA ALA B 342 -44.01 -26.90 -20.27
C ALA B 342 -45.22 -25.97 -20.35
N VAL B 343 -45.01 -24.73 -20.80
CA VAL B 343 -46.09 -23.79 -21.06
C VAL B 343 -46.14 -23.45 -22.54
N THR B 344 -47.36 -23.45 -23.11
CA THR B 344 -47.60 -23.06 -24.50
C THR B 344 -48.66 -21.96 -24.53
N PRO B 345 -48.71 -21.17 -25.62
CA PRO B 345 -49.78 -20.16 -25.71
C PRO B 345 -51.20 -20.74 -25.61
N GLU B 346 -51.39 -21.99 -26.03
CA GLU B 346 -52.68 -22.68 -25.89
C GLU B 346 -53.06 -22.92 -24.43
N GLN B 347 -52.08 -23.28 -23.61
CA GLN B 347 -52.36 -23.63 -22.21
C GLN B 347 -52.49 -22.39 -21.31
N VAL B 348 -51.91 -21.27 -21.69
CA VAL B 348 -52.19 -19.97 -21.03
C VAL B 348 -53.57 -19.42 -21.41
N HIS B 349 -53.96 -19.54 -22.68
CA HIS B 349 -55.31 -19.20 -23.14
C HIS B 349 -56.33 -20.00 -22.33
N ALA B 350 -56.11 -21.31 -22.26
CA ALA B 350 -56.92 -22.24 -21.46
C ALA B 350 -57.08 -21.82 -20.01
N ALA B 351 -55.96 -21.50 -19.37
CA ALA B 351 -55.96 -21.13 -17.96
C ALA B 351 -56.74 -19.85 -17.71
N ILE B 352 -56.53 -18.83 -18.56
CA ILE B 352 -57.22 -17.54 -18.43
C ILE B 352 -58.74 -17.71 -18.55
N LEU B 353 -59.21 -18.48 -19.53
CA LEU B 353 -60.64 -18.68 -19.73
C LEU B 353 -61.29 -19.48 -18.61
N THR B 354 -60.60 -20.51 -18.14
CA THR B 354 -61.10 -21.32 -17.03
C THR B 354 -61.12 -20.52 -15.73
N ALA B 355 -60.06 -19.75 -15.49
CA ALA B 355 -60.00 -18.85 -14.34
C ALA B 355 -61.17 -17.87 -14.32
N ASP B 356 -61.45 -17.28 -15.46
CA ASP B 356 -62.61 -16.38 -15.65
C ASP B 356 -63.91 -17.08 -15.24
N LEU B 357 -64.14 -18.29 -15.76
CA LEU B 357 -65.30 -19.08 -15.39
C LEU B 357 -65.33 -19.47 -13.91
N LEU B 358 -64.17 -19.70 -13.30
CA LEU B 358 -64.11 -19.93 -11.84
C LEU B 358 -64.53 -18.68 -11.06
N GLY B 359 -64.09 -17.51 -11.51
CA GLY B 359 -64.47 -16.24 -10.89
C GLY B 359 -65.92 -15.83 -11.09
N GLN B 360 -66.50 -16.13 -12.24
CA GLN B 360 -67.92 -15.90 -12.48
C GLN B 360 -68.78 -16.70 -11.51
N GLN B 361 -68.57 -18.00 -11.51
CA GLN B 361 -69.29 -18.91 -10.60
C GLN B 361 -69.18 -18.47 -9.13
N TRP B 362 -67.97 -18.06 -8.73
CA TRP B 362 -67.69 -17.60 -7.37
C TRP B 362 -68.47 -16.34 -6.99
N LEU B 363 -68.48 -15.37 -7.89
CA LEU B 363 -69.24 -14.13 -7.66
C LEU B 363 -70.77 -14.32 -7.67
N ALA B 364 -71.25 -15.39 -8.30
CA ALA B 364 -72.69 -15.66 -8.46
C ALA B 364 -73.28 -16.72 -7.52
N ARG B 365 -72.51 -17.14 -6.51
N ARG B 365 -72.51 -17.15 -6.52
CA ARG B 365 -72.86 -18.31 -5.69
CA ARG B 365 -72.86 -18.32 -5.70
C ARG B 365 -73.81 -17.94 -4.53
C ARG B 365 -73.77 -17.92 -4.53
N MET C 1 31.03 7.60 16.76
CA MET C 1 31.97 8.58 16.12
C MET C 1 32.76 7.98 14.94
N LEU C 2 32.04 7.20 14.13
CA LEU C 2 32.57 6.75 12.83
C LEU C 2 32.40 7.83 11.77
N LYS C 3 33.35 7.91 10.86
CA LYS C 3 33.23 8.74 9.67
C LYS C 3 32.66 7.88 8.55
N VAL C 4 31.68 8.41 7.82
CA VAL C 4 31.03 7.67 6.74
C VAL C 4 30.92 8.55 5.52
N ILE C 5 31.16 7.97 4.35
CA ILE C 5 30.89 8.59 3.06
C ILE C 5 30.22 7.53 2.18
N GLN C 6 29.18 7.92 1.45
CA GLN C 6 28.56 7.02 0.47
C GLN C 6 28.51 7.66 -0.90
N SER C 7 28.37 6.82 -1.91
CA SER C 7 28.44 7.25 -3.30
C SER C 7 27.64 6.31 -4.20
N PRO C 8 27.15 6.82 -5.34
CA PRO C 8 26.68 5.89 -6.37
C PRO C 8 27.86 5.12 -6.94
N GLY C 9 27.65 3.84 -7.28
CA GLY C 9 28.68 2.97 -7.84
C GLY C 9 29.48 3.58 -8.99
N LYS C 10 28.78 4.17 -9.94
CA LYS C 10 29.41 4.83 -11.11
C LYS C 10 28.66 6.10 -11.48
N TYR C 11 29.40 7.15 -11.84
CA TYR C 11 28.83 8.40 -12.32
C TYR C 11 29.44 8.71 -13.68
N LEU C 12 28.60 8.81 -14.71
CA LEU C 12 29.05 9.03 -16.10
C LEU C 12 28.61 10.39 -16.57
N GLN C 13 29.47 11.07 -17.34
CA GLN C 13 29.14 12.40 -17.84
C GLN C 13 29.89 12.78 -19.11
N GLY C 14 29.15 13.26 -20.11
CA GLY C 14 29.73 13.76 -21.35
C GLY C 14 28.70 13.83 -22.48
N PRO C 15 29.14 14.26 -23.67
CA PRO C 15 28.29 14.21 -24.85
C PRO C 15 27.84 12.78 -25.15
N ASP C 16 26.55 12.60 -25.47
CA ASP C 16 25.98 11.31 -25.87
C ASP C 16 26.08 10.21 -24.81
N ALA C 17 26.14 10.57 -23.54
CA ALA C 17 26.26 9.59 -22.46
C ALA C 17 25.03 8.66 -22.34
N SER C 18 23.87 9.15 -22.77
CA SER C 18 22.64 8.36 -22.71
C SER C 18 22.60 7.21 -23.74
N THR C 19 23.44 7.31 -24.77
CA THR C 19 23.62 6.25 -25.78
C THR C 19 24.93 5.46 -25.63
N LEU C 20 25.80 5.85 -24.68
CA LEU C 20 27.09 5.19 -24.46
C LEU C 20 27.20 4.42 -23.14
N PHE C 21 26.19 4.51 -22.27
CA PHE C 21 26.24 3.89 -20.93
C PHE C 21 25.91 2.40 -20.93
N GLY C 22 25.49 1.86 -22.08
CA GLY C 22 25.12 0.45 -22.17
C GLY C 22 26.23 -0.54 -21.83
N ALA C 23 27.47 -0.16 -22.15
CA ALA C 23 28.64 -0.99 -21.82
C ALA C 23 28.70 -1.33 -20.34
N TYR C 24 28.50 -0.32 -19.50
CA TYR C 24 28.55 -0.48 -18.05
C TYR C 24 27.26 -1.08 -17.50
N ALA C 25 26.12 -0.73 -18.11
CA ALA C 25 24.81 -1.22 -17.69
C ALA C 25 24.65 -2.72 -17.91
N LYS C 26 25.18 -3.21 -19.03
CA LYS C 26 25.21 -4.65 -19.34
C LYS C 26 25.68 -5.54 -18.18
N ASN C 27 26.68 -5.07 -17.43
CA ASN C 27 27.22 -5.81 -16.27
C ASN C 27 26.33 -5.74 -15.03
N LEU C 28 25.39 -4.80 -14.96
CA LEU C 28 24.43 -4.71 -13.84
C LEU C 28 23.26 -5.67 -13.98
N ALA C 29 22.73 -5.80 -15.19
CA ALA C 29 21.60 -6.68 -15.46
C ALA C 29 21.49 -7.01 -16.94
N GLU C 30 20.80 -8.10 -17.24
CA GLU C 30 20.53 -8.55 -18.62
C GLU C 30 19.29 -7.89 -19.23
N SER C 31 18.46 -7.24 -18.41
CA SER C 31 17.30 -6.52 -18.90
C SER C 31 16.90 -5.37 -17.98
N PHE C 32 16.25 -4.36 -18.57
CA PHE C 32 15.91 -3.13 -17.86
C PHE C 32 14.49 -2.65 -18.10
N PHE C 33 13.85 -2.20 -17.02
CA PHE C 33 12.55 -1.58 -17.04
C PHE C 33 12.74 -0.07 -17.08
N VAL C 34 12.45 0.54 -18.23
CA VAL C 34 12.75 1.95 -18.48
C VAL C 34 11.49 2.80 -18.29
N ILE C 35 11.57 3.87 -17.47
CA ILE C 35 10.44 4.79 -17.27
C ILE C 35 10.75 6.25 -17.60
N ALA C 36 9.74 6.94 -18.13
CA ALA C 36 9.82 8.36 -18.48
C ALA C 36 8.41 8.91 -18.77
N ASP C 37 8.23 10.21 -18.57
CA ASP C 37 7.01 10.88 -19.02
C ASP C 37 7.00 10.97 -20.55
N ASP C 38 5.86 11.33 -21.14
CA ASP C 38 5.72 11.29 -22.60
C ASP C 38 6.64 12.26 -23.31
N PHE C 39 6.79 13.46 -22.73
CA PHE C 39 7.72 14.46 -23.26
C PHE C 39 9.15 13.92 -23.34
N VAL C 40 9.62 13.36 -22.23
CA VAL C 40 10.98 12.84 -22.14
C VAL C 40 11.16 11.53 -22.94
N MET C 41 10.12 10.69 -22.97
CA MET C 41 10.16 9.45 -23.73
C MET C 41 10.39 9.68 -25.23
N LYS C 42 9.79 10.73 -25.79
CA LYS C 42 10.00 11.07 -27.20
C LYS C 42 11.34 11.79 -27.45
N LEU C 43 11.77 12.60 -26.49
CA LEU C 43 12.98 13.41 -26.62
C LEU C 43 14.25 12.56 -26.54
N ALA C 44 14.37 11.79 -25.46
CA ALA C 44 15.56 10.98 -25.19
C ALA C 44 15.30 9.49 -24.94
N GLY C 45 14.04 9.05 -24.86
CA GLY C 45 13.73 7.66 -24.56
C GLY C 45 14.09 6.72 -25.68
N ASP C 46 13.72 7.09 -26.90
CA ASP C 46 13.98 6.27 -28.09
C ASP C 46 15.47 6.04 -28.37
N LYS C 47 16.31 7.06 -28.11
CA LYS C 47 17.76 6.91 -28.26
C LYS C 47 18.35 5.96 -27.21
N VAL C 48 17.90 6.09 -25.96
CA VAL C 48 18.36 5.24 -24.85
C VAL C 48 18.05 3.78 -25.10
N LEU C 49 16.83 3.50 -25.55
CA LEU C 49 16.40 2.14 -25.86
C LEU C 49 17.23 1.53 -27.01
N ASN C 50 17.45 2.30 -28.07
CA ASN C 50 18.28 1.84 -29.21
C ASN C 50 19.72 1.52 -28.80
N GLY C 51 20.28 2.35 -27.91
CA GLY C 51 21.64 2.16 -27.40
C GLY C 51 21.78 0.95 -26.50
N LEU C 52 20.82 0.75 -25.61
CA LEU C 52 20.77 -0.44 -24.75
C LEU C 52 20.59 -1.72 -25.57
N HIS C 53 19.74 -1.66 -26.60
CA HIS C 53 19.56 -2.76 -27.55
C HIS C 53 20.87 -3.11 -28.27
N SER C 54 21.65 -2.09 -28.65
CA SER C 54 22.92 -2.32 -29.37
C SER C 54 23.98 -3.04 -28.53
N HIS C 55 23.88 -2.96 -27.20
CA HIS C 55 24.70 -3.81 -26.30
C HIS C 55 23.98 -5.08 -25.83
N ASP C 56 22.96 -5.53 -26.58
CA ASP C 56 22.23 -6.77 -26.28
C ASP C 56 21.62 -6.80 -24.88
N ILE C 57 20.73 -5.85 -24.62
CA ILE C 57 20.01 -5.75 -23.36
C ILE C 57 18.52 -5.68 -23.70
N SER C 58 17.72 -6.56 -23.10
CA SER C 58 16.28 -6.61 -23.32
C SER C 58 15.60 -5.48 -22.53
N LEU C 59 14.60 -4.84 -23.13
CA LEU C 59 13.95 -3.68 -22.53
C LEU C 59 12.44 -3.70 -22.68
N HIS C 60 11.75 -3.15 -21.67
CA HIS C 60 10.37 -2.73 -21.80
C HIS C 60 10.24 -1.29 -21.28
N ALA C 61 9.85 -0.38 -22.16
CA ALA C 61 9.60 1.02 -21.82
C ALA C 61 8.16 1.18 -21.36
N GLU C 62 7.96 1.99 -20.33
CA GLU C 62 6.62 2.26 -19.79
C GLU C 62 6.45 3.73 -19.40
N ARG C 63 5.23 4.23 -19.54
CA ARG C 63 4.92 5.63 -19.32
C ARG C 63 4.80 5.95 -17.83
N PHE C 64 5.33 7.10 -17.44
CA PHE C 64 5.28 7.61 -16.07
C PHE C 64 4.24 8.75 -15.99
N ASN C 65 3.35 8.70 -15.00
CA ASN C 65 2.21 9.64 -14.92
C ASN C 65 2.55 11.04 -14.41
N GLY C 66 3.76 11.24 -13.91
CA GLY C 66 4.26 12.58 -13.58
C GLY C 66 4.41 12.90 -12.11
N GLU C 67 4.02 11.98 -11.24
CA GLU C 67 4.10 12.18 -9.80
C GLU C 67 4.76 10.99 -9.10
N CYS C 68 5.69 11.27 -8.18
CA CYS C 68 6.37 10.24 -7.40
C CYS C 68 5.55 9.92 -6.15
N SER C 69 4.51 9.11 -6.35
CA SER C 69 3.60 8.70 -5.27
C SER C 69 3.71 7.20 -5.05
N HIS C 70 3.29 6.78 -3.85
CA HIS C 70 3.25 5.35 -3.51
C HIS C 70 2.37 4.57 -4.48
N VAL C 71 1.23 5.16 -4.87
CA VAL C 71 0.31 4.54 -5.84
C VAL C 71 0.99 4.32 -7.18
N GLU C 72 1.72 5.34 -7.66
CA GLU C 72 2.41 5.27 -8.95
C GLU C 72 3.52 4.21 -8.93
N ILE C 73 4.28 4.17 -7.83
CA ILE C 73 5.35 3.16 -7.63
C ILE C 73 4.76 1.75 -7.74
N ARG C 74 3.69 1.49 -6.99
CA ARG C 74 3.04 0.17 -6.96
C ARG C 74 2.41 -0.22 -8.31
N ARG C 75 1.93 0.77 -9.06
CA ARG C 75 1.38 0.53 -10.40
C ARG C 75 2.47 0.06 -11.37
N LEU C 76 3.63 0.73 -11.33
CA LEU C 76 4.75 0.41 -12.21
C LEU C 76 5.47 -0.88 -11.81
N ILE C 77 5.59 -1.13 -10.50
CA ILE C 77 6.11 -2.40 -10.00
C ILE C 77 5.31 -3.59 -10.54
N ALA C 78 3.98 -3.49 -10.50
CA ALA C 78 3.09 -4.54 -11.01
C ALA C 78 3.38 -4.86 -12.49
N ILE C 79 3.63 -3.83 -13.29
CA ILE C 79 3.97 -4.02 -14.72
C ILE C 79 5.40 -4.59 -14.84
N LEU C 80 6.31 -4.11 -14.01
CA LEU C 80 7.68 -4.63 -13.98
C LEU C 80 7.69 -6.14 -13.74
N LYS C 81 6.96 -6.58 -12.72
CA LYS C 81 6.81 -8.01 -12.38
C LYS C 81 6.31 -8.87 -13.54
N GLN C 82 5.33 -8.34 -14.27
CA GLN C 82 4.74 -9.02 -15.42
C GLN C 82 5.75 -9.29 -16.53
N HIS C 83 6.67 -8.34 -16.76
CA HIS C 83 7.72 -8.48 -17.78
C HIS C 83 9.01 -9.16 -17.27
N GLY C 84 9.21 -9.19 -15.95
CA GLY C 84 10.36 -9.89 -15.35
C GLY C 84 11.70 -9.20 -15.58
N CYS C 85 11.69 -7.87 -15.62
CA CYS C 85 12.87 -7.08 -15.91
C CYS C 85 13.82 -7.04 -14.71
N ARG C 86 15.12 -7.13 -14.98
CA ARG C 86 16.14 -7.31 -13.95
C ARG C 86 16.78 -6.01 -13.43
N GLY C 87 16.47 -4.89 -14.07
CA GLY C 87 16.92 -3.58 -13.59
C GLY C 87 15.89 -2.50 -13.86
N VAL C 88 16.18 -1.29 -13.37
CA VAL C 88 15.30 -0.13 -13.56
C VAL C 88 16.12 1.05 -14.09
N VAL C 89 15.62 1.68 -15.16
CA VAL C 89 16.16 2.95 -15.66
C VAL C 89 15.08 4.03 -15.51
N GLY C 90 15.45 5.15 -14.92
CA GLY C 90 14.63 6.35 -14.92
C GLY C 90 15.28 7.40 -15.81
N VAL C 91 14.49 8.02 -16.68
CA VAL C 91 14.95 9.12 -17.55
C VAL C 91 14.02 10.32 -17.30
N GLY C 92 14.60 11.50 -17.07
CA GLY C 92 13.81 12.74 -16.93
C GLY C 92 14.13 13.56 -15.69
N GLY C 93 13.10 14.20 -15.12
CA GLY C 93 13.26 15.09 -13.98
C GLY C 93 13.23 14.36 -12.65
N GLY C 94 13.27 15.12 -11.56
CA GLY C 94 13.39 14.59 -10.20
C GLY C 94 12.35 13.55 -9.79
N LYS C 95 11.09 13.80 -10.09
CA LYS C 95 10.00 12.89 -9.74
C LYS C 95 10.10 11.52 -10.44
N THR C 96 10.51 11.53 -11.71
CA THR C 96 10.76 10.29 -12.45
C THR C 96 11.92 9.49 -11.86
N LEU C 97 13.03 10.16 -11.57
CA LEU C 97 14.22 9.49 -11.06
C LEU C 97 13.98 8.89 -9.68
N ASP C 98 13.31 9.65 -8.82
CA ASP C 98 12.98 9.19 -7.47
C ASP C 98 12.06 7.99 -7.46
N THR C 99 11.14 7.91 -8.44
CA THR C 99 10.28 6.74 -8.59
C THR C 99 11.05 5.50 -9.06
N ALA C 100 12.05 5.70 -9.91
CA ALA C 100 12.92 4.61 -10.33
C ALA C 100 13.75 4.05 -9.16
N LYS C 101 14.16 4.91 -8.23
CA LYS C 101 14.91 4.49 -7.04
C LYS C 101 14.06 3.63 -6.10
N ALA C 102 12.82 4.06 -5.89
CA ALA C 102 11.87 3.34 -5.05
C ALA C 102 11.58 1.94 -5.61
N ILE C 103 11.31 1.87 -6.91
CA ILE C 103 11.07 0.59 -7.60
C ILE C 103 12.28 -0.35 -7.42
N GLY C 104 13.48 0.18 -7.60
CA GLY C 104 14.71 -0.59 -7.41
C GLY C 104 14.89 -1.09 -5.99
N TYR C 105 14.58 -0.22 -5.02
CA TYR C 105 14.63 -0.58 -3.61
C TYR C 105 13.66 -1.70 -3.25
N TYR C 106 12.37 -1.51 -3.53
CA TYR C 106 11.35 -2.49 -3.15
C TYR C 106 11.48 -3.84 -3.88
N GLN C 107 12.02 -3.82 -5.10
CA GLN C 107 12.25 -5.05 -5.88
C GLN C 107 13.67 -5.62 -5.77
N LYS C 108 14.54 -4.95 -5.01
CA LYS C 108 15.95 -5.34 -4.88
C LYS C 108 16.62 -5.45 -6.24
N LEU C 109 16.53 -4.37 -7.02
CA LEU C 109 17.08 -4.30 -8.38
C LEU C 109 18.06 -3.14 -8.51
N PRO C 110 19.05 -3.25 -9.43
CA PRO C 110 19.94 -2.13 -9.71
C PRO C 110 19.20 -0.98 -10.40
N VAL C 111 19.68 0.24 -10.16
CA VAL C 111 19.02 1.47 -10.59
C VAL C 111 19.98 2.28 -11.44
N VAL C 112 19.48 2.78 -12.57
CA VAL C 112 20.19 3.75 -13.39
C VAL C 112 19.32 4.99 -13.44
N VAL C 113 19.91 6.16 -13.16
CA VAL C 113 19.18 7.42 -13.26
C VAL C 113 19.83 8.27 -14.35
N ILE C 114 19.01 8.85 -15.22
CA ILE C 114 19.48 9.63 -16.36
C ILE C 114 18.79 10.99 -16.34
N PRO C 115 19.30 11.93 -15.52
CA PRO C 115 18.74 13.28 -15.53
C PRO C 115 18.93 13.99 -16.86
N THR C 116 17.83 14.47 -17.43
CA THR C 116 17.85 15.30 -18.63
C THR C 116 18.00 16.80 -18.31
N ILE C 117 17.99 17.14 -17.02
CA ILE C 117 18.15 18.53 -16.54
C ILE C 117 19.08 18.50 -15.32
N ALA C 118 19.87 19.55 -15.13
CA ALA C 118 20.87 19.64 -14.03
C ALA C 118 20.46 20.68 -13.00
N SER C 119 19.30 20.46 -12.38
CA SER C 119 18.65 21.48 -11.54
C SER C 119 18.62 21.20 -10.04
N THR C 120 19.01 19.98 -9.64
CA THR C 120 19.09 19.57 -8.25
C THR C 120 20.29 18.64 -8.08
N ASP C 121 20.64 18.35 -6.82
CA ASP C 121 21.68 17.40 -6.46
C ASP C 121 21.12 16.07 -5.93
N ALA C 122 19.81 15.88 -6.14
CA ALA C 122 19.11 14.66 -5.79
C ALA C 122 19.59 13.40 -6.52
N PRO C 123 19.90 13.49 -7.85
CA PRO C 123 20.18 12.27 -8.64
C PRO C 123 21.14 11.23 -8.03
N THR C 124 22.21 11.68 -7.36
CA THR C 124 23.20 10.77 -6.75
C THR C 124 22.77 10.21 -5.38
N SER C 125 21.82 10.88 -4.72
CA SER C 125 21.44 10.52 -3.35
C SER C 125 20.64 9.23 -3.26
N ALA C 126 20.69 8.62 -2.07
CA ALA C 126 19.86 7.47 -1.72
C ALA C 126 18.58 7.99 -1.08
N LEU C 127 17.84 8.78 -1.86
CA LEU C 127 16.72 9.56 -1.35
C LEU C 127 15.65 9.68 -2.43
N SER C 128 14.40 9.56 -2.00
CA SER C 128 13.25 9.86 -2.85
C SER C 128 12.31 10.79 -2.09
N VAL C 129 11.80 11.81 -2.78
CA VAL C 129 10.82 12.73 -2.20
C VAL C 129 9.46 12.23 -2.65
N ILE C 130 8.68 11.73 -1.69
CA ILE C 130 7.38 11.10 -1.97
C ILE C 130 6.27 12.16 -1.83
N TYR C 131 5.37 12.16 -2.81
CA TYR C 131 4.27 13.09 -2.92
C TYR C 131 2.96 12.30 -2.95
N THR C 132 1.86 12.97 -2.63
CA THR C 132 0.52 12.39 -2.83
C THR C 132 0.20 12.49 -4.33
N GLU C 133 -0.90 11.88 -4.76
CA GLU C 133 -1.32 11.98 -6.17
C GLU C 133 -1.65 13.43 -6.56
N ALA C 134 -2.25 14.17 -5.63
CA ALA C 134 -2.56 15.60 -5.83
C ALA C 134 -1.32 16.52 -5.91
N GLY C 135 -0.19 16.09 -5.34
CA GLY C 135 1.07 16.83 -5.44
C GLY C 135 1.58 17.43 -4.14
N GLU C 136 0.88 17.20 -3.02
CA GLU C 136 1.40 17.58 -1.69
C GLU C 136 2.47 16.58 -1.19
N PHE C 137 3.50 17.14 -0.56
CA PHE C 137 4.55 16.35 0.08
C PHE C 137 3.98 15.41 1.14
N GLU C 138 4.48 14.17 1.16
CA GLU C 138 4.04 13.13 2.10
C GLU C 138 5.17 12.71 3.06
N GLU C 139 6.29 12.24 2.50
CA GLU C 139 7.41 11.76 3.31
C GLU C 139 8.70 11.67 2.49
N TYR C 140 9.79 11.30 3.17
CA TYR C 140 11.07 10.95 2.55
C TYR C 140 11.33 9.46 2.72
N LEU C 141 11.71 8.78 1.64
CA LEU C 141 12.25 7.43 1.71
C LEU C 141 13.76 7.48 1.52
N ILE C 142 14.49 7.21 2.59
CA ILE C 142 15.95 7.13 2.57
C ILE C 142 16.30 5.66 2.39
N TYR C 143 17.11 5.35 1.38
CA TYR C 143 17.50 3.99 1.06
C TYR C 143 18.87 3.64 1.63
N PRO C 144 19.13 2.33 1.84
CA PRO C 144 20.50 1.89 2.18
C PRO C 144 21.53 2.12 1.07
N LYS C 145 21.07 2.09 -0.18
CA LYS C 145 21.93 2.07 -1.36
C LYS C 145 21.70 3.29 -2.25
N ASN C 146 22.78 3.85 -2.78
CA ASN C 146 22.69 4.91 -3.80
C ASN C 146 22.38 4.27 -5.16
N PRO C 147 21.94 5.07 -6.14
CA PRO C 147 21.80 4.53 -7.50
C PRO C 147 23.09 3.85 -7.97
N ASP C 148 22.95 2.75 -8.69
CA ASP C 148 24.11 2.01 -9.16
C ASP C 148 24.82 2.76 -10.29
N MET C 149 24.06 3.51 -11.09
CA MET C 149 24.63 4.39 -12.12
C MET C 149 23.91 5.73 -12.19
N VAL C 150 24.67 6.79 -12.47
CA VAL C 150 24.15 8.14 -12.71
C VAL C 150 24.73 8.60 -14.04
N VAL C 151 23.87 8.88 -15.02
CA VAL C 151 24.30 9.15 -16.39
C VAL C 151 23.84 10.54 -16.82
N MET C 152 24.81 11.41 -17.10
CA MET C 152 24.56 12.82 -17.40
C MET C 152 24.95 13.09 -18.85
N ASP C 153 23.96 13.14 -19.73
CA ASP C 153 24.20 13.48 -21.13
C ASP C 153 24.14 15.00 -21.24
N THR C 154 25.32 15.60 -21.37
CA THR C 154 25.46 17.06 -21.34
C THR C 154 24.98 17.75 -22.63
N ALA C 155 24.84 16.99 -23.72
CA ALA C 155 24.23 17.49 -24.96
C ALA C 155 22.73 17.69 -24.78
N ILE C 156 22.09 16.80 -24.03
CA ILE C 156 20.66 16.92 -23.70
C ILE C 156 20.43 17.98 -22.62
N ILE C 157 21.27 17.97 -21.59
CA ILE C 157 21.15 18.93 -20.48
C ILE C 157 21.36 20.37 -20.94
N ALA C 158 22.34 20.59 -21.82
CA ALA C 158 22.60 21.92 -22.41
C ALA C 158 21.38 22.55 -23.08
N LYS C 159 20.55 21.73 -23.73
CA LYS C 159 19.36 22.21 -24.45
C LYS C 159 18.14 22.51 -23.57
N ALA C 160 18.18 22.10 -22.30
CA ALA C 160 17.12 22.43 -21.34
C ALA C 160 17.10 23.94 -21.02
N PRO C 161 15.92 24.48 -20.61
CA PRO C 161 15.81 25.89 -20.26
C PRO C 161 16.88 26.36 -19.27
N VAL C 162 17.48 27.51 -19.56
CA VAL C 162 18.62 28.03 -18.79
C VAL C 162 18.31 28.14 -17.29
N ARG C 163 17.08 28.55 -16.98
CA ARG C 163 16.58 28.73 -15.62
C ARG C 163 16.79 27.49 -14.73
N LEU C 164 16.64 26.30 -15.30
CA LEU C 164 16.82 25.06 -14.57
C LEU C 164 18.29 24.84 -14.14
N LEU C 165 19.22 25.11 -15.05
CA LEU C 165 20.65 25.03 -14.72
C LEU C 165 21.06 26.05 -13.64
N VAL C 166 20.47 27.25 -13.72
CA VAL C 166 20.70 28.30 -12.71
C VAL C 166 20.13 27.89 -11.34
N SER C 167 18.95 27.30 -11.33
CA SER C 167 18.39 26.77 -10.08
C SER C 167 19.28 25.67 -9.50
N GLY C 168 19.89 24.87 -10.37
CA GLY C 168 20.86 23.86 -9.96
C GLY C 168 22.10 24.44 -9.30
N MET C 169 22.57 25.58 -9.79
CA MET C 169 23.68 26.30 -9.16
C MET C 169 23.31 26.92 -7.81
N GLY C 170 22.04 27.31 -7.67
CA GLY C 170 21.50 27.79 -6.40
C GLY C 170 21.44 26.71 -5.35
N ASP C 171 21.09 25.49 -5.75
CA ASP C 171 21.05 24.33 -4.85
C ASP C 171 22.46 23.91 -4.43
N ALA C 172 23.39 24.06 -5.36
CA ALA C 172 24.78 23.66 -5.16
C ALA C 172 25.58 24.67 -4.32
N LEU C 173 25.26 25.95 -4.49
CA LEU C 173 25.87 27.05 -3.69
C LEU C 173 25.72 26.86 -2.17
N SER C 174 24.64 26.23 -1.75
CA SER C 174 24.42 25.93 -0.33
C SER C 174 25.28 24.84 0.26
N THR C 175 25.91 24.02 -0.58
CA THR C 175 26.50 22.76 -0.12
C THR C 175 27.69 22.97 0.79
N TRP C 176 28.62 23.83 0.38
CA TRP C 176 29.79 24.18 1.22
C TRP C 176 29.41 24.75 2.57
N PHE C 177 28.41 25.64 2.60
CA PHE C 177 28.09 26.36 3.83
C PHE C 177 27.39 25.49 4.86
N GLU C 178 26.52 24.60 4.39
CA GLU C 178 25.83 23.63 5.24
C GLU C 178 26.73 22.47 5.62
N ALA C 179 27.56 22.01 4.69
CA ALA C 179 28.53 20.96 4.98
C ALA C 179 29.48 21.45 6.08
N LYS C 180 30.09 22.62 5.84
CA LYS C 180 31.06 23.22 6.78
C LYS C 180 30.46 23.52 8.16
N ALA C 181 29.16 23.87 8.18
CA ALA C 181 28.44 24.09 9.44
C ALA C 181 28.17 22.80 10.20
N CYS C 182 27.90 21.72 9.48
CA CYS C 182 27.80 20.38 10.10
C CYS C 182 29.15 19.86 10.58
N TYR C 183 30.20 20.14 9.81
CA TYR C 183 31.56 19.77 10.20
C TYR C 183 31.99 20.46 11.49
N ASP C 184 31.79 21.77 11.56
CA ASP C 184 32.07 22.54 12.79
C ASP C 184 31.18 22.11 13.96
N ALA C 185 29.91 21.79 13.67
CA ALA C 185 28.97 21.35 14.70
C ALA C 185 29.17 19.91 15.18
N ARG C 186 29.94 19.13 14.43
CA ARG C 186 30.08 17.69 14.63
C ARG C 186 28.70 17.02 14.51
N ALA C 187 27.96 17.43 13.48
CA ALA C 187 26.60 16.95 13.25
C ALA C 187 26.61 15.75 12.32
N THR C 188 25.74 14.79 12.61
CA THR C 188 25.62 13.57 11.81
C THR C 188 24.97 13.86 10.45
N SER C 189 25.46 13.20 9.41
CA SER C 189 24.90 13.28 8.06
C SER C 189 23.98 12.09 7.77
N MET C 190 23.33 12.13 6.60
CA MET C 190 22.48 11.03 6.12
C MET C 190 23.24 9.73 5.90
N ALA C 191 24.52 9.85 5.55
CA ALA C 191 25.44 8.71 5.49
C ALA C 191 25.51 7.97 6.82
N GLY C 192 25.35 8.68 7.93
CA GLY C 192 25.14 8.10 9.25
C GLY C 192 26.18 8.42 10.32
N GLY C 193 27.24 9.16 9.94
CA GLY C 193 28.27 9.54 10.92
C GLY C 193 28.79 10.96 10.71
N GLN C 194 30.00 11.21 11.21
CA GLN C 194 30.69 12.47 10.98
C GLN C 194 31.18 12.54 9.53
N SER C 195 31.59 13.73 9.11
CA SER C 195 32.06 13.92 7.74
C SER C 195 33.51 13.46 7.59
N THR C 196 33.76 12.78 6.48
CA THR C 196 35.10 12.53 6.02
C THR C 196 35.64 13.86 5.48
N GLU C 197 36.96 13.97 5.35
CA GLU C 197 37.56 15.13 4.70
C GLU C 197 37.23 15.13 3.21
N ALA C 198 37.15 13.94 2.62
CA ALA C 198 36.75 13.74 1.21
C ALA C 198 35.47 14.48 0.86
N ALA C 199 34.41 14.21 1.61
CA ALA C 199 33.09 14.79 1.40
C ALA C 199 33.08 16.31 1.59
N LEU C 200 33.77 16.79 2.62
CA LEU C 200 33.90 18.22 2.89
C LEU C 200 34.74 18.94 1.84
N SER C 201 35.81 18.29 1.37
CA SER C 201 36.64 18.84 0.30
C SER C 201 35.84 19.02 -1.00
N LEU C 202 35.00 18.03 -1.32
CA LEU C 202 34.15 18.08 -2.51
C LEU C 202 33.04 19.12 -2.37
N ALA C 203 32.53 19.28 -1.15
CA ALA C 203 31.64 20.39 -0.80
C ALA C 203 32.26 21.75 -1.12
N ARG C 204 33.53 21.93 -0.77
CA ARG C 204 34.27 23.17 -1.01
C ARG C 204 34.58 23.35 -2.49
N LEU C 205 34.99 22.28 -3.14
CA LEU C 205 35.22 22.31 -4.59
C LEU C 205 33.97 22.71 -5.35
N CYS C 206 32.82 22.21 -4.92
CA CYS C 206 31.52 22.64 -5.48
C CYS C 206 31.42 24.16 -5.53
N TYR C 207 31.66 24.79 -4.38
CA TYR C 207 31.56 26.24 -4.21
C TYR C 207 32.58 27.01 -5.06
N ASP C 208 33.85 26.58 -5.04
CA ASP C 208 34.89 27.25 -5.84
C ASP C 208 34.65 27.09 -7.34
N THR C 209 34.09 25.96 -7.73
CA THR C 209 33.73 25.70 -9.13
C THR C 209 32.60 26.61 -9.60
N LEU C 210 31.59 26.83 -8.76
CA LEU C 210 30.51 27.78 -9.11
C LEU C 210 31.06 29.17 -9.39
N LEU C 211 31.94 29.66 -8.51
CA LEU C 211 32.55 30.98 -8.66
C LEU C 211 33.45 31.07 -9.91
N ALA C 212 34.23 30.02 -10.14
CA ALA C 212 35.13 29.97 -11.29
C ALA C 212 34.40 29.79 -12.62
N GLU C 213 33.44 28.86 -12.66
CA GLU C 213 32.84 28.38 -13.90
C GLU C 213 31.37 28.78 -14.13
N GLY C 214 30.70 29.27 -13.10
CA GLY C 214 29.25 29.49 -13.14
C GLY C 214 28.75 30.40 -14.25
N GLU C 215 29.46 31.50 -14.47
CA GLU C 215 29.06 32.47 -15.50
C GLU C 215 29.36 31.96 -16.90
N LYS C 216 30.55 31.40 -17.13
CA LYS C 216 30.89 30.81 -18.44
C LYS C 216 29.92 29.70 -18.83
N ALA C 217 29.47 28.94 -17.84
CA ALA C 217 28.51 27.85 -18.05
C ALA C 217 27.11 28.36 -18.41
N ARG C 218 26.63 29.35 -17.66
CA ARG C 218 25.29 29.92 -17.89
C ARG C 218 25.11 30.45 -19.30
N LEU C 219 26.15 31.08 -19.85
CA LEU C 219 26.09 31.63 -21.20
C LEU C 219 26.12 30.54 -22.27
N ALA C 220 26.91 29.50 -22.04
CA ALA C 220 26.89 28.31 -22.89
C ALA C 220 25.51 27.65 -22.86
N ALA C 221 24.96 27.52 -21.66
CA ALA C 221 23.59 27.02 -21.48
C ALA C 221 22.55 27.93 -22.14
N GLN C 222 22.74 29.24 -22.05
CA GLN C 222 21.88 30.20 -22.76
C GLN C 222 21.85 29.92 -24.26
N ALA C 223 23.03 29.69 -24.84
CA ALA C 223 23.15 29.37 -26.28
C ALA C 223 22.67 27.95 -26.66
N GLY C 224 22.51 27.08 -25.67
CA GLY C 224 22.06 25.70 -25.89
C GLY C 224 23.20 24.73 -26.18
N VAL C 225 24.41 25.08 -25.75
CA VAL C 225 25.63 24.45 -26.27
C VAL C 225 26.53 23.89 -25.14
N VAL C 226 27.41 22.95 -25.50
CA VAL C 226 28.29 22.26 -24.55
C VAL C 226 29.71 22.85 -24.57
N THR C 227 30.10 23.51 -23.48
CA THR C 227 31.50 23.90 -23.25
C THR C 227 32.04 23.15 -22.03
N ASP C 228 33.35 23.21 -21.77
CA ASP C 228 33.91 22.52 -20.60
C ASP C 228 33.56 23.23 -19.29
N ALA C 229 33.13 24.50 -19.34
CA ALA C 229 32.61 25.19 -18.15
C ALA C 229 31.26 24.64 -17.72
N LEU C 230 30.42 24.31 -18.70
CA LEU C 230 29.15 23.65 -18.44
C LEU C 230 29.37 22.24 -17.88
N GLU C 231 30.37 21.53 -18.42
CA GLU C 231 30.72 20.19 -17.93
C GLU C 231 31.12 20.25 -16.46
N ARG C 232 31.92 21.27 -16.10
CA ARG C 232 32.36 21.45 -14.71
C ARG C 232 31.20 21.80 -13.79
N ILE C 233 30.28 22.62 -14.26
CA ILE C 233 29.11 23.04 -13.50
C ILE C 233 28.08 21.93 -13.35
N ILE C 234 27.88 21.11 -14.39
CA ILE C 234 27.03 19.92 -14.30
C ILE C 234 27.56 18.92 -13.26
N GLU C 235 28.88 18.79 -13.18
CA GLU C 235 29.51 17.92 -12.18
C GLU C 235 29.37 18.52 -10.78
N ALA C 236 29.63 19.82 -10.67
CA ALA C 236 29.40 20.56 -9.43
C ALA C 236 27.97 20.40 -8.93
N ASN C 237 27.01 20.64 -9.83
CA ASN C 237 25.57 20.56 -9.52
C ASN C 237 25.09 19.17 -9.16
N THR C 238 25.75 18.12 -9.66
CA THR C 238 25.28 16.75 -9.51
C THR C 238 26.14 15.90 -8.58
N TYR C 239 27.42 15.69 -8.94
CA TYR C 239 28.28 14.82 -8.13
C TYR C 239 28.84 15.54 -6.90
N LEU C 240 29.39 16.73 -7.08
CA LEU C 240 30.05 17.44 -5.97
C LEU C 240 29.07 17.90 -4.90
N SER C 241 27.92 18.39 -5.35
CA SER C 241 26.88 18.86 -4.43
C SER C 241 26.17 17.67 -3.77
N GLY C 242 25.96 16.61 -4.55
CA GLY C 242 25.32 15.38 -4.08
C GLY C 242 26.06 14.62 -2.99
N ILE C 243 27.36 14.40 -3.19
CA ILE C 243 28.21 13.80 -2.15
C ILE C 243 28.30 14.78 -0.98
N GLY C 244 28.42 16.06 -1.29
CA GLY C 244 28.45 17.13 -0.29
C GLY C 244 27.32 17.16 0.71
N PHE C 245 26.07 17.09 0.24
CA PHE C 245 24.93 17.21 1.17
C PHE C 245 24.66 15.90 1.95
N GLU C 246 24.79 14.77 1.26
CA GLU C 246 24.42 13.47 1.83
C GLU C 246 25.45 12.96 2.83
N SER C 247 26.74 13.14 2.53
CA SER C 247 27.84 12.62 3.35
C SER C 247 28.59 13.68 4.17
N SER C 248 28.32 14.98 3.95
CA SER C 248 28.87 16.03 4.81
C SER C 248 27.77 16.65 5.68
N GLY C 249 26.65 17.06 5.06
CA GLY C 249 25.44 17.44 5.81
C GLY C 249 24.65 18.64 5.28
N LEU C 250 23.35 18.65 5.57
CA LEU C 250 22.46 19.80 5.41
C LEU C 250 22.35 20.58 6.72
N ALA C 251 21.98 21.86 6.63
CA ALA C 251 21.90 22.70 7.82
C ALA C 251 20.83 23.80 7.64
N ALA C 252 21.14 25.08 7.87
CA ALA C 252 20.12 26.14 7.91
C ALA C 252 19.41 26.37 6.58
N ALA C 253 20.20 26.51 5.52
CA ALA C 253 19.68 26.86 4.19
C ALA C 253 18.50 26.02 3.70
N HIS C 254 18.61 24.71 3.88
CA HIS C 254 17.57 23.76 3.42
C HIS C 254 16.39 23.68 4.39
N ALA C 255 16.64 23.86 5.69
CA ALA C 255 15.56 24.04 6.66
C ALA C 255 14.70 25.28 6.35
N ILE C 256 15.36 26.38 5.97
CA ILE C 256 14.65 27.61 5.63
C ILE C 256 13.85 27.44 4.33
N HIS C 257 14.45 26.78 3.34
CA HIS C 257 13.74 26.36 2.12
C HIS C 257 12.43 25.65 2.46
N ASN C 258 12.50 24.71 3.40
CA ASN C 258 11.30 23.98 3.84
C ASN C 258 10.32 24.88 4.58
N GLY C 259 10.84 25.81 5.36
CA GLY C 259 10.04 26.88 5.97
C GLY C 259 9.26 27.73 4.98
N PHE C 260 9.86 28.03 3.83
CA PHE C 260 9.20 28.86 2.80
C PHE C 260 8.08 28.17 2.01
N THR C 261 8.01 26.84 2.07
CA THR C 261 6.97 26.11 1.33
C THR C 261 5.56 26.32 1.90
N ILE C 262 5.45 26.89 3.11
CA ILE C 262 4.14 27.25 3.71
C ILE C 262 3.48 28.46 3.04
N LEU C 263 4.27 29.28 2.34
CA LEU C 263 3.76 30.45 1.62
C LEU C 263 3.50 30.09 0.16
N GLU C 264 2.25 30.26 -0.28
CA GLU C 264 1.84 29.88 -1.64
C GLU C 264 2.46 30.77 -2.72
N GLU C 265 2.76 32.01 -2.38
CA GLU C 265 3.51 32.94 -3.26
C GLU C 265 4.89 32.43 -3.73
N CYS C 266 5.51 31.56 -2.93
CA CYS C 266 6.79 30.93 -3.28
C CYS C 266 6.69 29.66 -4.13
N HIS C 267 5.48 29.15 -4.37
CA HIS C 267 5.29 27.89 -5.10
C HIS C 267 5.71 27.94 -6.57
N HIS C 268 5.75 29.13 -7.16
CA HIS C 268 6.30 29.31 -8.52
C HIS C 268 7.84 29.18 -8.63
N LEU C 269 8.54 29.24 -7.49
CA LEU C 269 10.00 29.14 -7.48
C LEU C 269 10.47 27.69 -7.41
N TYR C 270 11.58 27.40 -8.08
CA TYR C 270 12.16 26.05 -8.04
C TYR C 270 12.95 25.85 -6.75
N HIS C 271 13.15 24.57 -6.41
CA HIS C 271 13.88 24.14 -5.22
C HIS C 271 15.16 24.94 -4.94
N GLY C 272 16.03 25.00 -5.93
CA GLY C 272 17.35 25.60 -5.76
C GLY C 272 17.37 27.11 -5.66
N GLU C 273 16.39 27.76 -6.25
CA GLU C 273 16.23 29.22 -6.14
C GLU C 273 15.94 29.64 -4.71
N LYS C 274 15.03 28.91 -4.05
CA LYS C 274 14.73 29.13 -2.64
C LYS C 274 15.91 28.81 -1.71
N VAL C 275 16.70 27.81 -2.09
CA VAL C 275 17.91 27.43 -1.37
C VAL C 275 18.99 28.52 -1.48
N ALA C 276 19.05 29.18 -2.62
CA ALA C 276 20.03 30.26 -2.82
C ALA C 276 19.78 31.41 -1.84
N PHE C 277 18.51 31.80 -1.69
CA PHE C 277 18.14 32.79 -0.68
C PHE C 277 18.37 32.27 0.74
N GLY C 278 17.98 31.02 0.97
CA GLY C 278 18.24 30.36 2.25
C GLY C 278 19.69 30.30 2.67
N THR C 279 20.58 30.16 1.70
CA THR C 279 22.02 30.24 1.94
C THR C 279 22.43 31.63 2.41
N LEU C 280 21.85 32.65 1.79
CA LEU C 280 22.09 34.04 2.17
C LEU C 280 21.60 34.32 3.59
N ALA C 281 20.45 33.75 3.94
CA ALA C 281 19.95 33.81 5.31
C ALA C 281 20.88 33.10 6.29
N GLN C 282 21.45 31.96 5.89
CA GLN C 282 22.42 31.25 6.73
C GLN C 282 23.70 32.05 6.96
N LEU C 283 24.16 32.82 5.98
CA LEU C 283 25.37 33.64 6.13
C LEU C 283 25.20 34.73 7.19
N VAL C 284 24.04 35.37 7.20
CA VAL C 284 23.68 36.36 8.21
C VAL C 284 23.50 35.69 9.57
N LEU C 285 23.00 34.46 9.56
CA LEU C 285 22.76 33.66 10.76
C LEU C 285 24.06 33.25 11.47
N GLN C 286 25.03 32.74 10.70
CA GLN C 286 26.35 32.38 11.24
C GLN C 286 27.35 33.57 11.26
N ASN C 287 26.91 34.75 10.85
CA ASN C 287 27.72 35.95 10.81
C ASN C 287 29.01 35.77 10.00
N SER C 288 28.83 35.37 8.76
CA SER C 288 29.94 35.30 7.83
C SER C 288 30.40 36.73 7.53
N PRO C 289 31.69 36.92 7.20
CA PRO C 289 32.17 38.30 6.97
C PRO C 289 31.53 38.94 5.74
N MET C 290 31.62 40.27 5.64
CA MET C 290 30.91 41.01 4.60
C MET C 290 31.39 40.64 3.20
N GLU C 291 32.71 40.52 3.00
CA GLU C 291 33.27 40.15 1.69
C GLU C 291 32.76 38.81 1.18
N GLU C 292 32.46 37.89 2.11
CA GLU C 292 31.87 36.60 1.78
C GLU C 292 30.40 36.76 1.40
N ILE C 293 29.66 37.56 2.17
CA ILE C 293 28.28 37.93 1.80
C ILE C 293 28.25 38.55 0.40
N GLU C 294 29.20 39.44 0.12
CA GLU C 294 29.26 40.14 -1.17
C GLU C 294 29.61 39.25 -2.38
N THR C 295 30.48 38.26 -2.19
CA THR C 295 30.76 37.29 -3.26
C THR C 295 29.54 36.43 -3.61
N VAL C 296 28.75 36.06 -2.61
CA VAL C 296 27.53 35.27 -2.81
C VAL C 296 26.40 36.11 -3.42
N LEU C 297 26.20 37.31 -2.89
CA LEU C 297 25.27 38.27 -3.50
C LEU C 297 25.64 38.55 -4.96
N GLY C 298 26.92 38.81 -5.20
CA GLY C 298 27.45 39.06 -6.53
C GLY C 298 27.25 37.89 -7.48
N PHE C 299 27.48 36.67 -6.99
CA PHE C 299 27.22 35.46 -7.76
C PHE C 299 25.74 35.33 -8.11
N CYS C 300 24.89 35.40 -7.10
CA CYS C 300 23.43 35.28 -7.26
C CYS C 300 22.84 36.31 -8.26
N GLU C 301 23.17 37.58 -8.10
CA GLU C 301 22.70 38.64 -9.01
C GLU C 301 23.09 38.38 -10.46
N LYS C 302 24.34 37.97 -10.63
CA LYS C 302 24.98 37.78 -11.93
C LYS C 302 24.33 36.63 -12.69
N VAL C 303 24.05 35.52 -12.01
CA VAL C 303 23.45 34.35 -12.66
C VAL C 303 21.91 34.40 -12.74
N GLY C 304 21.27 35.12 -11.81
CA GLY C 304 19.80 35.28 -11.80
C GLY C 304 19.09 34.52 -10.69
N LEU C 305 19.64 34.55 -9.48
CA LEU C 305 19.07 33.90 -8.31
C LEU C 305 18.55 34.95 -7.33
N PRO C 306 17.47 34.66 -6.60
CA PRO C 306 16.83 35.68 -5.74
C PRO C 306 17.67 36.05 -4.52
N VAL C 307 17.88 37.34 -4.30
CA VAL C 307 18.57 37.84 -3.09
C VAL C 307 17.66 38.66 -2.17
N THR C 308 16.38 38.75 -2.51
CA THR C 308 15.39 39.53 -1.74
C THR C 308 14.09 38.76 -1.68
N LEU C 309 13.31 39.04 -0.63
CA LEU C 309 11.99 38.45 -0.49
C LEU C 309 11.08 38.78 -1.67
N ALA C 310 11.16 40.02 -2.19
CA ALA C 310 10.35 40.43 -3.34
C ALA C 310 10.60 39.59 -4.60
N GLN C 311 11.86 39.26 -4.86
CA GLN C 311 12.19 38.36 -5.99
C GLN C 311 11.66 36.92 -5.82
N MET C 312 11.31 36.55 -4.59
CA MET C 312 10.64 35.29 -4.28
C MET C 312 9.10 35.38 -4.16
N GLY C 313 8.52 36.54 -4.51
CA GLY C 313 7.08 36.73 -4.50
C GLY C 313 6.45 37.13 -3.18
N VAL C 314 7.26 37.39 -2.15
CA VAL C 314 6.76 37.83 -0.84
C VAL C 314 6.85 39.36 -0.78
N LYS C 315 5.70 40.01 -0.95
CA LYS C 315 5.64 41.48 -1.08
C LYS C 315 4.85 42.16 0.04
N GLU C 316 3.89 41.46 0.64
CA GLU C 316 3.01 42.00 1.69
C GLU C 316 3.01 41.09 2.91
N GLY C 317 2.62 41.67 4.05
CA GLY C 317 2.52 40.96 5.32
C GLY C 317 3.80 40.28 5.76
N ILE C 318 4.95 40.94 5.49
CA ILE C 318 6.27 40.33 5.67
C ILE C 318 6.56 39.83 7.08
N ASP C 319 6.30 40.68 8.09
CA ASP C 319 6.62 40.34 9.47
C ASP C 319 5.93 39.06 9.91
N ASP C 320 4.62 38.97 9.68
CA ASP C 320 3.85 37.80 10.07
C ASP C 320 4.25 36.54 9.29
N LYS C 321 4.44 36.67 7.98
CA LYS C 321 4.79 35.53 7.12
C LYS C 321 6.19 34.98 7.40
N ILE C 322 7.16 35.86 7.64
CA ILE C 322 8.52 35.45 7.97
C ILE C 322 8.58 34.83 9.36
N ALA C 323 7.74 35.29 10.29
CA ALA C 323 7.61 34.66 11.61
C ALA C 323 7.12 33.22 11.47
N ALA C 324 6.10 33.01 10.63
CA ALA C 324 5.59 31.66 10.35
C ALA C 324 6.63 30.75 9.65
N VAL C 325 7.35 31.32 8.68
CA VAL C 325 8.46 30.62 8.00
C VAL C 325 9.58 30.26 8.98
N ALA C 326 9.84 31.16 9.93
CA ALA C 326 10.84 30.95 10.97
C ALA C 326 10.49 29.82 11.94
N LYS C 327 9.21 29.71 12.31
CA LYS C 327 8.74 28.62 13.20
C LYS C 327 8.86 27.28 12.52
N ALA C 328 8.40 27.21 11.28
CA ALA C 328 8.43 25.96 10.51
C ALA C 328 9.86 25.51 10.19
N THR C 329 10.78 26.47 10.07
CA THR C 329 12.21 26.20 9.91
C THR C 329 12.79 25.48 11.13
N CYS C 330 12.40 25.91 12.33
CA CYS C 330 12.96 25.38 13.59
C CYS C 330 12.18 24.18 14.16
N ALA C 331 11.26 23.62 13.38
CA ALA C 331 10.49 22.44 13.78
C ALA C 331 11.39 21.27 14.14
N GLU C 332 10.93 20.43 15.05
CA GLU C 332 11.70 19.26 15.49
C GLU C 332 11.99 18.34 14.31
N GLY C 333 13.26 17.96 14.17
CA GLY C 333 13.73 17.11 13.08
C GLY C 333 14.38 17.87 11.93
N GLU C 334 14.24 19.19 11.91
CA GLU C 334 14.81 20.00 10.83
C GLU C 334 16.31 20.13 10.97
N THR C 335 16.96 20.35 9.83
CA THR C 335 18.40 20.37 9.72
C THR C 335 19.08 21.64 10.27
N ILE C 336 18.31 22.67 10.64
CA ILE C 336 18.91 23.87 11.23
C ILE C 336 19.56 23.64 12.60
N HIS C 337 19.14 22.59 13.29
CA HIS C 337 19.75 22.21 14.57
C HIS C 337 21.14 21.57 14.42
N ASN C 338 21.56 21.32 13.17
CA ASN C 338 22.94 20.98 12.85
C ASN C 338 23.90 22.19 12.83
N MET C 339 23.42 23.42 13.02
CA MET C 339 24.31 24.58 13.13
C MET C 339 25.16 24.49 14.41
N PRO C 340 26.38 25.05 14.39
CA PRO C 340 27.24 24.96 15.56
C PRO C 340 26.93 25.96 16.68
N PHE C 341 25.71 26.50 16.72
CA PHE C 341 25.27 27.40 17.79
C PHE C 341 23.76 27.27 17.96
N ALA C 342 23.24 27.86 19.03
CA ALA C 342 21.80 27.80 19.32
C ALA C 342 21.01 28.60 18.29
N VAL C 343 19.97 27.98 17.72
CA VAL C 343 19.06 28.66 16.81
C VAL C 343 17.65 28.69 17.42
N THR C 344 17.00 29.85 17.33
CA THR C 344 15.62 30.03 17.78
C THR C 344 14.78 30.59 16.61
N PRO C 345 13.45 30.42 16.66
CA PRO C 345 12.63 31.04 15.61
C PRO C 345 12.80 32.56 15.48
N GLU C 346 13.13 33.24 16.58
CA GLU C 346 13.43 34.68 16.56
C GLU C 346 14.69 35.01 15.75
N GLN C 347 15.72 34.19 15.87
CA GLN C 347 17.00 34.48 15.22
C GLN C 347 17.02 34.06 13.74
N VAL C 348 16.17 33.13 13.34
CA VAL C 348 15.94 32.85 11.90
C VAL C 348 15.08 33.94 11.24
N HIS C 349 14.05 34.44 11.94
CA HIS C 349 13.26 35.59 11.49
C HIS C 349 14.20 36.78 11.25
N ALA C 350 15.03 37.06 12.25
CA ALA C 350 16.06 38.11 12.19
C ALA C 350 16.98 37.99 10.97
N ALA C 351 17.50 36.80 10.76
CA ALA C 351 18.42 36.55 9.66
C ALA C 351 17.77 36.77 8.29
N ILE C 352 16.55 36.25 8.13
CA ILE C 352 15.81 36.40 6.87
C ILE C 352 15.55 37.88 6.53
N LEU C 353 15.12 38.66 7.52
CA LEU C 353 14.82 40.08 7.29
C LEU C 353 16.08 40.90 6.99
N THR C 354 17.16 40.60 7.70
CA THR C 354 18.43 41.30 7.48
C THR C 354 19.03 40.91 6.13
N ALA C 355 18.96 39.63 5.78
CA ALA C 355 19.39 39.15 4.47
C ALA C 355 18.67 39.86 3.33
N ASP C 356 17.34 39.98 3.46
CA ASP C 356 16.51 40.73 2.51
C ASP C 356 17.02 42.17 2.34
N LEU C 357 17.25 42.86 3.45
CA LEU C 357 17.80 44.22 3.41
C LEU C 357 19.21 44.27 2.82
N LEU C 358 20.02 43.24 3.03
CA LEU C 358 21.34 43.15 2.37
C LEU C 358 21.21 43.02 0.86
N GLY C 359 20.26 42.20 0.42
CA GLY C 359 19.99 42.02 -1.01
C GLY C 359 19.36 43.23 -1.70
N GLN C 360 18.50 43.97 -1.00
CA GLN C 360 17.93 45.22 -1.53
C GLN C 360 19.04 46.24 -1.80
N GLN C 361 19.82 46.54 -0.77
CA GLN C 361 20.95 47.48 -0.88
C GLN C 361 21.91 47.09 -2.04
N TRP C 362 22.20 45.80 -2.15
CA TRP C 362 23.07 45.26 -3.19
C TRP C 362 22.53 45.48 -4.60
N LEU C 363 21.26 45.19 -4.80
CA LEU C 363 20.61 45.42 -6.10
C LEU C 363 20.45 46.91 -6.49
N ALA C 364 20.49 47.80 -5.49
CA ALA C 364 20.27 49.24 -5.69
C ALA C 364 21.54 50.10 -5.68
N ARG C 365 22.72 49.49 -5.69
CA ARG C 365 23.98 50.19 -5.41
C ARG C 365 24.58 50.90 -6.62
N MET D 1 34.68 9.80 -25.01
CA MET D 1 34.95 11.12 -24.33
C MET D 1 34.04 11.34 -23.11
N LEU D 2 33.62 10.26 -22.45
CA LEU D 2 32.89 10.34 -21.18
C LEU D 2 33.86 10.50 -20.02
N LYS D 3 33.44 11.27 -19.01
CA LYS D 3 34.14 11.31 -17.73
C LYS D 3 33.50 10.27 -16.83
N VAL D 4 34.32 9.48 -16.13
CA VAL D 4 33.80 8.43 -15.25
C VAL D 4 34.52 8.48 -13.91
N ILE D 5 33.74 8.27 -12.85
CA ILE D 5 34.28 8.07 -11.51
C ILE D 5 33.52 6.89 -10.88
N GLN D 6 34.24 5.99 -10.22
CA GLN D 6 33.59 4.91 -9.47
C GLN D 6 34.04 4.90 -8.02
N SER D 7 33.24 4.27 -7.19
CA SER D 7 33.46 4.29 -5.75
C SER D 7 32.86 3.04 -5.11
N PRO D 8 33.41 2.62 -3.95
CA PRO D 8 32.65 1.66 -3.14
C PRO D 8 31.40 2.32 -2.59
N GLY D 9 30.31 1.56 -2.48
CA GLY D 9 29.03 2.06 -1.97
C GLY D 9 29.12 2.85 -0.68
N LYS D 10 29.84 2.30 0.31
CA LYS D 10 30.03 2.95 1.60
C LYS D 10 31.43 2.72 2.14
N TYR D 11 32.00 3.76 2.76
CA TYR D 11 33.33 3.67 3.37
C TYR D 11 33.20 4.13 4.82
N LEU D 12 33.51 3.23 5.77
CA LEU D 12 33.39 3.50 7.21
C LEU D 12 34.77 3.58 7.85
N GLN D 13 34.93 4.50 8.79
CA GLN D 13 36.21 4.67 9.46
C GLN D 13 36.11 5.28 10.85
N GLY D 14 36.76 4.66 11.83
CA GLY D 14 36.84 5.17 13.19
C GLY D 14 37.21 4.11 14.20
N PRO D 15 37.29 4.49 15.49
CA PRO D 15 37.48 3.50 16.55
C PRO D 15 36.36 2.47 16.57
N ASP D 16 36.72 1.19 16.72
CA ASP D 16 35.74 0.09 16.84
C ASP D 16 34.81 -0.08 15.64
N ALA D 17 35.24 0.32 14.44
CA ALA D 17 34.42 0.21 13.24
C ALA D 17 34.11 -1.24 12.86
N SER D 18 35.00 -2.17 13.23
CA SER D 18 34.81 -3.58 12.91
C SER D 18 33.69 -4.25 13.72
N THR D 19 33.31 -3.63 14.84
CA THR D 19 32.18 -4.05 15.68
C THR D 19 30.92 -3.16 15.55
N LEU D 20 31.01 -2.08 14.78
CA LEU D 20 29.89 -1.14 14.58
C LEU D 20 29.28 -1.16 13.16
N PHE D 21 29.88 -1.88 12.23
CA PHE D 21 29.46 -1.87 10.81
C PHE D 21 28.25 -2.76 10.52
N GLY D 22 27.82 -3.55 11.51
CA GLY D 22 26.69 -4.47 11.34
C GLY D 22 25.37 -3.81 10.95
N ALA D 23 25.15 -2.60 11.45
CA ALA D 23 23.94 -1.82 11.12
C ALA D 23 23.77 -1.65 9.61
N TYR D 24 24.86 -1.28 8.95
CA TYR D 24 24.85 -1.07 7.50
C TYR D 24 24.92 -2.37 6.72
N ALA D 25 25.65 -3.35 7.26
CA ALA D 25 25.80 -4.67 6.63
C ALA D 25 24.50 -5.45 6.57
N LYS D 26 23.70 -5.35 7.65
CA LYS D 26 22.37 -5.96 7.70
C LYS D 26 21.49 -5.71 6.47
N ASN D 27 21.57 -4.48 5.91
CA ASN D 27 20.82 -4.11 4.71
C ASN D 27 21.39 -4.69 3.40
N LEU D 28 22.65 -5.15 3.41
CA LEU D 28 23.26 -5.79 2.23
C LEU D 28 22.87 -7.26 2.08
N ALA D 29 22.84 -7.98 3.20
CA ALA D 29 22.48 -9.40 3.19
C ALA D 29 22.09 -9.87 4.58
N GLU D 30 21.35 -10.98 4.62
CA GLU D 30 20.92 -11.61 5.87
C GLU D 30 21.94 -12.57 6.46
N SER D 31 22.96 -12.93 5.68
CA SER D 31 24.05 -13.77 6.17
C SER D 31 25.35 -13.53 5.42
N PHE D 32 26.47 -13.79 6.08
CA PHE D 32 27.80 -13.49 5.56
C PHE D 32 28.79 -14.64 5.73
N PHE D 33 29.59 -14.85 4.68
CA PHE D 33 30.70 -15.79 4.68
C PHE D 33 31.98 -15.00 4.99
N VAL D 34 32.52 -15.20 6.19
CA VAL D 34 33.64 -14.40 6.70
C VAL D 34 34.96 -15.16 6.52
N ILE D 35 35.97 -14.52 5.91
CA ILE D 35 37.29 -15.15 5.75
C ILE D 35 38.45 -14.33 6.34
N ALA D 36 39.43 -15.06 6.87
CA ALA D 36 40.64 -14.48 7.45
C ALA D 36 41.69 -15.57 7.68
N ASP D 37 42.97 -15.19 7.70
CA ASP D 37 44.03 -16.10 8.12
C ASP D 37 43.95 -16.30 9.64
N ASP D 38 44.69 -17.29 10.16
CA ASP D 38 44.56 -17.65 11.57
C ASP D 38 44.98 -16.55 12.52
N PHE D 39 46.05 -15.84 12.16
CA PHE D 39 46.51 -14.68 12.94
C PHE D 39 45.43 -13.62 13.07
N VAL D 40 44.82 -13.24 11.94
CA VAL D 40 43.79 -12.21 11.90
C VAL D 40 42.45 -12.71 12.49
N MET D 41 42.13 -13.99 12.28
CA MET D 41 40.90 -14.58 12.83
C MET D 41 40.87 -14.51 14.37
N LYS D 42 42.01 -14.72 15.03
CA LYS D 42 42.07 -14.61 16.49
C LYS D 42 42.14 -13.16 16.98
N LEU D 43 42.80 -12.29 16.21
CA LEU D 43 43.01 -10.89 16.60
C LEU D 43 41.72 -10.08 16.50
N ALA D 44 41.08 -10.10 15.33
CA ALA D 44 39.87 -9.31 15.06
C ALA D 44 38.66 -10.11 14.58
N GLY D 45 38.82 -11.40 14.29
CA GLY D 45 37.72 -12.20 13.72
C GLY D 45 36.60 -12.43 14.70
N ASP D 46 36.94 -12.82 15.92
CA ASP D 46 35.97 -13.11 16.97
C ASP D 46 35.11 -11.91 17.36
N LYS D 47 35.69 -10.71 17.37
CA LYS D 47 34.93 -9.48 17.65
C LYS D 47 33.94 -9.16 16.52
N VAL D 48 34.39 -9.30 15.28
CA VAL D 48 33.56 -9.04 14.09
C VAL D 48 32.34 -9.95 14.05
N LEU D 49 32.56 -11.24 14.32
CA LEU D 49 31.48 -12.21 14.36
C LEU D 49 30.46 -11.90 15.45
N ASN D 50 30.93 -11.57 16.66
CA ASN D 50 30.04 -11.20 17.77
C ASN D 50 29.20 -9.97 17.47
N GLY D 51 29.81 -8.98 16.79
CA GLY D 51 29.12 -7.74 16.41
C GLY D 51 28.07 -7.96 15.33
N LEU D 52 28.40 -8.77 14.32
CA LEU D 52 27.44 -9.13 13.27
C LEU D 52 26.27 -9.96 13.83
N HIS D 53 26.57 -10.86 14.77
CA HIS D 53 25.54 -11.62 15.49
C HIS D 53 24.60 -10.70 16.27
N SER D 54 25.14 -9.67 16.91
CA SER D 54 24.32 -8.73 17.70
C SER D 54 23.31 -7.92 16.87
N HIS D 55 23.58 -7.75 15.57
CA HIS D 55 22.60 -7.20 14.63
C HIS D 55 21.79 -8.27 13.88
N ASP D 56 21.73 -9.50 14.42
CA ASP D 56 20.92 -10.60 13.84
C ASP D 56 21.33 -10.91 12.39
N ILE D 57 22.57 -11.30 12.22
CA ILE D 57 23.12 -11.72 10.93
C ILE D 57 23.77 -13.09 11.13
N SER D 58 23.37 -14.06 10.32
CA SER D 58 23.91 -15.43 10.38
C SER D 58 25.30 -15.46 9.74
N LEU D 59 26.23 -16.21 10.33
CA LEU D 59 27.62 -16.25 9.86
C LEU D 59 28.23 -17.63 9.87
N HIS D 60 29.12 -17.87 8.90
CA HIS D 60 30.08 -18.96 9.00
C HIS D 60 31.47 -18.43 8.67
N ALA D 61 32.37 -18.56 9.64
CA ALA D 61 33.77 -18.16 9.50
C ALA D 61 34.56 -19.31 8.92
N GLU D 62 35.47 -19.01 8.01
CA GLU D 62 36.34 -20.03 7.41
C GLU D 62 37.78 -19.52 7.25
N ARG D 63 38.73 -20.44 7.36
CA ARG D 63 40.15 -20.13 7.35
C ARG D 63 40.65 -19.88 5.93
N PHE D 64 41.52 -18.87 5.78
CA PHE D 64 42.13 -18.49 4.50
C PHE D 64 43.60 -18.95 4.53
N ASN D 65 44.03 -19.62 3.45
CA ASN D 65 45.37 -20.26 3.41
C ASN D 65 46.55 -19.31 3.18
N GLY D 66 46.27 -18.06 2.84
CA GLY D 66 47.29 -17.02 2.79
C GLY D 66 47.68 -16.54 1.40
N GLU D 67 47.10 -17.14 0.36
CA GLU D 67 47.40 -16.76 -1.03
C GLU D 67 46.13 -16.54 -1.83
N CYS D 68 46.10 -15.44 -2.60
CA CYS D 68 44.98 -15.11 -3.48
C CYS D 68 45.14 -15.79 -4.83
N SER D 69 44.81 -17.08 -4.86
CA SER D 69 44.95 -17.91 -6.07
C SER D 69 43.59 -18.38 -6.54
N HIS D 70 43.52 -18.74 -7.82
CA HIS D 70 42.28 -19.30 -8.39
C HIS D 70 41.84 -20.57 -7.65
N VAL D 71 42.82 -21.41 -7.29
CA VAL D 71 42.54 -22.64 -6.52
C VAL D 71 41.91 -22.31 -5.16
N GLU D 72 42.48 -21.33 -4.47
CA GLU D 72 41.97 -20.93 -3.15
C GLU D 72 40.56 -20.34 -3.23
N ILE D 73 40.33 -19.50 -4.25
CA ILE D 73 39.00 -18.93 -4.51
C ILE D 73 37.95 -20.04 -4.69
N ARG D 74 38.26 -21.01 -5.56
CA ARG D 74 37.34 -22.12 -5.86
C ARG D 74 37.11 -23.03 -4.66
N ARG D 75 38.13 -23.20 -3.80
CA ARG D 75 38.00 -23.99 -2.57
C ARG D 75 37.01 -23.34 -1.59
N LEU D 76 37.14 -22.02 -1.42
CA LEU D 76 36.29 -21.26 -0.50
C LEU D 76 34.86 -21.08 -1.03
N ILE D 77 34.73 -20.87 -2.34
CA ILE D 77 33.42 -20.84 -3.00
C ILE D 77 32.63 -22.11 -2.73
N ALA D 78 33.27 -23.27 -2.88
CA ALA D 78 32.64 -24.57 -2.62
C ALA D 78 32.08 -24.67 -1.20
N ILE D 79 32.81 -24.15 -0.22
CA ILE D 79 32.34 -24.14 1.17
C ILE D 79 31.22 -23.10 1.34
N LEU D 80 31.36 -21.95 0.69
CA LEU D 80 30.32 -20.92 0.72
C LEU D 80 28.98 -21.47 0.23
N LYS D 81 29.00 -22.16 -0.93
CA LYS D 81 27.80 -22.79 -1.51
C LYS D 81 27.11 -23.77 -0.56
N GLN D 82 27.92 -24.56 0.15
CA GLN D 82 27.43 -25.55 1.09
C GLN D 82 26.63 -24.92 2.26
N HIS D 83 27.09 -23.76 2.72
CA HIS D 83 26.41 -23.02 3.80
C HIS D 83 25.33 -22.04 3.31
N GLY D 84 25.35 -21.67 2.04
CA GLY D 84 24.30 -20.81 1.45
C GLY D 84 24.32 -19.37 1.92
N CYS D 85 25.53 -18.86 2.16
CA CYS D 85 25.72 -17.52 2.71
C CYS D 85 25.49 -16.46 1.62
N ARG D 86 24.86 -15.37 2.01
CA ARG D 86 24.35 -14.36 1.05
C ARG D 86 25.31 -13.18 0.83
N GLY D 87 26.39 -13.10 1.61
CA GLY D 87 27.44 -12.09 1.41
C GLY D 87 28.81 -12.62 1.74
N VAL D 88 29.84 -11.81 1.49
CA VAL D 88 31.23 -12.15 1.78
C VAL D 88 31.89 -11.03 2.57
N VAL D 89 32.54 -11.38 3.69
CA VAL D 89 33.42 -10.48 4.44
C VAL D 89 34.85 -10.99 4.36
N GLY D 90 35.77 -10.11 4.00
CA GLY D 90 37.20 -10.36 4.12
C GLY D 90 37.78 -9.51 5.22
N VAL D 91 38.58 -10.11 6.10
CA VAL D 91 39.28 -9.40 7.18
C VAL D 91 40.78 -9.70 7.04
N GLY D 92 41.63 -8.68 7.06
CA GLY D 92 43.08 -8.87 7.05
C GLY D 92 43.81 -8.05 6.00
N GLY D 93 44.90 -8.63 5.45
CA GLY D 93 45.75 -7.93 4.50
C GLY D 93 45.27 -8.05 3.07
N GLY D 94 46.07 -7.56 2.12
CA GLY D 94 45.70 -7.46 0.71
C GLY D 94 45.22 -8.73 0.03
N LYS D 95 45.95 -9.83 0.26
CA LYS D 95 45.61 -11.11 -0.38
C LYS D 95 44.28 -11.67 0.12
N THR D 96 43.97 -11.50 1.41
CA THR D 96 42.67 -11.89 1.96
C THR D 96 41.51 -11.06 1.36
N LEU D 97 41.69 -9.76 1.29
CA LEU D 97 40.64 -8.86 0.81
C LEU D 97 40.35 -9.09 -0.67
N ASP D 98 41.41 -9.26 -1.46
CA ASP D 98 41.28 -9.54 -2.89
C ASP D 98 40.59 -10.86 -3.19
N THR D 99 40.77 -11.85 -2.34
CA THR D 99 40.08 -13.13 -2.46
C THR D 99 38.59 -13.02 -2.14
N ALA D 100 38.26 -12.16 -1.16
CA ALA D 100 36.86 -11.88 -0.84
C ALA D 100 36.14 -11.18 -1.99
N LYS D 101 36.85 -10.31 -2.73
CA LYS D 101 36.29 -9.61 -3.90
C LYS D 101 35.97 -10.58 -5.03
N ALA D 102 36.89 -11.49 -5.29
CA ALA D 102 36.73 -12.51 -6.33
C ALA D 102 35.55 -13.42 -6.05
N ILE D 103 35.45 -13.89 -4.80
CA ILE D 103 34.32 -14.73 -4.36
C ILE D 103 32.99 -14.00 -4.58
N GLY D 104 32.94 -12.73 -4.19
CA GLY D 104 31.74 -11.89 -4.39
C GLY D 104 31.37 -11.72 -5.84
N TYR D 105 32.40 -11.50 -6.67
CA TYR D 105 32.21 -11.38 -8.12
C TYR D 105 31.64 -12.66 -8.75
N TYR D 106 32.33 -13.78 -8.57
CA TYR D 106 31.91 -15.04 -9.20
C TYR D 106 30.56 -15.58 -8.70
N GLN D 107 30.21 -15.28 -7.44
CA GLN D 107 28.93 -15.68 -6.85
C GLN D 107 27.84 -14.60 -6.93
N LYS D 108 28.15 -13.43 -7.47
CA LYS D 108 27.22 -12.29 -7.54
C LYS D 108 26.69 -11.95 -6.14
N LEU D 109 27.62 -11.73 -5.21
CA LEU D 109 27.30 -11.41 -3.81
C LEU D 109 27.93 -10.08 -3.39
N PRO D 110 27.30 -9.39 -2.41
CA PRO D 110 27.91 -8.17 -1.87
C PRO D 110 29.18 -8.48 -1.07
N VAL D 111 30.09 -7.52 -1.05
CA VAL D 111 31.43 -7.69 -0.50
C VAL D 111 31.67 -6.63 0.57
N VAL D 112 32.20 -7.06 1.72
CA VAL D 112 32.69 -6.16 2.75
C VAL D 112 34.17 -6.45 2.91
N VAL D 113 35.01 -5.41 2.89
CA VAL D 113 36.44 -5.56 3.13
C VAL D 113 36.81 -4.80 4.40
N ILE D 114 37.57 -5.46 5.27
CA ILE D 114 37.96 -4.90 6.57
C ILE D 114 39.48 -4.98 6.69
N PRO D 115 40.20 -4.00 6.08
CA PRO D 115 41.65 -3.96 6.26
C PRO D 115 42.06 -3.72 7.70
N THR D 116 42.91 -4.61 8.23
CA THR D 116 43.52 -4.45 9.54
C THR D 116 44.84 -3.65 9.48
N ILE D 117 45.30 -3.33 8.27
CA ILE D 117 46.51 -2.53 8.04
C ILE D 117 46.23 -1.50 6.94
N ALA D 118 46.87 -0.33 7.02
CA ALA D 118 46.65 0.77 6.06
C ALA D 118 47.88 0.99 5.17
N SER D 119 48.24 -0.04 4.42
CA SER D 119 49.53 -0.08 3.69
C SER D 119 49.43 0.02 2.17
N THR D 120 48.21 -0.07 1.62
CA THR D 120 47.97 0.08 0.20
C THR D 120 46.63 0.81 -0.01
N ASP D 121 46.37 1.22 -1.25
CA ASP D 121 45.10 1.83 -1.65
C ASP D 121 44.20 0.87 -2.45
N ALA D 122 44.57 -0.41 -2.41
CA ALA D 122 43.80 -1.48 -3.04
C ALA D 122 42.39 -1.70 -2.47
N PRO D 123 42.20 -1.59 -1.13
CA PRO D 123 40.90 -1.97 -0.53
C PRO D 123 39.62 -1.43 -1.20
N THR D 124 39.64 -0.19 -1.67
CA THR D 124 38.47 0.44 -2.32
C THR D 124 38.30 0.05 -3.80
N SER D 125 39.38 -0.42 -4.44
CA SER D 125 39.35 -0.70 -5.87
C SER D 125 38.54 -1.94 -6.26
N ALA D 126 38.10 -1.95 -7.51
CA ALA D 126 37.45 -3.10 -8.13
C ALA D 126 38.53 -3.95 -8.79
N LEU D 127 39.47 -4.43 -7.97
CA LEU D 127 40.68 -5.05 -8.46
C LEU D 127 41.14 -6.13 -7.49
N SER D 128 41.61 -7.25 -8.06
CA SER D 128 42.28 -8.29 -7.29
C SER D 128 43.59 -8.65 -7.98
N VAL D 129 44.65 -8.82 -7.18
CA VAL D 129 45.93 -9.27 -7.69
C VAL D 129 46.00 -10.77 -7.48
N ILE D 130 45.96 -11.53 -8.58
CA ILE D 130 45.92 -12.99 -8.54
C ILE D 130 47.34 -13.57 -8.62
N TYR D 131 47.60 -14.54 -7.75
CA TYR D 131 48.89 -15.20 -7.61
C TYR D 131 48.71 -16.70 -7.84
N THR D 132 49.80 -17.39 -8.14
CA THR D 132 49.80 -18.86 -8.16
C THR D 132 49.88 -19.34 -6.71
N GLU D 133 49.73 -20.63 -6.48
CA GLU D 133 49.83 -21.19 -5.12
C GLU D 133 51.24 -21.00 -4.54
N ALA D 134 52.26 -21.10 -5.40
CA ALA D 134 53.65 -20.86 -5.00
C ALA D 134 53.97 -19.40 -4.66
N GLY D 135 53.19 -18.45 -5.17
CA GLY D 135 53.33 -17.03 -4.84
C GLY D 135 53.80 -16.12 -5.98
N GLU D 136 53.99 -16.68 -7.19
CA GLU D 136 54.27 -15.87 -8.38
C GLU D 136 53.01 -15.21 -8.92
N PHE D 137 53.13 -13.96 -9.36
CA PHE D 137 52.04 -13.20 -9.98
C PHE D 137 51.53 -13.92 -11.23
N GLU D 138 50.21 -13.95 -11.40
CA GLU D 138 49.55 -14.60 -12.54
C GLU D 138 48.81 -13.58 -13.43
N GLU D 139 47.87 -12.84 -12.85
CA GLU D 139 47.06 -11.88 -13.61
C GLU D 139 46.36 -10.87 -12.68
N TYR D 140 45.66 -9.91 -13.31
CA TYR D 140 44.75 -9.00 -12.62
C TYR D 140 43.31 -9.31 -13.01
N LEU D 141 42.43 -9.42 -12.02
CA LEU D 141 40.99 -9.46 -12.26
C LEU D 141 40.39 -8.10 -11.91
N ILE D 142 39.95 -7.38 -12.95
CA ILE D 142 39.26 -6.10 -12.79
C ILE D 142 37.78 -6.40 -12.81
N TYR D 143 37.06 -5.96 -11.79
CA TYR D 143 35.62 -6.20 -11.67
C TYR D 143 34.78 -5.01 -12.14
N PRO D 144 33.52 -5.26 -12.54
CA PRO D 144 32.59 -4.16 -12.81
C PRO D 144 32.25 -3.33 -11.57
N LYS D 145 32.29 -3.94 -10.40
CA LYS D 145 31.79 -3.37 -9.16
C LYS D 145 32.89 -3.22 -8.11
N ASN D 146 32.87 -2.09 -7.38
CA ASN D 146 33.75 -1.92 -6.21
C ASN D 146 33.15 -2.66 -5.02
N PRO D 147 33.95 -2.90 -3.96
CA PRO D 147 33.36 -3.45 -2.74
C PRO D 147 32.16 -2.63 -2.27
N ASP D 148 31.14 -3.33 -1.75
CA ASP D 148 29.93 -2.65 -1.28
C ASP D 148 30.19 -1.89 0.02
N MET D 149 31.10 -2.40 0.86
CA MET D 149 31.54 -1.70 2.06
C MET D 149 33.04 -1.82 2.27
N VAL D 150 33.64 -0.74 2.80
CA VAL D 150 35.04 -0.72 3.21
C VAL D 150 35.08 -0.21 4.65
N VAL D 151 35.57 -1.04 5.58
CA VAL D 151 35.49 -0.76 7.01
C VAL D 151 36.89 -0.68 7.61
N MET D 152 37.25 0.49 8.13
CA MET D 152 38.59 0.78 8.62
C MET D 152 38.52 1.01 10.13
N ASP D 153 38.89 0.00 10.90
CA ASP D 153 38.95 0.13 12.36
C ASP D 153 40.32 0.67 12.71
N THR D 154 40.36 1.95 13.06
CA THR D 154 41.61 2.67 13.29
C THR D 154 42.29 2.32 14.61
N ALA D 155 41.55 1.71 15.55
CA ALA D 155 42.14 1.16 16.78
C ALA D 155 42.98 -0.08 16.48
N ILE D 156 42.53 -0.89 15.53
CA ILE D 156 43.26 -2.07 15.08
C ILE D 156 44.43 -1.67 14.17
N ILE D 157 44.17 -0.76 13.24
CA ILE D 157 45.20 -0.31 12.30
C ILE D 157 46.37 0.40 13.01
N ALA D 158 46.05 1.23 14.01
CA ALA D 158 47.07 1.90 14.82
C ALA D 158 48.09 0.95 15.46
N LYS D 159 47.64 -0.23 15.88
CA LYS D 159 48.51 -1.21 16.53
C LYS D 159 49.39 -2.05 15.60
N ALA D 160 49.14 -1.98 14.29
CA ALA D 160 49.98 -2.64 13.28
C ALA D 160 51.38 -2.00 13.22
N PRO D 161 52.41 -2.78 12.78
CA PRO D 161 53.77 -2.25 12.67
C PRO D 161 53.84 -0.93 11.88
N VAL D 162 54.58 0.02 12.41
CA VAL D 162 54.66 1.39 11.87
C VAL D 162 55.05 1.39 10.39
N ARG D 163 55.98 0.50 10.03
CA ARG D 163 56.49 0.36 8.67
C ARG D 163 55.39 0.19 7.61
N LEU D 164 54.32 -0.53 7.97
CA LEU D 164 53.21 -0.76 7.06
C LEU D 164 52.43 0.53 6.76
N LEU D 165 52.17 1.34 7.79
CA LEU D 165 51.52 2.65 7.60
C LEU D 165 52.38 3.60 6.75
N VAL D 166 53.70 3.55 6.94
CA VAL D 166 54.64 4.35 6.15
C VAL D 166 54.68 3.89 4.69
N SER D 167 54.65 2.59 4.46
N SER D 167 54.67 2.58 4.46
CA SER D 167 54.54 2.07 3.09
CA SER D 167 54.51 2.01 3.10
C SER D 167 53.24 2.52 2.43
C SER D 167 53.21 2.46 2.42
N GLY D 168 52.16 2.59 3.22
CA GLY D 168 50.88 3.13 2.76
C GLY D 168 50.95 4.58 2.32
N MET D 169 51.73 5.39 3.04
CA MET D 169 51.95 6.80 2.66
C MET D 169 52.82 6.93 1.41
N GLY D 170 53.73 5.97 1.21
CA GLY D 170 54.51 5.89 -0.02
C GLY D 170 53.70 5.57 -1.25
N ASP D 171 52.70 4.70 -1.09
CA ASP D 171 51.77 4.33 -2.17
C ASP D 171 50.85 5.50 -2.49
N ALA D 172 50.48 6.26 -1.46
CA ALA D 172 49.56 7.37 -1.57
C ALA D 172 50.20 8.63 -2.14
N LEU D 173 51.48 8.85 -1.81
CA LEU D 173 52.28 9.96 -2.34
C LEU D 173 52.33 10.01 -3.88
N SER D 174 52.28 8.85 -4.52
CA SER D 174 52.25 8.76 -5.98
C SER D 174 50.95 9.20 -6.64
N THR D 175 49.88 9.30 -5.88
CA THR D 175 48.53 9.38 -6.47
C THR D 175 48.31 10.68 -7.23
N TRP D 176 48.62 11.81 -6.59
CA TRP D 176 48.53 13.13 -7.24
C TRP D 176 49.36 13.23 -8.52
N PHE D 177 50.57 12.71 -8.49
CA PHE D 177 51.50 12.91 -9.61
C PHE D 177 51.12 12.09 -10.85
N GLU D 178 50.65 10.87 -10.60
CA GLU D 178 50.16 9.99 -11.67
C GLU D 178 48.76 10.39 -12.15
N ALA D 179 47.91 10.80 -11.22
CA ALA D 179 46.59 11.29 -11.58
C ALA D 179 46.74 12.51 -12.48
N LYS D 180 47.50 13.50 -12.00
CA LYS D 180 47.73 14.78 -12.72
C LYS D 180 48.40 14.58 -14.09
N ALA D 181 49.27 13.57 -14.19
CA ALA D 181 49.92 13.20 -15.46
C ALA D 181 48.95 12.58 -16.45
N CYS D 182 48.01 11.77 -15.95
CA CYS D 182 46.92 11.23 -16.77
C CYS D 182 45.94 12.32 -17.20
N TYR D 183 45.65 13.25 -16.29
CA TYR D 183 44.77 14.38 -16.58
C TYR D 183 45.35 15.25 -17.69
N ASP D 184 46.62 15.62 -17.56
CA ASP D 184 47.32 16.38 -18.62
C ASP D 184 47.44 15.61 -19.92
N ALA D 185 47.66 14.30 -19.83
CA ALA D 185 47.77 13.44 -21.03
C ALA D 185 46.45 13.12 -21.70
N ARG D 186 45.33 13.37 -21.01
CA ARG D 186 44.00 12.92 -21.43
C ARG D 186 43.98 11.39 -21.57
N ALA D 187 44.57 10.72 -20.58
CA ALA D 187 44.70 9.28 -20.58
C ALA D 187 43.52 8.64 -19.86
N THR D 188 43.06 7.51 -20.38
CA THR D 188 41.94 6.78 -19.82
C THR D 188 42.33 6.09 -18.50
N SER D 189 41.42 6.10 -17.53
CA SER D 189 41.60 5.41 -16.25
C SER D 189 40.88 4.06 -16.24
N MET D 190 41.07 3.30 -15.17
CA MET D 190 40.39 2.01 -14.96
C MET D 190 38.88 2.13 -14.88
N ALA D 191 38.40 3.28 -14.39
CA ALA D 191 36.98 3.62 -14.42
C ALA D 191 36.41 3.60 -15.85
N GLY D 192 37.25 3.93 -16.83
CA GLY D 192 36.95 3.72 -18.24
C GLY D 192 36.92 4.95 -19.13
N GLY D 193 37.08 6.15 -18.55
CA GLY D 193 37.09 7.40 -19.31
C GLY D 193 38.10 8.40 -18.81
N GLN D 194 37.85 9.66 -19.13
CA GLN D 194 38.69 10.76 -18.63
C GLN D 194 38.40 10.98 -17.15
N SER D 195 39.24 11.78 -16.49
CA SER D 195 39.06 12.08 -15.08
C SER D 195 38.01 13.16 -14.86
N THR D 196 37.18 12.92 -13.85
CA THR D 196 36.33 13.97 -13.30
C THR D 196 37.24 14.89 -12.50
N GLU D 197 36.77 16.11 -12.23
CA GLU D 197 37.49 17.00 -11.33
C GLU D 197 37.47 16.48 -9.90
N ALA D 198 36.36 15.82 -9.54
CA ALA D 198 36.20 15.15 -8.23
C ALA D 198 37.37 14.24 -7.87
N ALA D 199 37.65 13.30 -8.77
CA ALA D 199 38.71 12.31 -8.60
C ALA D 199 40.10 12.95 -8.53
N LEU D 200 40.35 13.93 -9.40
CA LEU D 200 41.62 14.68 -9.41
C LEU D 200 41.79 15.55 -8.17
N SER D 201 40.71 16.18 -7.71
CA SER D 201 40.73 16.97 -6.49
C SER D 201 41.08 16.12 -5.28
N LEU D 202 40.52 14.90 -5.21
CA LEU D 202 40.81 13.97 -4.11
C LEU D 202 42.23 13.42 -4.20
N ALA D 203 42.71 13.21 -5.42
CA ALA D 203 44.13 12.92 -5.67
C ALA D 203 45.06 13.98 -5.07
N ARG D 204 44.70 15.25 -5.25
CA ARG D 204 45.49 16.38 -4.74
C ARG D 204 45.36 16.49 -3.23
N LEU D 205 44.15 16.31 -2.71
CA LEU D 205 43.93 16.30 -1.27
C LEU D 205 44.74 15.21 -0.58
N CYS D 206 44.84 14.05 -1.20
CA CYS D 206 45.70 12.97 -0.72
C CYS D 206 47.11 13.49 -0.43
N TYR D 207 47.69 14.15 -1.43
CA TYR D 207 49.05 14.68 -1.37
C TYR D 207 49.23 15.76 -0.32
N ASP D 208 48.31 16.74 -0.27
CA ASP D 208 48.37 17.82 0.74
C ASP D 208 48.19 17.30 2.16
N THR D 209 47.36 16.26 2.30
CA THR D 209 47.14 15.61 3.59
C THR D 209 48.40 14.88 4.08
N LEU D 210 49.10 14.19 3.19
CA LEU D 210 50.39 13.55 3.57
C LEU D 210 51.38 14.57 4.12
N LEU D 211 51.53 15.70 3.44
CA LEU D 211 52.45 16.75 3.86
C LEU D 211 52.02 17.39 5.19
N ALA D 212 50.72 17.63 5.33
CA ALA D 212 50.19 18.24 6.55
C ALA D 212 50.21 17.28 7.76
N GLU D 213 49.77 16.04 7.53
CA GLU D 213 49.46 15.10 8.62
C GLU D 213 50.42 13.91 8.74
N GLY D 214 51.25 13.66 7.73
CA GLY D 214 52.06 12.44 7.66
C GLY D 214 52.98 12.18 8.84
N GLU D 215 53.65 13.23 9.30
CA GLU D 215 54.57 13.10 10.43
C GLU D 215 53.84 12.93 11.76
N LYS D 216 52.81 13.74 12.01
CA LYS D 216 52.00 13.58 13.24
C LYS D 216 51.37 12.21 13.34
N ALA D 217 50.97 11.66 12.20
CA ALA D 217 50.38 10.31 12.13
C ALA D 217 51.39 9.21 12.42
N ARG D 218 52.57 9.29 11.79
CA ARG D 218 53.60 8.27 11.97
C ARG D 218 54.05 8.12 13.42
N LEU D 219 54.10 9.21 14.17
CA LEU D 219 54.47 9.17 15.58
C LEU D 219 53.38 8.58 16.46
N ALA D 220 52.13 8.90 16.14
CA ALA D 220 50.97 8.25 16.78
C ALA D 220 50.97 6.76 16.49
N ALA D 221 51.22 6.40 15.24
CA ALA D 221 51.38 5.00 14.84
C ALA D 221 52.57 4.32 15.53
N GLN D 222 53.67 5.05 15.68
CA GLN D 222 54.82 4.55 16.46
C GLN D 222 54.41 4.18 17.88
N ALA D 223 53.64 5.04 18.53
CA ALA D 223 53.14 4.79 19.89
C ALA D 223 52.04 3.72 19.98
N GLY D 224 51.42 3.38 18.86
CA GLY D 224 50.36 2.37 18.79
C GLY D 224 48.96 2.95 19.04
N VAL D 225 48.81 4.25 18.79
CA VAL D 225 47.69 5.03 19.34
C VAL D 225 46.91 5.79 18.25
N VAL D 226 45.67 6.14 18.55
CA VAL D 226 44.77 6.80 17.59
C VAL D 226 44.68 8.31 17.85
N THR D 227 45.22 9.10 16.93
CA THR D 227 45.01 10.57 16.91
C THR D 227 44.23 10.94 15.65
N ASP D 228 43.77 12.20 15.54
CA ASP D 228 43.02 12.62 14.33
C ASP D 228 43.94 12.79 13.12
N ALA D 229 45.25 12.91 13.33
CA ALA D 229 46.23 12.92 12.23
C ALA D 229 46.35 11.55 11.57
N LEU D 230 46.32 10.50 12.39
CA LEU D 230 46.28 9.13 11.90
C LEU D 230 44.97 8.84 11.15
N GLU D 231 43.86 9.37 11.66
CA GLU D 231 42.56 9.22 11.00
C GLU D 231 42.60 9.84 9.61
N ARG D 232 43.21 11.03 9.50
CA ARG D 232 43.34 11.73 8.22
C ARG D 232 44.23 10.97 7.25
N ILE D 233 45.32 10.41 7.76
CA ILE D 233 46.28 9.64 6.95
C ILE D 233 45.72 8.28 6.52
N ILE D 234 44.96 7.61 7.39
CA ILE D 234 44.27 6.38 7.02
C ILE D 234 43.25 6.62 5.90
N GLU D 235 42.57 7.77 5.92
CA GLU D 235 41.63 8.14 4.86
C GLU D 235 42.38 8.49 3.57
N ALA D 236 43.46 9.26 3.70
CA ALA D 236 44.35 9.57 2.59
C ALA D 236 44.86 8.29 1.93
N ASN D 237 45.40 7.39 2.75
CA ASN D 237 45.95 6.11 2.29
C ASN D 237 44.95 5.16 1.65
N THR D 238 43.67 5.26 2.04
CA THR D 238 42.66 4.29 1.61
C THR D 238 41.62 4.88 0.65
N TYR D 239 40.86 5.88 1.11
CA TYR D 239 39.79 6.43 0.27
C TYR D 239 40.33 7.44 -0.77
N LEU D 240 41.15 8.39 -0.34
CA LEU D 240 41.61 9.44 -1.24
C LEU D 240 42.56 8.92 -2.31
N SER D 241 43.46 8.02 -1.92
CA SER D 241 44.41 7.43 -2.85
C SER D 241 43.70 6.42 -3.77
N GLY D 242 42.77 5.66 -3.20
CA GLY D 242 41.98 4.67 -3.93
C GLY D 242 41.10 5.21 -5.05
N ILE D 243 40.33 6.26 -4.76
CA ILE D 243 39.55 6.96 -5.79
C ILE D 243 40.51 7.62 -6.78
N GLY D 244 41.59 8.20 -6.24
CA GLY D 244 42.62 8.82 -7.04
C GLY D 244 43.25 7.97 -8.14
N PHE D 245 43.66 6.75 -7.82
CA PHE D 245 44.34 5.92 -8.82
C PHE D 245 43.38 5.28 -9.82
N GLU D 246 42.23 4.82 -9.33
CA GLU D 246 41.29 4.05 -10.15
C GLU D 246 40.49 4.93 -11.11
N SER D 247 40.09 6.12 -10.65
CA SER D 247 39.24 7.03 -11.43
C SER D 247 39.94 8.27 -11.98
N SER D 248 41.19 8.52 -11.57
CA SER D 248 42.00 9.59 -12.18
C SER D 248 43.12 9.00 -13.04
N GLY D 249 43.89 8.04 -12.50
CA GLY D 249 44.82 7.22 -13.30
C GLY D 249 46.19 6.93 -12.68
N LEU D 250 46.77 5.80 -13.12
CA LEU D 250 48.18 5.45 -12.85
C LEU D 250 49.06 5.87 -14.01
N ALA D 251 50.35 6.04 -13.75
CA ALA D 251 51.29 6.51 -14.79
C ALA D 251 52.70 5.96 -14.54
N ALA D 252 53.75 6.81 -14.53
CA ALA D 252 55.13 6.32 -14.49
C ALA D 252 55.50 5.57 -13.22
N ALA D 253 55.18 6.16 -12.07
CA ALA D 253 55.58 5.62 -10.76
C ALA D 253 55.27 4.14 -10.54
N HIS D 254 54.07 3.73 -10.91
CA HIS D 254 53.60 2.35 -10.75
C HIS D 254 54.15 1.40 -11.83
N ALA D 255 54.34 1.92 -13.04
CA ALA D 255 55.07 1.18 -14.06
C ALA D 255 56.51 0.87 -13.64
N ILE D 256 57.18 1.85 -13.03
CA ILE D 256 58.57 1.66 -12.55
C ILE D 256 58.59 0.66 -11.39
N HIS D 257 57.64 0.75 -10.47
CA HIS D 257 57.44 -0.26 -9.43
C HIS D 257 57.39 -1.66 -10.02
N ASN D 258 56.62 -1.83 -11.09
CA ASN D 258 56.52 -3.14 -11.77
C ASN D 258 57.84 -3.52 -12.44
N GLY D 259 58.54 -2.54 -12.98
CA GLY D 259 59.90 -2.73 -13.50
C GLY D 259 60.89 -3.25 -12.47
N PHE D 260 60.78 -2.78 -11.22
CA PHE D 260 61.69 -3.20 -10.14
C PHE D 260 61.48 -4.62 -9.61
N THR D 261 60.31 -5.22 -9.90
CA THR D 261 60.03 -6.57 -9.40
C THR D 261 60.89 -7.65 -10.07
N ILE D 262 61.57 -7.33 -11.17
CA ILE D 262 62.51 -8.26 -11.83
C ILE D 262 63.82 -8.48 -11.04
N LEU D 263 64.14 -7.56 -10.14
CA LEU D 263 65.34 -7.66 -9.30
C LEU D 263 64.96 -8.27 -7.94
N GLU D 264 65.60 -9.39 -7.62
CA GLU D 264 65.29 -10.14 -6.38
C GLU D 264 65.70 -9.39 -5.10
N GLU D 265 66.73 -8.57 -5.21
CA GLU D 265 67.16 -7.66 -4.11
C GLU D 265 66.06 -6.70 -3.61
N CYS D 266 65.10 -6.37 -4.47
CA CYS D 266 63.95 -5.52 -4.09
C CYS D 266 62.75 -6.28 -3.48
N HIS D 267 62.80 -7.61 -3.45
CA HIS D 267 61.66 -8.42 -2.96
C HIS D 267 61.38 -8.25 -1.46
N HIS D 268 62.37 -7.84 -0.69
CA HIS D 268 62.15 -7.49 0.73
C HIS D 268 61.36 -6.17 0.96
N LEU D 269 61.23 -5.34 -0.06
CA LEU D 269 60.51 -4.07 0.05
C LEU D 269 59.03 -4.23 -0.21
N TYR D 270 58.21 -3.46 0.51
CA TYR D 270 56.77 -3.48 0.31
C TYR D 270 56.39 -2.64 -0.90
N HIS D 271 55.20 -2.93 -1.41
CA HIS D 271 54.62 -2.24 -2.58
C HIS D 271 54.82 -0.72 -2.59
N GLY D 272 54.39 -0.08 -1.51
CA GLY D 272 54.39 1.38 -1.45
C GLY D 272 55.74 2.04 -1.30
N GLU D 273 56.70 1.31 -0.70
CA GLU D 273 58.07 1.80 -0.59
C GLU D 273 58.73 1.93 -1.96
N LYS D 274 58.53 0.94 -2.82
CA LYS D 274 59.02 0.98 -4.20
C LYS D 274 58.32 2.07 -5.03
N VAL D 275 57.04 2.30 -4.75
CA VAL D 275 56.26 3.35 -5.40
C VAL D 275 56.77 4.74 -5.01
N ALA D 276 57.22 4.89 -3.75
CA ALA D 276 57.76 6.17 -3.29
C ALA D 276 58.99 6.57 -4.09
N PHE D 277 59.89 5.61 -4.31
CA PHE D 277 61.05 5.85 -5.16
C PHE D 277 60.63 6.06 -6.62
N GLY D 278 59.69 5.25 -7.10
CA GLY D 278 59.13 5.40 -8.43
C GLY D 278 58.51 6.76 -8.71
N THR D 279 57.90 7.35 -7.68
CA THR D 279 57.38 8.71 -7.75
C THR D 279 58.50 9.73 -7.95
N LEU D 280 59.60 9.53 -7.23
CA LEU D 280 60.78 10.37 -7.35
C LEU D 280 61.38 10.28 -8.74
N ALA D 281 61.40 9.07 -9.31
CA ALA D 281 61.82 8.87 -10.69
C ALA D 281 60.88 9.58 -11.66
N GLN D 282 59.58 9.56 -11.41
CA GLN D 282 58.61 10.27 -12.23
C GLN D 282 58.81 11.78 -12.21
N LEU D 283 59.19 12.35 -11.07
CA LEU D 283 59.44 13.80 -10.96
C LEU D 283 60.60 14.27 -11.84
N VAL D 284 61.67 13.49 -11.85
CA VAL D 284 62.82 13.73 -12.72
C VAL D 284 62.44 13.52 -14.18
N LEU D 285 61.55 12.56 -14.43
CA LEU D 285 61.06 12.22 -15.76
C LEU D 285 60.22 13.33 -16.39
N GLN D 286 59.27 13.87 -15.62
CA GLN D 286 58.42 15.00 -16.07
C GLN D 286 59.05 16.37 -15.80
N ASN D 287 60.26 16.39 -15.25
CA ASN D 287 60.99 17.62 -14.95
C ASN D 287 60.20 18.56 -14.05
N SER D 288 59.79 18.04 -12.90
CA SER D 288 59.15 18.86 -11.88
C SER D 288 60.20 19.81 -11.32
N PRO D 289 59.79 20.99 -10.84
CA PRO D 289 60.79 21.95 -10.34
C PRO D 289 61.53 21.43 -9.09
N MET D 290 62.65 22.06 -8.77
CA MET D 290 63.52 21.59 -7.70
C MET D 290 62.83 21.59 -6.34
N GLU D 291 62.12 22.69 -6.02
CA GLU D 291 61.41 22.82 -4.74
C GLU D 291 60.38 21.71 -4.52
N GLU D 292 59.78 21.22 -5.61
CA GLU D 292 58.85 20.11 -5.56
C GLU D 292 59.59 18.80 -5.31
N ILE D 293 60.71 18.59 -6.00
CA ILE D 293 61.58 17.44 -5.74
C ILE D 293 62.01 17.45 -4.25
N GLU D 294 62.37 18.63 -3.73
CA GLU D 294 62.84 18.75 -2.34
C GLU D 294 61.77 18.50 -1.27
N THR D 295 60.53 18.90 -1.53
CA THR D 295 59.43 18.60 -0.62
C THR D 295 59.14 17.10 -0.53
N VAL D 296 59.24 16.40 -1.65
CA VAL D 296 59.04 14.94 -1.71
C VAL D 296 60.21 14.17 -1.09
N LEU D 297 61.43 14.57 -1.42
CA LEU D 297 62.63 14.03 -0.77
C LEU D 297 62.56 14.24 0.74
N GLY D 298 62.22 15.46 1.15
CA GLY D 298 62.08 15.82 2.56
C GLY D 298 61.03 15.01 3.28
N PHE D 299 59.88 14.80 2.63
CA PHE D 299 58.82 13.95 3.17
C PHE D 299 59.30 12.52 3.34
N CYS D 300 59.83 11.94 2.26
CA CYS D 300 60.32 10.55 2.26
C CYS D 300 61.39 10.28 3.34
N GLU D 301 62.42 11.12 3.42
CA GLU D 301 63.49 10.96 4.42
C GLU D 301 62.94 10.98 5.84
N LYS D 302 62.03 11.92 6.08
CA LYS D 302 61.47 12.20 7.40
C LYS D 302 60.63 11.03 7.90
N VAL D 303 59.80 10.45 7.02
CA VAL D 303 58.94 9.34 7.43
C VAL D 303 59.60 7.95 7.33
N GLY D 304 60.61 7.81 6.47
CA GLY D 304 61.37 6.55 6.33
C GLY D 304 61.12 5.78 5.05
N LEU D 305 61.05 6.49 3.93
CA LEU D 305 60.83 5.90 2.61
C LEU D 305 62.11 6.02 1.77
N PRO D 306 62.40 5.03 0.90
CA PRO D 306 63.66 5.03 0.15
C PRO D 306 63.77 6.13 -0.91
N VAL D 307 64.86 6.88 -0.88
CA VAL D 307 65.14 7.91 -1.92
C VAL D 307 66.37 7.57 -2.78
N THR D 308 66.96 6.39 -2.56
CA THR D 308 68.16 5.95 -3.29
C THR D 308 68.05 4.48 -3.61
N LEU D 309 68.75 4.07 -4.66
CA LEU D 309 68.81 2.67 -5.04
C LEU D 309 69.36 1.78 -3.92
N ALA D 310 70.36 2.27 -3.19
CA ALA D 310 70.97 1.52 -2.08
C ALA D 310 69.97 1.20 -0.97
N GLN D 311 69.10 2.16 -0.64
CA GLN D 311 68.02 1.90 0.35
C GLN D 311 66.98 0.88 -0.11
N MET D 312 66.93 0.61 -1.41
CA MET D 312 66.12 -0.46 -1.99
C MET D 312 66.87 -1.78 -2.25
N GLY D 313 68.11 -1.89 -1.77
CA GLY D 313 68.90 -3.11 -1.90
C GLY D 313 69.69 -3.30 -3.19
N VAL D 314 69.67 -2.29 -4.08
CA VAL D 314 70.44 -2.35 -5.33
C VAL D 314 71.78 -1.64 -5.13
N LYS D 315 72.83 -2.44 -4.98
CA LYS D 315 74.17 -1.92 -4.61
C LYS D 315 75.23 -2.16 -5.69
N GLU D 316 75.08 -3.22 -6.49
CA GLU D 316 76.04 -3.60 -7.52
C GLU D 316 75.36 -3.78 -8.86
N GLY D 317 76.17 -3.67 -9.93
CA GLY D 317 75.70 -3.82 -11.31
C GLY D 317 74.57 -2.88 -11.68
N ILE D 318 74.61 -1.65 -11.18
CA ILE D 318 73.52 -0.69 -11.31
C ILE D 318 73.11 -0.38 -12.76
N ASP D 319 74.09 -0.09 -13.62
CA ASP D 319 73.82 0.29 -15.01
C ASP D 319 73.01 -0.80 -15.74
N ASP D 320 73.47 -2.04 -15.66
CA ASP D 320 72.80 -3.16 -16.33
C ASP D 320 71.40 -3.44 -15.74
N LYS D 321 71.30 -3.43 -14.41
CA LYS D 321 70.03 -3.72 -13.72
C LYS D 321 68.96 -2.65 -13.94
N ILE D 322 69.37 -1.38 -13.93
CA ILE D 322 68.44 -0.27 -14.18
C ILE D 322 68.02 -0.23 -15.65
N ALA D 323 68.90 -0.65 -16.56
CA ALA D 323 68.52 -0.80 -17.97
C ALA D 323 67.43 -1.85 -18.12
N ALA D 324 67.58 -2.99 -17.46
CA ALA D 324 66.57 -4.05 -17.47
C ALA D 324 65.24 -3.61 -16.82
N VAL D 325 65.33 -2.88 -15.70
CA VAL D 325 64.15 -2.28 -15.03
C VAL D 325 63.45 -1.26 -15.94
N ALA D 326 64.25 -0.50 -16.68
CA ALA D 326 63.74 0.48 -17.64
C ALA D 326 62.99 -0.15 -18.82
N LYS D 327 63.49 -1.28 -19.34
CA LYS D 327 62.81 -1.99 -20.43
C LYS D 327 61.47 -2.56 -19.97
N ALA D 328 61.46 -3.20 -18.81
CA ALA D 328 60.25 -3.80 -18.28
C ALA D 328 59.20 -2.76 -17.89
N THR D 329 59.65 -1.56 -17.51
CA THR D 329 58.78 -0.41 -17.25
C THR D 329 58.01 0.02 -18.52
N CYS D 330 58.70 0.04 -19.67
CA CYS D 330 58.12 0.52 -20.92
C CYS D 330 57.45 -0.57 -21.77
N ALA D 331 57.25 -1.75 -21.18
CA ALA D 331 56.57 -2.86 -21.86
C ALA D 331 55.16 -2.47 -22.31
N GLU D 332 54.71 -3.08 -23.40
CA GLU D 332 53.38 -2.79 -23.93
C GLU D 332 52.29 -3.10 -22.89
N GLY D 333 51.39 -2.13 -22.69
CA GLY D 333 50.32 -2.24 -21.72
C GLY D 333 50.59 -1.54 -20.40
N GLU D 334 51.84 -1.13 -20.18
CA GLU D 334 52.21 -0.46 -18.92
C GLU D 334 51.67 0.96 -18.87
N THR D 335 51.49 1.44 -17.64
CA THR D 335 50.88 2.72 -17.39
C THR D 335 51.79 3.94 -17.65
N ILE D 336 53.07 3.74 -17.92
CA ILE D 336 53.97 4.85 -18.25
C ILE D 336 53.61 5.56 -19.56
N HIS D 337 52.93 4.87 -20.46
CA HIS D 337 52.46 5.48 -21.71
C HIS D 337 51.28 6.43 -21.52
N ASN D 338 50.75 6.51 -20.30
CA ASN D 338 49.82 7.56 -19.89
C ASN D 338 50.50 8.92 -19.58
N MET D 339 51.83 9.01 -19.62
CA MET D 339 52.50 10.30 -19.44
C MET D 339 52.21 11.23 -20.61
N PRO D 340 52.17 12.55 -20.37
CA PRO D 340 51.84 13.50 -21.45
C PRO D 340 52.99 13.80 -22.43
N PHE D 341 54.00 12.93 -22.50
CA PHE D 341 55.11 13.09 -23.45
C PHE D 341 55.66 11.71 -23.80
N ALA D 342 56.53 11.67 -24.80
CA ALA D 342 57.15 10.42 -25.24
C ALA D 342 58.09 9.85 -24.16
N VAL D 343 57.91 8.58 -23.84
CA VAL D 343 58.80 7.87 -22.92
C VAL D 343 59.51 6.73 -23.64
N THR D 344 60.82 6.61 -23.44
CA THR D 344 61.63 5.51 -23.98
C THR D 344 62.36 4.81 -22.83
N PRO D 345 62.77 3.54 -23.04
CA PRO D 345 63.57 2.88 -21.99
C PRO D 345 64.84 3.63 -21.60
N GLU D 346 65.44 4.38 -22.53
CA GLU D 346 66.60 5.23 -22.24
C GLU D 346 66.27 6.36 -21.26
N GLN D 347 65.10 6.98 -21.41
CA GLN D 347 64.76 8.13 -20.58
C GLN D 347 64.21 7.74 -19.20
N VAL D 348 63.69 6.52 -19.05
CA VAL D 348 63.39 5.95 -17.71
C VAL D 348 64.67 5.54 -16.97
N HIS D 349 65.62 4.93 -17.68
CA HIS D 349 66.96 4.61 -17.13
C HIS D 349 67.59 5.90 -16.59
N ALA D 350 67.59 6.93 -17.44
CA ALA D 350 68.08 8.27 -17.10
C ALA D 350 67.46 8.85 -15.84
N ALA D 351 66.14 8.80 -15.76
CA ALA D 351 65.41 9.34 -14.64
C ALA D 351 65.74 8.62 -13.34
N ILE D 352 65.77 7.29 -13.38
CA ILE D 352 66.09 6.47 -12.19
C ILE D 352 67.48 6.78 -11.65
N LEU D 353 68.49 6.90 -12.53
CA LEU D 353 69.87 7.16 -12.10
C LEU D 353 70.02 8.57 -11.53
N THR D 354 69.37 9.54 -12.17
CA THR D 354 69.43 10.92 -11.70
C THR D 354 68.68 11.08 -10.37
N ALA D 355 67.52 10.44 -10.26
CA ALA D 355 66.76 10.42 -9.01
C ALA D 355 67.59 9.87 -7.85
N ASP D 356 68.28 8.75 -8.10
CA ASP D 356 69.22 8.16 -7.13
C ASP D 356 70.27 9.17 -6.66
N LEU D 357 70.91 9.83 -7.62
CA LEU D 357 71.89 10.88 -7.30
C LEU D 357 71.27 12.08 -6.57
N LEU D 358 70.01 12.42 -6.87
CA LEU D 358 69.30 13.46 -6.08
C LEU D 358 69.08 13.04 -4.64
N GLY D 359 68.71 11.78 -4.44
CA GLY D 359 68.52 11.22 -3.10
C GLY D 359 69.79 11.04 -2.29
N GLN D 360 70.90 10.68 -2.94
CA GLN D 360 72.20 10.60 -2.27
C GLN D 360 72.62 11.96 -1.72
N GLN D 361 72.66 12.96 -2.60
CA GLN D 361 73.00 14.33 -2.22
C GLN D 361 72.12 14.85 -1.06
N TRP D 362 70.83 14.56 -1.14
CA TRP D 362 69.86 14.96 -0.12
C TRP D 362 70.13 14.34 1.25
N LEU D 363 70.40 13.04 1.28
CA LEU D 363 70.73 12.35 2.51
C LEU D 363 72.09 12.75 3.12
N ALA D 364 72.99 13.30 2.30
CA ALA D 364 74.35 13.66 2.72
C ALA D 364 74.59 15.15 2.98
N ARG D 365 73.54 15.95 3.00
CA ARG D 365 73.67 17.42 2.99
C ARG D 365 73.90 18.01 4.39
#